data_3DEQ
#
_entry.id   3DEQ
#
_cell.length_a   191.581
_cell.length_b   191.581
_cell.length_c   283.234
_cell.angle_alpha   90.00
_cell.angle_beta   90.00
_cell.angle_gamma   120.00
#
_symmetry.space_group_name_H-M   'P 61 2 2'
#
loop_
_entity.id
_entity.type
_entity.pdbx_description
1 polymer 'Muconate cycloisomerase'
2 non-polymer 'MAGNESIUM ION'
3 non-polymer ALANINE
4 non-polymer LEUCINE
5 water water
#
_entity_poly.entity_id   1
_entity_poly.type   'polypeptide(L)'
_entity_poly.pdbx_seq_one_letter_code
;MSRIVNVKLSLKRYEYEKPFHITGSVSSESRNVEVEIVLESGVKGYGEASPSFRVNGERVEALLAIENAVREMITGIDVR
NYARIFEITDRLFGFPSLKAAVQFATLDALSQELGTQVCYLLGGKRDEIETDKTVGIDTVENRVKEAKKIFEEGFRVIKI
KVGENLKEDIEAVEEIAKVTRGAKYIVDANMGYTQKEAVEFARAVYQKGIDIAVYEQPVRREDIEGLKFVRFHSPFPVAA
DESARTKFDVMRLVKEEAVDYVNIKLMKSGISDALAIVEIAESSGLKLMIGCMGESSLGINQSVHFALGTGAFEFHDLDS
HLMLKEEVFRGKFIQDGPRMRVKDQ
;
_entity_poly.pdbx_strand_id   A,B,C,D
#
loop_
_chem_comp.id
_chem_comp.type
_chem_comp.name
_chem_comp.formula
MG non-polymer 'MAGNESIUM ION' 'Mg 2'
#
# COMPACT_ATOMS: atom_id res chain seq x y z
N ARG A 3 4.56 5.55 -31.50
CA ARG A 3 5.29 6.61 -30.76
C ARG A 3 4.61 7.95 -30.91
N ILE A 4 4.74 8.77 -29.88
CA ILE A 4 4.16 10.10 -29.86
C ILE A 4 5.00 11.05 -30.70
N VAL A 5 4.39 11.70 -31.68
CA VAL A 5 5.11 12.63 -32.54
C VAL A 5 4.83 14.08 -32.15
N ASN A 6 3.79 14.30 -31.35
CA ASN A 6 3.47 15.65 -30.92
C ASN A 6 2.42 15.70 -29.80
N VAL A 7 2.39 16.83 -29.09
CA VAL A 7 1.46 17.06 -27.99
C VAL A 7 0.99 18.51 -28.07
N LYS A 8 -0.32 18.72 -27.91
CA LYS A 8 -0.87 20.07 -27.95
C LYS A 8 -1.76 20.36 -26.73
N LEU A 9 -1.55 21.53 -26.13
CA LEU A 9 -2.33 21.98 -24.99
C LEU A 9 -3.22 23.13 -25.46
N SER A 10 -4.47 23.14 -25.01
CA SER A 10 -5.39 24.20 -25.41
C SER A 10 -6.35 24.59 -24.29
N LEU A 11 -6.50 25.89 -24.07
CA LEU A 11 -7.40 26.38 -23.05
C LEU A 11 -8.85 26.23 -23.53
N LYS A 12 -9.74 25.81 -22.64
CA LYS A 12 -11.15 25.66 -22.99
C LYS A 12 -11.99 26.03 -21.79
N ARG A 13 -12.94 26.95 -22.00
CA ARG A 13 -13.79 27.43 -20.93
C ARG A 13 -15.21 26.92 -20.99
N TYR A 14 -15.77 26.64 -19.83
CA TYR A 14 -17.14 26.15 -19.70
C TYR A 14 -17.78 26.96 -18.58
N GLU A 15 -18.94 27.55 -18.87
CA GLU A 15 -19.64 28.35 -17.87
C GLU A 15 -20.66 27.48 -17.13
N TYR A 16 -20.83 27.74 -15.84
CA TYR A 16 -21.77 26.98 -15.03
C TYR A 16 -23.16 27.60 -15.19
N GLU A 17 -24.20 26.80 -14.95
CA GLU A 17 -25.56 27.31 -15.03
C GLU A 17 -25.77 28.32 -13.90
N LYS A 18 -25.09 28.08 -12.79
CA LYS A 18 -25.16 28.94 -11.61
C LYS A 18 -23.85 28.85 -10.83
N PRO A 19 -23.48 29.93 -10.10
CA PRO A 19 -22.24 29.92 -9.32
C PRO A 19 -22.21 28.71 -8.40
N PHE A 20 -21.06 28.05 -8.31
CA PHE A 20 -20.90 26.89 -7.44
C PHE A 20 -20.16 27.34 -6.19
N HIS A 21 -20.85 27.29 -5.06
CA HIS A 21 -20.27 27.73 -3.79
C HIS A 21 -19.91 26.60 -2.83
N ILE A 22 -18.62 26.51 -2.47
CA ILE A 22 -18.13 25.54 -1.50
C ILE A 22 -17.33 26.31 -0.46
N THR A 23 -16.97 25.65 0.64
CA THR A 23 -16.21 26.31 1.69
C THR A 23 -15.03 27.10 1.15
N GLY A 24 -15.05 28.41 1.38
CA GLY A 24 -13.99 29.29 0.94
C GLY A 24 -13.74 29.36 -0.56
N SER A 25 -14.79 29.23 -1.36
CA SER A 25 -14.64 29.29 -2.81
C SER A 25 -15.95 29.33 -3.59
N VAL A 26 -15.99 30.20 -4.60
CA VAL A 26 -17.14 30.35 -5.47
C VAL A 26 -16.64 30.41 -6.91
N SER A 27 -17.18 29.56 -7.78
CA SER A 27 -16.79 29.53 -9.18
C SER A 27 -18.02 29.71 -10.07
N SER A 28 -17.83 30.39 -11.19
CA SER A 28 -18.92 30.62 -12.13
C SER A 28 -18.53 30.03 -13.47
N GLU A 29 -17.28 29.59 -13.56
CA GLU A 29 -16.77 29.04 -14.80
C GLU A 29 -15.65 28.04 -14.54
N SER A 30 -15.41 27.19 -15.52
CA SER A 30 -14.37 26.19 -15.42
C SER A 30 -13.41 26.41 -16.59
N ARG A 31 -12.15 26.70 -16.26
CA ARG A 31 -11.13 26.95 -17.27
C ARG A 31 -10.22 25.74 -17.28
N ASN A 32 -10.37 24.89 -18.29
CA ASN A 32 -9.57 23.68 -18.38
C ASN A 32 -8.57 23.71 -19.52
N VAL A 33 -7.64 22.76 -19.48
CA VAL A 33 -6.63 22.64 -20.52
C VAL A 33 -6.80 21.29 -21.18
N GLU A 34 -7.18 21.31 -22.46
CA GLU A 34 -7.35 20.07 -23.20
C GLU A 34 -5.98 19.61 -23.71
N VAL A 35 -5.72 18.31 -23.57
CA VAL A 35 -4.46 17.74 -24.02
C VAL A 35 -4.72 16.80 -25.18
N GLU A 36 -3.93 16.96 -26.24
CA GLU A 36 -4.07 16.08 -27.40
C GLU A 36 -2.71 15.46 -27.71
N ILE A 37 -2.69 14.15 -27.84
CA ILE A 37 -1.47 13.45 -28.15
C ILE A 37 -1.62 12.87 -29.56
N VAL A 38 -0.58 13.01 -30.37
CA VAL A 38 -0.61 12.51 -31.75
C VAL A 38 0.46 11.47 -31.94
N LEU A 39 0.05 10.30 -32.45
CA LEU A 39 0.93 9.18 -32.70
C LEU A 39 1.32 9.11 -34.17
N GLU A 40 2.49 8.56 -34.46
CA GLU A 40 2.94 8.47 -35.84
C GLU A 40 1.92 7.74 -36.71
N SER A 41 1.18 6.82 -36.09
CA SER A 41 0.16 6.06 -36.81
C SER A 41 -1.02 6.95 -37.20
N GLY A 42 -1.08 8.15 -36.63
CA GLY A 42 -2.18 9.04 -36.94
C GLY A 42 -3.22 9.06 -35.82
N VAL A 43 -3.11 8.09 -34.91
CA VAL A 43 -4.04 8.02 -33.79
C VAL A 43 -3.84 9.23 -32.88
N LYS A 44 -4.95 9.75 -32.36
CA LYS A 44 -4.88 10.90 -31.48
C LYS A 44 -5.58 10.56 -30.15
N GLY A 45 -4.88 10.79 -29.05
CA GLY A 45 -5.45 10.54 -27.74
C GLY A 45 -5.77 11.86 -27.08
N TYR A 46 -6.88 11.92 -26.35
CA TYR A 46 -7.29 13.16 -25.69
C TYR A 46 -7.45 13.04 -24.17
N GLY A 47 -7.13 14.13 -23.49
CA GLY A 47 -7.25 14.20 -22.04
C GLY A 47 -7.65 15.62 -21.67
N GLU A 48 -8.07 15.83 -20.43
CA GLU A 48 -8.44 17.17 -19.99
C GLU A 48 -7.93 17.42 -18.58
N ALA A 49 -7.31 18.58 -18.41
CA ALA A 49 -6.79 18.98 -17.12
C ALA A 49 -7.69 20.08 -16.57
N SER A 50 -8.20 19.87 -15.37
CA SER A 50 -9.04 20.85 -14.70
C SER A 50 -8.25 21.15 -13.44
N PRO A 51 -7.36 22.16 -13.50
CA PRO A 51 -6.52 22.55 -12.37
C PRO A 51 -7.26 23.16 -11.19
N SER A 52 -6.62 23.08 -10.03
CA SER A 52 -7.18 23.63 -8.80
C SER A 52 -6.10 24.42 -8.08
N PHE A 53 -6.32 25.70 -7.89
CA PHE A 53 -5.35 26.54 -7.18
C PHE A 53 -5.42 26.22 -5.69
N ARG A 54 -6.64 26.12 -5.18
CA ARG A 54 -6.89 25.84 -3.76
C ARG A 54 -6.37 24.48 -3.31
N VAL A 55 -6.61 23.45 -4.12
CA VAL A 55 -6.20 22.10 -3.77
C VAL A 55 -4.80 21.72 -4.23
N ASN A 56 -4.48 22.00 -5.49
CA ASN A 56 -3.17 21.64 -6.03
C ASN A 56 -2.17 22.79 -6.16
N GLY A 57 -2.60 24.02 -5.89
CA GLY A 57 -1.72 25.16 -6.01
C GLY A 57 -1.46 25.53 -7.46
N GLU A 58 -2.23 24.93 -8.37
CA GLU A 58 -2.10 25.16 -9.81
C GLU A 58 -2.85 26.39 -10.31
N ARG A 59 -2.38 26.92 -11.43
CA ARG A 59 -3.03 28.07 -12.09
C ARG A 59 -3.04 27.73 -13.58
N VAL A 60 -4.21 27.88 -14.20
CA VAL A 60 -4.36 27.57 -15.62
C VAL A 60 -3.29 28.19 -16.54
N GLU A 61 -2.87 29.42 -16.26
CA GLU A 61 -1.84 30.09 -17.08
C GLU A 61 -0.51 29.35 -16.97
N ALA A 62 -0.19 28.89 -15.77
CA ALA A 62 1.06 28.18 -15.59
C ALA A 62 1.07 26.87 -16.38
N LEU A 63 -0.07 26.18 -16.41
CA LEU A 63 -0.16 24.91 -17.14
C LEU A 63 0.13 25.16 -18.62
N LEU A 64 -0.58 26.11 -19.21
CA LEU A 64 -0.39 26.42 -20.62
C LEU A 64 1.05 26.83 -20.93
N ALA A 65 1.70 27.47 -19.96
CA ALA A 65 3.07 27.93 -20.13
C ALA A 65 4.14 26.84 -20.30
N ILE A 66 3.86 25.60 -19.90
CA ILE A 66 4.87 24.55 -20.05
C ILE A 66 4.56 23.55 -21.15
N GLU A 67 3.72 23.94 -22.11
CA GLU A 67 3.38 23.06 -23.22
C GLU A 67 4.63 22.50 -23.93
N ASN A 68 5.58 23.36 -24.26
CA ASN A 68 6.79 22.89 -24.94
C ASN A 68 7.56 21.90 -24.09
N ALA A 69 7.65 22.16 -22.79
CA ALA A 69 8.36 21.26 -21.90
C ALA A 69 7.72 19.88 -21.90
N VAL A 70 6.40 19.84 -21.84
CA VAL A 70 5.68 18.56 -21.84
C VAL A 70 5.92 17.84 -23.16
N ARG A 71 5.83 18.59 -24.26
CA ARG A 71 6.06 18.01 -25.58
C ARG A 71 7.43 17.35 -25.64
N GLU A 72 8.45 18.03 -25.14
CA GLU A 72 9.80 17.48 -25.14
C GLU A 72 9.94 16.25 -24.24
N MET A 73 9.16 16.23 -23.15
CA MET A 73 9.22 15.11 -22.21
C MET A 73 8.73 13.77 -22.75
N ILE A 74 7.62 13.77 -23.49
CA ILE A 74 7.05 12.52 -23.96
C ILE A 74 7.14 12.14 -25.44
N THR A 75 7.32 13.10 -26.34
CA THR A 75 7.42 12.73 -27.76
C THR A 75 8.57 11.74 -27.95
N GLY A 76 8.39 10.82 -28.90
CA GLY A 76 9.42 9.83 -29.14
C GLY A 76 9.22 8.55 -28.35
N ILE A 77 8.23 8.53 -27.45
CA ILE A 77 7.99 7.33 -26.66
C ILE A 77 6.79 6.56 -27.21
N ASP A 78 6.90 5.24 -27.28
CA ASP A 78 5.80 4.43 -27.77
C ASP A 78 4.76 4.27 -26.65
N VAL A 79 3.49 4.50 -26.96
CA VAL A 79 2.47 4.39 -25.92
C VAL A 79 2.33 2.99 -25.35
N ARG A 80 2.95 1.99 -25.99
CA ARG A 80 2.85 0.65 -25.44
C ARG A 80 3.81 0.53 -24.27
N ASN A 81 4.71 1.50 -24.15
CA ASN A 81 5.65 1.54 -23.04
C ASN A 81 5.11 2.64 -22.13
N TYR A 82 3.79 2.66 -21.94
CA TYR A 82 3.14 3.70 -21.14
C TYR A 82 3.69 3.89 -19.73
N ALA A 83 4.28 2.84 -19.16
CA ALA A 83 4.84 2.96 -17.81
C ALA A 83 5.96 4.00 -17.80
N ARG A 84 6.68 4.09 -18.91
CA ARG A 84 7.77 5.06 -19.02
C ARG A 84 7.17 6.45 -19.06
N ILE A 85 6.06 6.60 -19.77
CA ILE A 85 5.39 7.89 -19.86
C ILE A 85 4.89 8.28 -18.47
N PHE A 86 4.34 7.30 -17.74
CA PHE A 86 3.84 7.54 -16.39
C PHE A 86 4.97 8.04 -15.49
N GLU A 87 6.09 7.33 -15.50
CA GLU A 87 7.22 7.72 -14.66
C GLU A 87 7.74 9.12 -14.99
N ILE A 88 7.76 9.46 -16.27
CA ILE A 88 8.24 10.77 -16.69
C ILE A 88 7.27 11.86 -16.24
N THR A 89 5.99 11.65 -16.50
CA THR A 89 4.99 12.63 -16.13
C THR A 89 4.79 12.74 -14.62
N ASP A 90 5.32 11.78 -13.86
CA ASP A 90 5.22 11.84 -12.41
C ASP A 90 6.06 13.03 -11.91
N ARG A 91 6.98 13.51 -12.75
CA ARG A 91 7.83 14.65 -12.39
C ARG A 91 7.03 15.93 -12.41
N LEU A 92 5.85 15.88 -12.99
CA LEU A 92 4.97 17.05 -13.05
C LEU A 92 4.08 17.08 -11.81
N PHE A 93 4.63 16.74 -10.65
CA PHE A 93 3.82 16.73 -9.42
C PHE A 93 3.31 18.13 -9.06
N GLY A 94 3.90 19.15 -9.67
CA GLY A 94 3.46 20.51 -9.43
C GLY A 94 2.37 20.90 -10.39
N PHE A 95 2.07 20.00 -11.33
CA PHE A 95 1.02 20.22 -12.34
C PHE A 95 0.21 18.91 -12.42
N PRO A 96 -0.29 18.42 -11.27
CA PRO A 96 -1.07 17.19 -11.22
C PRO A 96 -2.21 17.03 -12.22
N SER A 97 -2.97 18.10 -12.47
CA SER A 97 -4.07 17.97 -13.41
C SER A 97 -3.56 17.70 -14.83
N LEU A 98 -2.39 18.25 -15.14
CA LEU A 98 -1.78 18.06 -16.45
C LEU A 98 -1.22 16.63 -16.53
N LYS A 99 -0.64 16.18 -15.43
CA LYS A 99 -0.09 14.83 -15.36
C LYS A 99 -1.21 13.86 -15.67
N ALA A 100 -2.38 14.12 -15.11
CA ALA A 100 -3.53 13.25 -15.33
C ALA A 100 -3.97 13.27 -16.79
N ALA A 101 -4.14 14.46 -17.35
CA ALA A 101 -4.58 14.58 -18.74
C ALA A 101 -3.64 13.84 -19.70
N VAL A 102 -2.34 14.01 -19.51
CA VAL A 102 -1.36 13.35 -20.38
C VAL A 102 -1.36 11.83 -20.21
N GLN A 103 -1.38 11.37 -18.97
CA GLN A 103 -1.38 9.93 -18.74
C GLN A 103 -2.64 9.30 -19.31
N PHE A 104 -3.78 9.97 -19.20
CA PHE A 104 -4.97 9.37 -19.77
C PHE A 104 -4.94 9.42 -21.28
N ALA A 105 -4.50 10.55 -21.83
CA ALA A 105 -4.43 10.69 -23.29
C ALA A 105 -3.61 9.52 -23.82
N THR A 106 -2.59 9.14 -23.06
CA THR A 106 -1.73 8.03 -23.44
C THR A 106 -2.53 6.73 -23.53
N LEU A 107 -3.31 6.43 -22.48
CA LEU A 107 -4.11 5.22 -22.49
C LEU A 107 -5.19 5.31 -23.57
N ASP A 108 -5.70 6.51 -23.79
CA ASP A 108 -6.72 6.70 -24.81
C ASP A 108 -6.16 6.34 -26.19
N ALA A 109 -4.92 6.74 -26.45
CA ALA A 109 -4.29 6.44 -27.74
C ALA A 109 -3.93 4.97 -27.84
N LEU A 110 -3.36 4.43 -26.76
CA LEU A 110 -2.98 3.03 -26.74
C LEU A 110 -4.18 2.11 -26.95
N SER A 111 -5.28 2.37 -26.24
CA SER A 111 -6.45 1.52 -26.38
C SER A 111 -6.98 1.53 -27.80
N GLN A 112 -6.94 2.68 -28.47
CA GLN A 112 -7.41 2.76 -29.85
C GLN A 112 -6.52 1.88 -30.72
N GLU A 113 -5.21 1.96 -30.48
CA GLU A 113 -4.29 1.15 -31.26
C GLU A 113 -4.50 -0.34 -31.02
N LEU A 114 -4.88 -0.71 -29.81
CA LEU A 114 -5.10 -2.11 -29.47
C LEU A 114 -6.49 -2.59 -29.85
N GLY A 115 -7.37 -1.66 -30.23
CA GLY A 115 -8.71 -2.02 -30.63
C GLY A 115 -9.69 -2.24 -29.48
N THR A 116 -9.47 -1.54 -28.37
CA THR A 116 -10.35 -1.66 -27.22
C THR A 116 -10.53 -0.29 -26.56
N GLN A 117 -11.12 -0.26 -25.37
CA GLN A 117 -11.35 1.00 -24.64
C GLN A 117 -10.50 1.03 -23.37
N VAL A 118 -10.33 2.22 -22.81
CA VAL A 118 -9.51 2.38 -21.60
C VAL A 118 -10.02 1.54 -20.43
N CYS A 119 -11.34 1.49 -20.24
CA CYS A 119 -11.90 0.70 -19.14
C CYS A 119 -11.47 -0.76 -19.21
N TYR A 120 -11.47 -1.35 -20.41
CA TYR A 120 -11.05 -2.74 -20.55
C TYR A 120 -9.56 -2.90 -20.30
N LEU A 121 -8.80 -1.89 -20.68
CA LEU A 121 -7.36 -1.94 -20.47
C LEU A 121 -7.11 -2.00 -18.96
N LEU A 122 -7.96 -1.34 -18.19
CA LEU A 122 -7.81 -1.31 -16.73
C LEU A 122 -8.50 -2.46 -15.99
N GLY A 123 -9.05 -3.43 -16.72
CA GLY A 123 -9.69 -4.54 -16.05
C GLY A 123 -11.10 -4.89 -16.47
N GLY A 124 -11.85 -3.91 -16.98
CA GLY A 124 -13.21 -4.16 -17.41
C GLY A 124 -14.06 -4.75 -16.30
N LYS A 125 -13.79 -4.33 -15.07
CA LYS A 125 -14.50 -4.83 -13.90
C LYS A 125 -16.01 -4.63 -13.96
N ARG A 126 -16.46 -3.40 -14.27
CA ARG A 126 -17.89 -3.10 -14.32
C ARG A 126 -18.39 -2.54 -15.65
N ASP A 127 -19.68 -2.69 -15.91
CA ASP A 127 -20.27 -2.19 -17.14
C ASP A 127 -21.07 -0.93 -16.86
N GLU A 128 -21.38 -0.68 -15.59
CA GLU A 128 -22.15 0.50 -15.22
C GLU A 128 -21.79 1.02 -13.85
N ILE A 129 -21.87 2.34 -13.69
CA ILE A 129 -21.63 2.98 -12.41
C ILE A 129 -22.68 4.07 -12.27
N GLU A 130 -22.85 4.56 -11.05
CA GLU A 130 -23.82 5.60 -10.81
C GLU A 130 -23.15 6.77 -10.08
N THR A 131 -23.44 7.98 -10.52
CA THR A 131 -22.88 9.16 -9.89
C THR A 131 -23.92 9.88 -9.06
N ASP A 132 -23.45 10.64 -8.07
CA ASP A 132 -24.35 11.43 -7.26
C ASP A 132 -24.43 12.78 -7.98
N LYS A 133 -25.06 13.75 -7.34
CA LYS A 133 -25.14 15.09 -7.89
C LYS A 133 -25.04 15.98 -6.66
N THR A 134 -24.29 17.09 -6.80
CA THR A 134 -24.04 17.98 -5.69
C THR A 134 -24.96 19.17 -5.48
N VAL A 135 -25.19 19.48 -4.20
CA VAL A 135 -25.99 20.61 -3.77
C VAL A 135 -24.98 21.59 -3.18
N GLY A 136 -24.75 22.71 -3.86
CA GLY A 136 -23.80 23.68 -3.37
C GLY A 136 -24.33 24.46 -2.18
N ILE A 137 -23.44 25.24 -1.54
CA ILE A 137 -23.83 26.03 -0.39
C ILE A 137 -24.76 27.18 -0.84
N ASP A 138 -25.85 27.36 -0.11
CA ASP A 138 -26.82 28.39 -0.42
C ASP A 138 -27.75 28.46 0.78
N THR A 139 -28.78 29.28 0.71
CA THR A 139 -29.73 29.37 1.81
C THR A 139 -30.35 27.99 1.97
N VAL A 140 -30.81 27.68 3.18
CA VAL A 140 -31.43 26.39 3.41
C VAL A 140 -32.55 26.18 2.40
N GLU A 141 -33.26 27.27 2.11
CA GLU A 141 -34.38 27.23 1.18
C GLU A 141 -33.94 26.82 -0.22
N ASN A 142 -32.88 27.42 -0.72
CA ASN A 142 -32.40 27.08 -2.06
C ASN A 142 -31.77 25.68 -2.11
N ARG A 143 -31.11 25.28 -1.03
CA ARG A 143 -30.50 23.96 -0.96
C ARG A 143 -31.59 22.90 -1.07
N VAL A 144 -32.66 23.06 -0.29
CA VAL A 144 -33.78 22.13 -0.30
C VAL A 144 -34.40 22.05 -1.69
N LYS A 145 -34.57 23.21 -2.31
CA LYS A 145 -35.14 23.27 -3.64
C LYS A 145 -34.28 22.48 -4.63
N GLU A 146 -32.97 22.71 -4.61
CA GLU A 146 -32.06 22.01 -5.52
C GLU A 146 -32.00 20.51 -5.19
N ALA A 147 -32.09 20.17 -3.92
CA ALA A 147 -32.06 18.77 -3.52
C ALA A 147 -33.28 18.03 -4.09
N LYS A 148 -34.46 18.63 -3.95
CA LYS A 148 -35.68 18.02 -4.46
C LYS A 148 -35.58 17.83 -5.96
N LYS A 149 -35.03 18.84 -6.65
CA LYS A 149 -34.88 18.76 -8.09
C LYS A 149 -33.94 17.61 -8.47
N ILE A 150 -32.83 17.51 -7.76
CA ILE A 150 -31.86 16.44 -8.03
C ILE A 150 -32.53 15.09 -7.81
N PHE A 151 -33.34 15.00 -6.75
CA PHE A 151 -34.04 13.77 -6.43
C PHE A 151 -35.03 13.37 -7.54
N GLU A 152 -35.75 14.35 -8.07
CA GLU A 152 -36.73 14.08 -9.13
C GLU A 152 -36.07 13.64 -10.42
N GLU A 153 -34.80 14.02 -10.60
CA GLU A 153 -34.07 13.64 -11.80
C GLU A 153 -33.58 12.20 -11.70
N GLY A 154 -33.89 11.53 -10.60
CA GLY A 154 -33.50 10.13 -10.43
C GLY A 154 -32.24 9.86 -9.62
N PHE A 155 -31.55 10.90 -9.18
CA PHE A 155 -30.34 10.69 -8.39
C PHE A 155 -30.70 10.17 -7.01
N ARG A 156 -30.02 9.11 -6.58
CA ARG A 156 -30.27 8.51 -5.27
C ARG A 156 -29.12 8.66 -4.28
N VAL A 157 -28.09 9.38 -4.70
CA VAL A 157 -26.97 9.68 -3.82
C VAL A 157 -26.82 11.19 -4.02
N ILE A 158 -27.08 11.94 -2.96
CA ILE A 158 -27.00 13.38 -3.01
C ILE A 158 -25.84 13.91 -2.17
N LYS A 159 -24.94 14.66 -2.80
CA LYS A 159 -23.79 15.22 -2.10
C LYS A 159 -24.13 16.62 -1.64
N ILE A 160 -23.93 16.88 -0.35
CA ILE A 160 -24.27 18.17 0.25
C ILE A 160 -23.06 18.93 0.78
N LYS A 161 -22.83 20.13 0.24
CA LYS A 161 -21.71 20.95 0.69
C LYS A 161 -22.05 21.70 1.98
N VAL A 162 -21.09 21.73 2.91
CA VAL A 162 -21.24 22.41 4.19
C VAL A 162 -19.88 22.96 4.59
N GLY A 163 -19.79 23.54 5.78
CA GLY A 163 -18.51 24.03 6.24
C GLY A 163 -18.38 25.48 6.69
N GLU A 164 -19.28 26.33 6.24
CA GLU A 164 -19.20 27.74 6.63
C GLU A 164 -20.11 28.18 7.76
N ASN A 165 -21.11 27.38 8.09
CA ASN A 165 -22.04 27.74 9.16
C ASN A 165 -22.63 26.46 9.76
N LEU A 166 -21.98 25.94 10.79
CA LEU A 166 -22.40 24.70 11.46
C LEU A 166 -23.89 24.57 11.75
N LYS A 167 -24.47 25.57 12.42
CA LYS A 167 -25.89 25.51 12.74
C LYS A 167 -26.74 25.42 11.50
N GLU A 168 -26.47 26.28 10.51
CA GLU A 168 -27.25 26.25 9.29
C GLU A 168 -26.97 24.97 8.50
N ASP A 169 -25.72 24.51 8.53
CA ASP A 169 -25.37 23.28 7.83
C ASP A 169 -26.20 22.12 8.36
N ILE A 170 -26.32 22.04 9.68
CA ILE A 170 -27.10 20.97 10.28
C ILE A 170 -28.55 21.06 9.82
N GLU A 171 -29.12 22.25 9.92
CA GLU A 171 -30.50 22.49 9.50
C GLU A 171 -30.67 22.11 8.02
N ALA A 172 -29.72 22.54 7.19
CA ALA A 172 -29.78 22.24 5.76
C ALA A 172 -29.85 20.74 5.47
N VAL A 173 -29.01 19.96 6.16
CA VAL A 173 -29.01 18.51 5.95
C VAL A 173 -30.29 17.89 6.46
N GLU A 174 -30.74 18.33 7.61
CA GLU A 174 -31.97 17.79 8.19
C GLU A 174 -33.15 18.08 7.26
N GLU A 175 -33.23 19.29 6.73
CA GLU A 175 -34.32 19.64 5.82
C GLU A 175 -34.24 18.89 4.49
N ILE A 176 -33.02 18.71 3.97
CA ILE A 176 -32.86 17.98 2.71
C ILE A 176 -33.28 16.52 2.86
N ALA A 177 -32.94 15.91 3.99
CA ALA A 177 -33.28 14.53 4.27
C ALA A 177 -34.79 14.29 4.28
N LYS A 178 -35.54 15.24 4.85
CA LYS A 178 -36.98 15.11 4.92
C LYS A 178 -37.66 15.02 3.56
N VAL A 179 -37.15 15.75 2.58
CA VAL A 179 -37.75 15.74 1.25
C VAL A 179 -37.09 14.84 0.22
N THR A 180 -36.18 13.97 0.65
CA THR A 180 -35.52 13.07 -0.28
C THR A 180 -35.41 11.65 0.27
N ARG A 181 -36.46 11.23 0.96
CA ARG A 181 -36.52 9.90 1.56
C ARG A 181 -36.19 8.83 0.53
N GLY A 182 -35.19 8.01 0.83
CA GLY A 182 -34.79 6.96 -0.09
C GLY A 182 -33.40 7.20 -0.65
N ALA A 183 -32.91 8.42 -0.49
CA ALA A 183 -31.58 8.78 -0.99
C ALA A 183 -30.52 8.61 0.09
N LYS A 184 -29.28 8.41 -0.36
CA LYS A 184 -28.13 8.31 0.54
C LYS A 184 -27.47 9.67 0.46
N TYR A 185 -26.78 10.07 1.52
CA TYR A 185 -26.15 11.37 1.55
C TYR A 185 -24.65 11.39 1.79
N ILE A 186 -23.98 12.27 1.06
CA ILE A 186 -22.55 12.47 1.22
C ILE A 186 -22.43 13.93 1.64
N VAL A 187 -21.74 14.18 2.74
CA VAL A 187 -21.56 15.53 3.23
C VAL A 187 -20.10 15.94 3.05
N ASP A 188 -19.87 17.06 2.37
CA ASP A 188 -18.51 17.54 2.14
C ASP A 188 -18.27 18.90 2.76
N ALA A 189 -17.41 18.95 3.78
CA ALA A 189 -17.13 20.21 4.47
C ALA A 189 -15.98 21.01 3.86
N ASN A 190 -15.23 20.40 2.93
CA ASN A 190 -14.11 21.08 2.31
C ASN A 190 -13.26 21.82 3.34
N MET A 191 -12.81 21.09 4.36
CA MET A 191 -11.94 21.61 5.41
C MET A 191 -12.48 22.75 6.27
N GLY A 192 -13.79 22.96 6.28
CA GLY A 192 -14.31 24.09 7.05
C GLY A 192 -14.50 23.99 8.56
N TYR A 193 -14.49 22.79 9.13
CA TYR A 193 -14.71 22.67 10.56
C TYR A 193 -13.46 22.36 11.37
N THR A 194 -13.51 22.69 12.65
CA THR A 194 -12.45 22.35 13.58
C THR A 194 -12.78 20.88 13.89
N GLN A 195 -11.87 20.16 14.53
CA GLN A 195 -12.14 18.76 14.86
C GLN A 195 -13.44 18.60 15.64
N LYS A 196 -13.59 19.42 16.68
CA LYS A 196 -14.77 19.38 17.53
C LYS A 196 -16.09 19.76 16.85
N GLU A 197 -16.05 20.75 15.97
CA GLU A 197 -17.26 21.14 15.27
C GLU A 197 -17.64 20.02 14.32
N ALA A 198 -16.62 19.39 13.71
CA ALA A 198 -16.87 18.31 12.79
C ALA A 198 -17.60 17.18 13.52
N VAL A 199 -17.16 16.89 14.74
CA VAL A 199 -17.78 15.85 15.53
C VAL A 199 -19.21 16.22 15.90
N GLU A 200 -19.42 17.46 16.34
CA GLU A 200 -20.74 17.92 16.73
C GLU A 200 -21.70 17.90 15.55
N PHE A 201 -21.20 18.24 14.36
CA PHE A 201 -22.05 18.21 13.18
C PHE A 201 -22.59 16.81 12.94
N ALA A 202 -21.70 15.83 12.98
CA ALA A 202 -22.09 14.45 12.74
C ALA A 202 -23.04 13.90 13.81
N ARG A 203 -22.73 14.18 15.08
CA ARG A 203 -23.59 13.71 16.16
C ARG A 203 -25.00 14.29 16.05
N ALA A 204 -25.11 15.58 15.75
CA ALA A 204 -26.41 16.21 15.63
C ALA A 204 -27.24 15.57 14.51
N VAL A 205 -26.62 15.34 13.36
CA VAL A 205 -27.31 14.74 12.23
C VAL A 205 -27.71 13.31 12.58
N TYR A 206 -26.82 12.62 13.28
CA TYR A 206 -27.06 11.24 13.69
C TYR A 206 -28.21 11.19 14.70
N GLN A 207 -28.26 12.14 15.62
CA GLN A 207 -29.33 12.16 16.62
C GLN A 207 -30.71 12.36 16.00
N LYS A 208 -30.76 12.92 14.79
CA LYS A 208 -32.05 13.12 14.14
C LYS A 208 -32.42 11.90 13.30
N GLY A 209 -31.64 10.82 13.44
CA GLY A 209 -31.93 9.60 12.70
C GLY A 209 -31.50 9.61 11.26
N ILE A 210 -30.67 10.59 10.88
CA ILE A 210 -30.20 10.67 9.50
C ILE A 210 -28.85 9.97 9.40
N ASP A 211 -28.64 9.25 8.31
CA ASP A 211 -27.40 8.53 8.09
C ASP A 211 -26.59 9.17 6.95
N ILE A 212 -25.30 9.35 7.17
CA ILE A 212 -24.44 9.95 6.16
C ILE A 212 -23.48 8.88 5.63
N ALA A 213 -23.56 8.62 4.32
CA ALA A 213 -22.73 7.62 3.68
C ALA A 213 -21.25 7.92 3.75
N VAL A 214 -20.87 9.16 3.45
CA VAL A 214 -19.47 9.57 3.50
C VAL A 214 -19.40 11.00 4.01
N TYR A 215 -18.54 11.21 5.00
CA TYR A 215 -18.35 12.53 5.60
C TYR A 215 -16.97 12.98 5.12
N GLU A 216 -16.96 13.78 4.06
CA GLU A 216 -15.73 14.26 3.41
C GLU A 216 -14.94 15.40 4.05
N GLN A 217 -13.63 15.18 4.14
CA GLN A 217 -12.65 16.15 4.64
C GLN A 217 -13.22 17.21 5.57
N PRO A 218 -13.60 16.81 6.79
CA PRO A 218 -14.16 17.80 7.72
C PRO A 218 -13.15 18.85 8.18
N VAL A 219 -11.87 18.47 8.29
CA VAL A 219 -10.86 19.40 8.78
C VAL A 219 -9.78 19.83 7.78
N ARG A 220 -8.92 20.74 8.22
CA ARG A 220 -7.84 21.26 7.37
C ARG A 220 -6.96 20.14 6.83
N ARG A 221 -6.42 20.32 5.64
CA ARG A 221 -5.61 19.29 4.99
C ARG A 221 -4.39 18.73 5.71
N GLU A 222 -3.70 19.54 6.51
CA GLU A 222 -2.52 19.05 7.21
C GLU A 222 -2.88 18.36 8.52
N ASP A 223 -4.13 18.50 8.93
CA ASP A 223 -4.58 17.92 10.18
C ASP A 223 -4.94 16.44 10.09
N ILE A 224 -3.93 15.60 9.88
CA ILE A 224 -4.15 14.15 9.79
C ILE A 224 -4.76 13.62 11.10
N GLU A 225 -4.20 14.04 12.23
CA GLU A 225 -4.69 13.62 13.54
C GLU A 225 -6.14 14.07 13.73
N GLY A 226 -6.48 15.20 13.10
CA GLY A 226 -7.83 15.73 13.21
C GLY A 226 -8.80 14.82 12.49
N LEU A 227 -8.38 14.34 11.32
CA LEU A 227 -9.21 13.44 10.54
C LEU A 227 -9.46 12.19 11.37
N LYS A 228 -8.39 11.67 11.97
CA LYS A 228 -8.50 10.47 12.79
C LYS A 228 -9.42 10.74 13.98
N PHE A 229 -9.29 11.92 14.58
CA PHE A 229 -10.12 12.28 15.73
C PHE A 229 -11.60 12.23 15.36
N VAL A 230 -11.94 12.80 14.21
CA VAL A 230 -13.34 12.79 13.79
C VAL A 230 -13.80 11.36 13.52
N ARG A 231 -12.93 10.57 12.90
CA ARG A 231 -13.26 9.19 12.59
C ARG A 231 -13.55 8.37 13.86
N PHE A 232 -12.70 8.53 14.87
CA PHE A 232 -12.86 7.77 16.11
C PHE A 232 -13.91 8.32 17.07
N HIS A 233 -14.47 9.48 16.77
CA HIS A 233 -15.46 10.09 17.67
C HIS A 233 -16.78 10.48 17.01
N SER A 234 -16.97 10.07 15.76
CA SER A 234 -18.18 10.37 14.99
C SER A 234 -18.70 9.06 14.41
N PRO A 235 -20.03 8.93 14.27
CA PRO A 235 -20.60 7.68 13.73
C PRO A 235 -20.55 7.38 12.24
N PHE A 236 -20.22 8.37 11.41
CA PHE A 236 -20.19 8.16 9.96
C PHE A 236 -18.80 7.96 9.37
N PRO A 237 -18.72 7.27 8.23
CA PRO A 237 -17.42 7.04 7.58
C PRO A 237 -16.79 8.38 7.19
N VAL A 238 -15.54 8.58 7.59
CA VAL A 238 -14.82 9.82 7.29
C VAL A 238 -13.89 9.64 6.09
N ALA A 239 -13.91 10.62 5.20
CA ALA A 239 -13.09 10.58 4.00
C ALA A 239 -12.05 11.68 3.91
N ALA A 240 -10.92 11.36 3.31
CA ALA A 240 -9.88 12.34 3.09
C ALA A 240 -9.99 12.75 1.61
N ASP A 241 -9.92 14.03 1.32
CA ASP A 241 -9.95 14.48 -0.08
C ASP A 241 -8.69 15.32 -0.26
N GLU A 242 -8.72 16.57 0.22
CA GLU A 242 -7.57 17.45 0.11
C GLU A 242 -6.33 16.89 0.80
N SER A 243 -6.52 16.02 1.81
CA SER A 243 -5.39 15.41 2.51
C SER A 243 -4.82 14.22 1.74
N ALA A 244 -5.54 13.74 0.75
CA ALA A 244 -5.10 12.58 -0.03
C ALA A 244 -4.88 12.92 -1.50
N ARG A 245 -3.69 13.41 -1.82
CA ARG A 245 -3.37 13.78 -3.19
C ARG A 245 -2.47 12.74 -3.88
N THR A 246 -1.49 12.23 -3.14
CA THR A 246 -0.57 11.26 -3.71
C THR A 246 -0.64 9.89 -3.05
N LYS A 247 -0.02 8.90 -3.69
CA LYS A 247 0.00 7.56 -3.16
C LYS A 247 0.72 7.55 -1.81
N PHE A 248 1.65 8.49 -1.64
CA PHE A 248 2.40 8.58 -0.38
C PHE A 248 1.50 9.14 0.73
N ASP A 249 0.58 10.04 0.38
CA ASP A 249 -0.32 10.59 1.39
C ASP A 249 -1.19 9.45 1.89
N VAL A 250 -1.67 8.62 0.95
CA VAL A 250 -2.54 7.52 1.30
C VAL A 250 -1.84 6.48 2.17
N MET A 251 -0.60 6.13 1.86
CA MET A 251 0.11 5.16 2.69
C MET A 251 0.17 5.69 4.12
N ARG A 252 0.40 6.99 4.28
CA ARG A 252 0.47 7.58 5.61
C ARG A 252 -0.90 7.56 6.29
N LEU A 253 -1.96 7.86 5.54
CA LEU A 253 -3.30 7.83 6.12
C LEU A 253 -3.64 6.43 6.64
N VAL A 254 -3.29 5.41 5.87
CA VAL A 254 -3.56 4.03 6.27
C VAL A 254 -2.76 3.67 7.54
N LYS A 255 -1.46 3.96 7.50
CA LYS A 255 -0.58 3.69 8.62
C LYS A 255 -1.12 4.33 9.89
N GLU A 256 -1.66 5.54 9.78
CA GLU A 256 -2.19 6.23 10.94
C GLU A 256 -3.67 5.98 11.21
N GLU A 257 -4.30 5.16 10.37
CA GLU A 257 -5.71 4.84 10.57
C GLU A 257 -6.54 6.11 10.70
N ALA A 258 -6.20 7.11 9.90
CA ALA A 258 -6.89 8.39 9.96
C ALA A 258 -8.27 8.44 9.32
N VAL A 259 -8.52 7.63 8.31
CA VAL A 259 -9.82 7.68 7.63
C VAL A 259 -10.41 6.35 7.19
N ASP A 260 -11.72 6.36 6.96
CA ASP A 260 -12.43 5.18 6.47
C ASP A 260 -12.38 5.17 4.95
N TYR A 261 -12.43 6.36 4.37
CA TYR A 261 -12.44 6.55 2.91
C TYR A 261 -11.40 7.53 2.40
N VAL A 262 -11.09 7.38 1.12
CA VAL A 262 -10.21 8.29 0.41
C VAL A 262 -10.99 8.64 -0.87
N ASN A 263 -11.16 9.93 -1.13
CA ASN A 263 -11.84 10.37 -2.33
C ASN A 263 -10.75 10.56 -3.38
N ILE A 264 -10.62 9.62 -4.29
CA ILE A 264 -9.61 9.71 -5.34
C ILE A 264 -10.05 10.66 -6.45
N LYS A 265 -9.13 11.52 -6.89
CA LYS A 265 -9.40 12.41 -8.01
C LYS A 265 -8.19 12.32 -8.94
N LEU A 266 -8.45 12.04 -10.21
CA LEU A 266 -7.35 11.95 -11.16
C LEU A 266 -6.63 13.30 -11.21
N MET A 267 -7.39 14.38 -11.04
CA MET A 267 -6.81 15.72 -11.06
C MET A 267 -5.82 15.96 -9.92
N LYS A 268 -5.82 15.10 -8.90
CA LYS A 268 -4.88 15.26 -7.81
C LYS A 268 -3.75 14.26 -7.92
N SER A 269 -4.09 13.05 -8.34
CA SER A 269 -3.12 11.96 -8.39
C SER A 269 -2.61 11.55 -9.76
N GLY A 270 -3.40 11.79 -10.80
CA GLY A 270 -3.01 11.34 -12.12
C GLY A 270 -3.37 9.86 -12.12
N ILE A 271 -3.21 9.19 -13.26
CA ILE A 271 -3.52 7.77 -13.36
C ILE A 271 -2.58 6.92 -12.53
N SER A 272 -1.28 7.21 -12.62
CA SER A 272 -0.27 6.45 -11.90
C SER A 272 -0.53 6.32 -10.39
N ASP A 273 -0.66 7.45 -9.71
CA ASP A 273 -0.91 7.40 -8.27
C ASP A 273 -2.29 6.81 -7.96
N ALA A 274 -3.29 7.09 -8.80
CA ALA A 274 -4.63 6.57 -8.57
C ALA A 274 -4.62 5.04 -8.57
N LEU A 275 -3.87 4.45 -9.50
CA LEU A 275 -3.75 3.00 -9.56
C LEU A 275 -3.11 2.47 -8.27
N ALA A 276 -2.07 3.15 -7.82
CA ALA A 276 -1.39 2.76 -6.59
C ALA A 276 -2.36 2.86 -5.40
N ILE A 277 -3.17 3.92 -5.37
CA ILE A 277 -4.11 4.11 -4.27
C ILE A 277 -5.17 3.01 -4.24
N VAL A 278 -5.65 2.60 -5.43
CA VAL A 278 -6.63 1.53 -5.53
C VAL A 278 -6.03 0.25 -4.95
N GLU A 279 -4.78 -0.05 -5.30
CA GLU A 279 -4.12 -1.25 -4.79
C GLU A 279 -3.89 -1.17 -3.27
N ILE A 280 -3.57 0.02 -2.78
CA ILE A 280 -3.34 0.19 -1.35
C ILE A 280 -4.65 -0.03 -0.60
N ALA A 281 -5.75 0.49 -1.16
CA ALA A 281 -7.06 0.34 -0.53
C ALA A 281 -7.53 -1.11 -0.51
N GLU A 282 -7.27 -1.85 -1.58
CA GLU A 282 -7.68 -3.24 -1.64
C GLU A 282 -6.81 -4.13 -0.79
N SER A 283 -5.68 -3.60 -0.34
CA SER A 283 -4.77 -4.35 0.52
C SER A 283 -4.92 -3.90 1.96
N SER A 284 -5.99 -3.16 2.25
CA SER A 284 -6.20 -2.65 3.60
C SER A 284 -7.69 -2.42 3.90
N GLY A 285 -7.98 -1.84 5.05
CA GLY A 285 -9.37 -1.60 5.41
C GLY A 285 -9.98 -0.37 4.74
N LEU A 286 -9.15 0.34 3.98
CA LEU A 286 -9.59 1.54 3.30
C LEU A 286 -10.60 1.30 2.19
N LYS A 287 -11.60 2.17 2.11
CA LYS A 287 -12.59 2.09 1.05
C LYS A 287 -12.45 3.38 0.23
N LEU A 288 -12.90 3.35 -1.02
CA LEU A 288 -12.74 4.50 -1.90
C LEU A 288 -13.98 5.04 -2.60
N MET A 289 -13.89 6.32 -2.96
CA MET A 289 -14.92 6.98 -3.75
C MET A 289 -14.09 7.75 -4.78
N ILE A 290 -14.68 8.10 -5.91
CA ILE A 290 -13.92 8.85 -6.92
C ILE A 290 -14.63 10.17 -7.19
N GLY A 291 -13.87 11.26 -7.18
CA GLY A 291 -14.47 12.57 -7.40
C GLY A 291 -13.95 13.30 -8.62
N CYS A 292 -14.24 14.59 -8.67
CA CYS A 292 -13.82 15.40 -9.79
C CYS A 292 -13.64 16.85 -9.34
N MET A 293 -13.03 17.65 -10.22
CA MET A 293 -12.83 19.06 -9.95
C MET A 293 -13.84 19.81 -10.80
N GLY A 294 -13.39 20.33 -11.94
CA GLY A 294 -14.29 21.06 -12.82
C GLY A 294 -14.28 20.52 -14.24
N GLU A 295 -14.08 19.21 -14.38
CA GLU A 295 -14.03 18.59 -15.70
C GLU A 295 -15.29 18.75 -16.53
N SER A 296 -15.10 18.80 -17.85
CA SER A 296 -16.21 18.89 -18.79
C SER A 296 -16.42 17.41 -19.16
N SER A 297 -17.34 17.13 -20.08
CA SER A 297 -17.62 15.74 -20.45
C SER A 297 -16.38 14.96 -20.89
N LEU A 298 -15.47 15.61 -21.61
CA LEU A 298 -14.24 14.94 -22.06
C LEU A 298 -13.38 14.59 -20.85
N GLY A 299 -13.38 15.47 -19.86
CA GLY A 299 -12.60 15.25 -18.65
C GLY A 299 -13.20 14.16 -17.76
N ILE A 300 -14.51 14.20 -17.57
CA ILE A 300 -15.20 13.21 -16.74
C ILE A 300 -14.99 11.83 -17.33
N ASN A 301 -14.95 11.75 -18.66
CA ASN A 301 -14.75 10.49 -19.35
C ASN A 301 -13.56 9.74 -18.76
N GLN A 302 -12.51 10.48 -18.40
CA GLN A 302 -11.30 9.89 -17.83
C GLN A 302 -11.62 9.13 -16.54
N SER A 303 -12.41 9.75 -15.67
CA SER A 303 -12.79 9.12 -14.41
C SER A 303 -13.79 8.00 -14.62
N VAL A 304 -14.67 8.13 -15.62
CA VAL A 304 -15.64 7.08 -15.89
C VAL A 304 -14.93 5.79 -16.29
N HIS A 305 -13.96 5.89 -17.21
CA HIS A 305 -13.23 4.70 -17.62
C HIS A 305 -12.38 4.11 -16.50
N PHE A 306 -11.85 4.97 -15.64
CA PHE A 306 -11.03 4.48 -14.54
C PHE A 306 -11.94 3.71 -13.57
N ALA A 307 -13.11 4.29 -13.30
CA ALA A 307 -14.08 3.67 -12.39
C ALA A 307 -14.67 2.38 -12.95
N LEU A 308 -15.07 2.40 -14.22
CA LEU A 308 -15.64 1.20 -14.84
C LEU A 308 -14.63 0.06 -14.91
N GLY A 309 -13.40 0.42 -15.29
CA GLY A 309 -12.34 -0.56 -15.41
C GLY A 309 -11.87 -1.20 -14.11
N THR A 310 -11.58 -0.38 -13.09
CA THR A 310 -11.11 -0.93 -11.83
C THR A 310 -12.26 -1.42 -10.94
N GLY A 311 -13.41 -0.77 -11.08
CA GLY A 311 -14.58 -1.12 -10.28
C GLY A 311 -14.25 -1.03 -8.80
N ALA A 312 -13.31 -0.15 -8.47
CA ALA A 312 -12.85 -0.02 -7.09
C ALA A 312 -13.59 0.94 -6.16
N PHE A 313 -14.63 1.61 -6.66
CA PHE A 313 -15.30 2.61 -5.84
C PHE A 313 -16.69 2.31 -5.32
N GLU A 314 -16.95 2.72 -4.07
CA GLU A 314 -18.24 2.54 -3.41
C GLU A 314 -19.21 3.61 -3.85
N PHE A 315 -18.69 4.82 -4.07
CA PHE A 315 -19.48 5.95 -4.50
C PHE A 315 -18.74 6.71 -5.59
N HIS A 316 -19.50 7.35 -6.47
CA HIS A 316 -18.93 8.12 -7.57
C HIS A 316 -19.50 9.51 -7.56
N ASP A 317 -18.63 10.50 -7.47
CA ASP A 317 -19.06 11.89 -7.50
C ASP A 317 -18.47 12.51 -8.78
N LEU A 318 -19.06 12.13 -9.92
CA LEU A 318 -18.62 12.60 -11.23
C LEU A 318 -19.76 13.37 -11.89
N ASP A 319 -20.00 14.58 -11.39
CA ASP A 319 -21.10 15.40 -11.87
C ASP A 319 -20.70 16.80 -12.37
N SER A 320 -19.41 17.11 -12.35
CA SER A 320 -18.98 18.44 -12.79
C SER A 320 -19.45 18.79 -14.19
N HIS A 321 -19.52 17.81 -15.08
CA HIS A 321 -19.96 18.06 -16.45
C HIS A 321 -21.45 18.32 -16.52
N LEU A 322 -22.20 17.89 -15.50
CA LEU A 322 -23.64 18.09 -15.47
C LEU A 322 -24.01 19.48 -14.94
N MET A 323 -23.02 20.23 -14.47
CA MET A 323 -23.27 21.57 -13.94
C MET A 323 -22.78 22.62 -14.93
N LEU A 324 -22.17 22.14 -16.01
CA LEU A 324 -21.63 23.01 -17.05
C LEU A 324 -22.51 23.08 -18.29
N LYS A 325 -22.40 24.20 -19.00
CA LYS A 325 -23.14 24.40 -20.25
C LYS A 325 -22.16 23.89 -21.32
N GLU A 326 -22.56 22.88 -22.07
CA GLU A 326 -21.69 22.33 -23.09
C GLU A 326 -22.52 21.95 -24.33
N GLU A 327 -22.16 22.51 -25.47
CA GLU A 327 -22.87 22.23 -26.71
C GLU A 327 -22.89 20.75 -27.05
N VAL A 328 -21.72 20.20 -27.34
CA VAL A 328 -21.59 18.80 -27.71
C VAL A 328 -21.01 17.91 -26.62
N PHE A 329 -21.66 16.80 -26.36
CA PHE A 329 -21.20 15.82 -25.37
C PHE A 329 -19.93 15.27 -25.98
N ARG A 330 -18.86 15.18 -25.21
CA ARG A 330 -17.59 14.67 -25.74
C ARG A 330 -17.03 13.51 -24.97
N GLY A 331 -17.87 12.82 -24.20
CA GLY A 331 -17.39 11.69 -23.44
C GLY A 331 -17.54 10.40 -24.23
N LYS A 332 -16.66 9.43 -23.97
CA LYS A 332 -16.73 8.14 -24.64
C LYS A 332 -17.46 7.17 -23.72
N PHE A 333 -18.66 7.55 -23.32
CA PHE A 333 -19.49 6.74 -22.44
C PHE A 333 -20.91 7.24 -22.59
N ILE A 334 -21.87 6.45 -22.13
CA ILE A 334 -23.27 6.81 -22.23
C ILE A 334 -23.78 7.34 -20.90
N GLN A 335 -24.35 8.54 -20.91
CA GLN A 335 -24.89 9.13 -19.71
C GLN A 335 -26.40 8.95 -19.71
N ASP A 336 -26.90 8.10 -18.83
CA ASP A 336 -28.32 7.83 -18.75
C ASP A 336 -28.80 8.18 -17.34
N GLY A 337 -29.17 9.43 -17.13
CA GLY A 337 -29.59 9.86 -15.81
C GLY A 337 -28.37 9.83 -14.91
N PRO A 338 -28.46 9.19 -13.73
CA PRO A 338 -27.31 9.12 -12.83
C PRO A 338 -26.36 8.00 -13.26
N ARG A 339 -26.83 7.15 -14.16
CA ARG A 339 -26.06 6.01 -14.64
C ARG A 339 -25.12 6.36 -15.79
N MET A 340 -23.96 5.74 -15.79
CA MET A 340 -22.96 5.94 -16.84
C MET A 340 -22.52 4.54 -17.27
N ARG A 341 -22.62 4.29 -18.57
CA ARG A 341 -22.27 2.98 -19.11
C ARG A 341 -21.25 3.03 -20.24
N VAL A 342 -20.54 1.92 -20.41
CA VAL A 342 -19.53 1.80 -21.45
C VAL A 342 -20.25 1.58 -22.78
N LYS A 343 -19.69 2.11 -23.86
CA LYS A 343 -20.28 1.96 -25.18
C LYS A 343 -20.00 0.57 -25.74
N ARG B 3 -14.58 -14.83 -25.17
CA ARG B 3 -14.99 -15.70 -24.01
C ARG B 3 -14.21 -16.99 -23.89
N ILE B 4 -13.94 -17.37 -22.64
CA ILE B 4 -13.23 -18.60 -22.33
C ILE B 4 -14.17 -19.77 -22.57
N VAL B 5 -13.71 -20.79 -23.29
CA VAL B 5 -14.55 -21.96 -23.55
C VAL B 5 -13.94 -23.24 -22.98
N ASN B 6 -12.66 -23.19 -22.61
CA ASN B 6 -12.02 -24.35 -22.04
C ASN B 6 -10.82 -23.98 -21.19
N VAL B 7 -10.59 -24.76 -20.14
CA VAL B 7 -9.46 -24.55 -19.23
C VAL B 7 -8.87 -25.93 -18.99
N LYS B 8 -7.61 -26.12 -19.38
CA LYS B 8 -6.95 -27.41 -19.21
C LYS B 8 -5.77 -27.37 -18.26
N LEU B 9 -5.74 -28.35 -17.36
CA LEU B 9 -4.65 -28.51 -16.39
C LEU B 9 -3.97 -29.83 -16.72
N SER B 10 -2.64 -29.82 -16.78
CA SER B 10 -1.91 -31.05 -17.07
C SER B 10 -0.58 -31.13 -16.33
N LEU B 11 -0.25 -32.32 -15.87
CA LEU B 11 0.97 -32.57 -15.13
C LEU B 11 2.18 -32.59 -16.06
N LYS B 12 3.25 -31.91 -15.67
CA LYS B 12 4.48 -31.84 -16.45
C LYS B 12 5.65 -32.01 -15.48
N ARG B 13 6.49 -33.01 -15.74
CA ARG B 13 7.64 -33.25 -14.87
C ARG B 13 8.94 -32.82 -15.52
N TYR B 14 9.80 -32.18 -14.74
CA TYR B 14 11.09 -31.73 -15.24
C TYR B 14 12.16 -32.16 -14.24
N GLU B 15 13.20 -32.83 -14.74
CA GLU B 15 14.26 -33.28 -13.86
C GLU B 15 15.40 -32.28 -13.74
N TYR B 16 15.88 -32.08 -12.52
CA TYR B 16 16.99 -31.18 -12.26
C TYR B 16 18.27 -31.86 -12.73
N GLU B 17 19.22 -31.09 -13.23
CA GLU B 17 20.48 -31.66 -13.68
C GLU B 17 21.24 -32.24 -12.48
N LYS B 18 20.93 -31.73 -11.29
CA LYS B 18 21.52 -32.18 -10.03
C LYS B 18 20.55 -31.87 -8.90
N PRO B 19 20.52 -32.71 -7.86
CA PRO B 19 19.60 -32.45 -6.74
C PRO B 19 19.78 -31.04 -6.18
N PHE B 20 18.68 -30.34 -5.95
CA PHE B 20 18.72 -28.98 -5.43
C PHE B 20 18.47 -29.03 -3.93
N HIS B 21 19.44 -28.56 -3.16
CA HIS B 21 19.34 -28.58 -1.71
C HIS B 21 19.30 -27.18 -1.08
N ILE B 22 18.25 -26.92 -0.30
CA ILE B 22 18.08 -25.66 0.42
C ILE B 22 17.72 -26.06 1.85
N THR B 23 17.70 -25.11 2.76
CA THR B 23 17.37 -25.42 4.15
C THR B 23 16.08 -26.23 4.28
N GLY B 24 16.22 -27.44 4.84
CA GLY B 24 15.08 -28.31 5.06
C GLY B 24 14.37 -28.85 3.83
N SER B 25 15.06 -28.89 2.69
CA SER B 25 14.43 -29.39 1.47
C SER B 25 15.40 -29.81 0.37
N VAL B 26 15.16 -30.98 -0.21
CA VAL B 26 15.98 -31.50 -1.28
C VAL B 26 15.07 -32.09 -2.35
N SER B 27 15.27 -31.67 -3.60
CA SER B 27 14.46 -32.18 -4.70
C SER B 27 15.33 -32.33 -5.94
N SER B 28 14.99 -33.32 -6.75
CA SER B 28 15.73 -33.57 -7.98
C SER B 28 14.77 -33.57 -9.16
N GLU B 29 13.52 -33.25 -8.86
CA GLU B 29 12.48 -33.20 -9.88
C GLU B 29 11.54 -32.04 -9.58
N SER B 30 10.94 -31.50 -10.62
CA SER B 30 10.00 -30.40 -10.49
C SER B 30 8.70 -30.86 -11.13
N ARG B 31 7.64 -30.95 -10.33
CA ARG B 31 6.33 -31.38 -10.81
C ARG B 31 5.41 -30.17 -10.91
N ASN B 32 5.14 -29.74 -12.13
CA ASN B 32 4.29 -28.58 -12.33
C ASN B 32 2.96 -28.91 -12.98
N VAL B 33 2.08 -27.93 -13.01
CA VAL B 33 0.79 -28.11 -13.63
C VAL B 33 0.68 -27.04 -14.71
N GLU B 34 0.62 -27.47 -15.96
CA GLU B 34 0.51 -26.53 -17.05
C GLU B 34 -0.95 -26.15 -17.22
N VAL B 35 -1.21 -24.87 -17.43
CA VAL B 35 -2.57 -24.39 -17.62
C VAL B 35 -2.76 -23.78 -19.00
N GLU B 36 -3.81 -24.22 -19.68
CA GLU B 36 -4.12 -23.70 -20.99
C GLU B 36 -5.56 -23.20 -20.98
N ILE B 37 -5.74 -21.95 -21.41
CA ILE B 37 -7.05 -21.34 -21.49
C ILE B 37 -7.36 -21.15 -22.98
N VAL B 38 -8.54 -21.60 -23.41
CA VAL B 38 -8.94 -21.50 -24.80
C VAL B 38 -10.14 -20.58 -24.92
N LEU B 39 -10.05 -19.62 -25.84
CA LEU B 39 -11.13 -18.66 -26.07
C LEU B 39 -12.00 -19.08 -27.25
N GLU B 40 -13.23 -18.57 -27.30
CA GLU B 40 -14.15 -18.91 -28.38
C GLU B 40 -13.53 -18.54 -29.73
N SER B 41 -12.71 -17.49 -29.75
CA SER B 41 -12.05 -17.06 -30.97
C SER B 41 -10.99 -18.06 -31.44
N GLY B 42 -10.55 -18.94 -30.56
CA GLY B 42 -9.52 -19.90 -30.93
C GLY B 42 -8.19 -19.58 -30.29
N VAL B 43 -8.06 -18.36 -29.77
CA VAL B 43 -6.82 -17.96 -29.11
C VAL B 43 -6.59 -18.85 -27.89
N LYS B 44 -5.33 -19.13 -27.61
CA LYS B 44 -4.95 -19.97 -26.48
C LYS B 44 -3.87 -19.31 -25.65
N GLY B 45 -4.13 -19.17 -24.35
CA GLY B 45 -3.18 -18.58 -23.44
C GLY B 45 -2.59 -19.68 -22.57
N TYR B 46 -1.33 -19.53 -22.15
CA TYR B 46 -0.67 -20.55 -21.34
C TYR B 46 -0.01 -20.00 -20.08
N GLY B 47 -0.09 -20.80 -19.02
CA GLY B 47 0.53 -20.45 -17.75
C GLY B 47 1.06 -21.74 -17.14
N GLU B 48 1.75 -21.64 -16.01
CA GLU B 48 2.28 -22.82 -15.36
C GLU B 48 2.30 -22.61 -13.86
N ALA B 49 1.85 -23.63 -13.12
CA ALA B 49 1.85 -23.57 -11.67
C ALA B 49 2.97 -24.47 -11.18
N SER B 50 3.82 -23.94 -10.31
CA SER B 50 4.91 -24.72 -9.75
C SER B 50 4.58 -24.66 -8.25
N PRO B 51 3.76 -25.61 -7.77
CA PRO B 51 3.35 -25.66 -6.36
C PRO B 51 4.44 -25.90 -5.34
N SER B 52 4.19 -25.43 -4.12
CA SER B 52 5.13 -25.61 -3.04
C SER B 52 4.41 -26.03 -1.77
N PHE B 53 4.69 -27.24 -1.31
CA PHE B 53 4.08 -27.74 -0.11
C PHE B 53 4.65 -26.98 1.08
N ARG B 54 5.96 -26.77 1.05
CA ARG B 54 6.66 -26.07 2.13
C ARG B 54 6.21 -24.61 2.34
N VAL B 55 6.11 -23.85 1.25
CA VAL B 55 5.74 -22.44 1.31
C VAL B 55 4.25 -22.13 1.28
N ASN B 56 3.52 -22.77 0.35
CA ASN B 56 2.10 -22.54 0.20
C ASN B 56 1.21 -23.67 0.72
N GLY B 57 1.82 -24.76 1.18
CA GLY B 57 1.03 -25.89 1.67
C GLY B 57 0.29 -26.66 0.57
N GLU B 58 0.65 -26.43 -0.68
CA GLU B 58 0.02 -27.10 -1.83
C GLU B 58 0.61 -28.48 -2.15
N ARG B 59 -0.15 -29.28 -2.86
CA ARG B 59 0.29 -30.61 -3.30
C ARG B 59 -0.16 -30.66 -4.76
N VAL B 60 0.72 -31.09 -5.67
CA VAL B 60 0.34 -31.14 -7.07
C VAL B 60 -0.92 -31.98 -7.36
N GLU B 61 -1.08 -33.09 -6.63
CA GLU B 61 -2.24 -33.95 -6.83
C GLU B 61 -3.52 -33.17 -6.53
N ALA B 62 -3.46 -32.30 -5.53
CA ALA B 62 -4.62 -31.49 -5.14
C ALA B 62 -4.96 -30.45 -6.23
N LEU B 63 -3.95 -29.82 -6.83
CA LEU B 63 -4.22 -28.85 -7.89
C LEU B 63 -4.95 -29.53 -9.04
N LEU B 64 -4.40 -30.65 -9.49
CA LEU B 64 -5.00 -31.40 -10.60
C LEU B 64 -6.44 -31.83 -10.32
N ALA B 65 -6.74 -32.11 -9.06
CA ALA B 65 -8.08 -32.56 -8.68
C ALA B 65 -9.18 -31.52 -8.82
N ILE B 66 -8.83 -30.24 -8.87
CA ILE B 66 -9.85 -29.22 -8.95
C ILE B 66 -10.06 -28.59 -10.33
N GLU B 67 -9.64 -29.29 -11.37
CA GLU B 67 -9.80 -28.77 -12.73
C GLU B 67 -11.25 -28.42 -13.05
N ASN B 68 -12.17 -29.33 -12.74
CA ASN B 68 -13.56 -29.08 -13.06
C ASN B 68 -14.06 -27.85 -12.34
N ALA B 69 -13.63 -27.65 -11.11
CA ALA B 69 -14.04 -26.49 -10.34
C ALA B 69 -13.55 -25.21 -11.02
N VAL B 70 -12.30 -25.22 -11.46
CA VAL B 70 -11.73 -24.05 -12.13
C VAL B 70 -12.50 -23.74 -13.41
N ARG B 71 -12.87 -24.78 -14.16
CA ARG B 71 -13.63 -24.58 -15.38
C ARG B 71 -14.95 -23.92 -15.07
N GLU B 72 -15.63 -24.41 -14.04
CA GLU B 72 -16.91 -23.84 -13.67
C GLU B 72 -16.77 -22.39 -13.23
N MET B 73 -15.65 -22.05 -12.62
CA MET B 73 -15.43 -20.70 -12.14
C MET B 73 -15.25 -19.62 -13.21
N ILE B 74 -14.55 -19.92 -14.29
CA ILE B 74 -14.31 -18.88 -15.29
C ILE B 74 -14.73 -19.12 -16.73
N THR B 75 -15.22 -20.31 -17.07
CA THR B 75 -15.65 -20.51 -18.45
C THR B 75 -16.84 -19.60 -18.72
N GLY B 76 -16.90 -19.03 -19.92
CA GLY B 76 -17.99 -18.13 -20.25
C GLY B 76 -17.65 -16.66 -20.02
N ILE B 77 -16.56 -16.39 -19.31
CA ILE B 77 -16.17 -15.01 -19.04
C ILE B 77 -15.25 -14.49 -20.15
N ASP B 78 -15.47 -13.25 -20.56
CA ASP B 78 -14.64 -12.65 -21.61
C ASP B 78 -13.35 -12.15 -20.98
N VAL B 79 -12.21 -12.44 -21.61
CA VAL B 79 -10.93 -12.02 -21.07
C VAL B 79 -10.71 -10.51 -21.01
N ARG B 80 -11.55 -9.74 -21.71
CA ARG B 80 -11.39 -8.30 -21.64
C ARG B 80 -11.88 -7.81 -20.29
N ASN B 81 -12.66 -8.66 -19.60
CA ASN B 81 -13.15 -8.33 -18.27
C ASN B 81 -12.24 -9.12 -17.32
N TYR B 82 -10.93 -9.07 -17.58
CA TYR B 82 -9.97 -9.83 -16.79
C TYR B 82 -9.99 -9.56 -15.29
N ALA B 83 -10.45 -8.39 -14.88
CA ALA B 83 -10.51 -8.08 -13.46
C ALA B 83 -11.53 -9.00 -12.78
N ARG B 84 -12.57 -9.40 -13.52
CA ARG B 84 -13.58 -10.29 -12.95
C ARG B 84 -12.96 -11.66 -12.73
N ILE B 85 -12.12 -12.08 -13.68
CA ILE B 85 -11.44 -13.36 -13.59
C ILE B 85 -10.43 -13.33 -12.44
N PHE B 86 -9.82 -12.16 -12.23
CA PHE B 86 -8.86 -12.00 -11.15
C PHE B 86 -9.57 -12.12 -9.79
N GLU B 87 -10.68 -11.41 -9.63
CA GLU B 87 -11.43 -11.45 -8.37
C GLU B 87 -11.87 -12.89 -8.04
N ILE B 88 -12.36 -13.59 -9.05
CA ILE B 88 -12.81 -14.98 -8.89
C ILE B 88 -11.67 -15.92 -8.54
N THR B 89 -10.56 -15.82 -9.26
CA THR B 89 -9.42 -16.69 -8.98
C THR B 89 -8.71 -16.36 -7.66
N ASP B 90 -8.95 -15.17 -7.11
CA ASP B 90 -8.35 -14.83 -5.82
C ASP B 90 -8.96 -15.72 -4.73
N ARG B 91 -10.08 -16.39 -5.04
CA ARG B 91 -10.71 -17.30 -4.06
C ARG B 91 -9.90 -18.59 -3.95
N LEU B 92 -8.98 -18.80 -4.89
CA LEU B 92 -8.13 -19.99 -4.89
C LEU B 92 -6.88 -19.66 -4.08
N PHE B 93 -7.06 -18.97 -2.95
CA PHE B 93 -5.91 -18.60 -2.13
C PHE B 93 -5.21 -19.82 -1.53
N GLY B 94 -5.88 -20.96 -1.55
CA GLY B 94 -5.28 -22.17 -1.03
C GLY B 94 -4.53 -22.92 -2.13
N PHE B 95 -4.63 -22.43 -3.36
CA PHE B 95 -3.96 -23.01 -4.51
C PHE B 95 -3.27 -21.85 -5.27
N PRO B 96 -2.40 -21.09 -4.58
CA PRO B 96 -1.68 -19.94 -5.10
C PRO B 96 -1.00 -20.10 -6.47
N SER B 97 -0.25 -21.19 -6.64
CA SER B 97 0.46 -21.41 -7.90
C SER B 97 -0.53 -21.57 -9.06
N LEU B 98 -1.68 -22.16 -8.79
CA LEU B 98 -2.68 -22.35 -9.82
C LEU B 98 -3.37 -21.02 -10.11
N LYS B 99 -3.62 -20.25 -9.05
CA LYS B 99 -4.22 -18.93 -9.20
C LYS B 99 -3.33 -18.13 -10.14
N ALA B 100 -2.03 -18.20 -9.91
CA ALA B 100 -1.06 -17.48 -10.73
C ALA B 100 -1.09 -17.92 -12.19
N ALA B 101 -1.07 -19.23 -12.41
CA ALA B 101 -1.08 -19.80 -13.76
C ALA B 101 -2.34 -19.39 -14.54
N VAL B 102 -3.49 -19.46 -13.89
CA VAL B 102 -4.75 -19.09 -14.54
C VAL B 102 -4.81 -17.60 -14.88
N GLN B 103 -4.36 -16.76 -13.95
CA GLN B 103 -4.37 -15.33 -14.20
C GLN B 103 -3.41 -14.94 -15.32
N PHE B 104 -2.23 -15.56 -15.35
CA PHE B 104 -1.29 -15.21 -16.42
C PHE B 104 -1.78 -15.73 -17.77
N ALA B 105 -2.33 -16.95 -17.78
CA ALA B 105 -2.83 -17.50 -19.03
C ALA B 105 -3.95 -16.59 -19.56
N THR B 106 -4.66 -15.93 -18.64
CA THR B 106 -5.73 -15.03 -19.03
C THR B 106 -5.14 -13.81 -19.75
N LEU B 107 -4.08 -13.25 -19.20
CA LEU B 107 -3.45 -12.09 -19.83
C LEU B 107 -2.74 -12.51 -21.11
N ASP B 108 -2.20 -13.73 -21.14
CA ASP B 108 -1.53 -14.22 -22.32
C ASP B 108 -2.53 -14.29 -23.47
N ALA B 109 -3.72 -14.82 -23.18
CA ALA B 109 -4.77 -14.92 -24.19
C ALA B 109 -5.26 -13.52 -24.57
N LEU B 110 -5.48 -12.68 -23.57
CA LEU B 110 -5.95 -11.32 -23.82
C LEU B 110 -4.97 -10.53 -24.68
N SER B 111 -3.68 -10.60 -24.34
CA SER B 111 -2.67 -9.87 -25.11
C SER B 111 -2.70 -10.30 -26.58
N GLN B 112 -2.82 -11.61 -26.83
CA GLN B 112 -2.88 -12.10 -28.21
C GLN B 112 -4.07 -11.49 -28.93
N GLU B 113 -5.22 -11.43 -28.27
CA GLU B 113 -6.41 -10.86 -28.89
C GLU B 113 -6.23 -9.37 -29.19
N LEU B 114 -5.42 -8.69 -28.40
CA LEU B 114 -5.19 -7.26 -28.62
C LEU B 114 -3.96 -7.05 -29.52
N GLY B 115 -3.40 -8.15 -30.00
CA GLY B 115 -2.24 -8.04 -30.87
C GLY B 115 -1.04 -7.42 -30.20
N THR B 116 -0.78 -7.81 -28.95
CA THR B 116 0.37 -7.29 -28.22
C THR B 116 0.93 -8.38 -27.29
N GLN B 117 1.70 -7.97 -26.29
CA GLN B 117 2.29 -8.94 -25.37
C GLN B 117 1.92 -8.61 -23.93
N VAL B 118 2.12 -9.56 -23.02
CA VAL B 118 1.77 -9.34 -21.63
C VAL B 118 2.59 -8.21 -21.04
N CYS B 119 3.89 -8.20 -21.30
CA CYS B 119 4.73 -7.14 -20.76
C CYS B 119 4.22 -5.74 -21.12
N TYR B 120 3.77 -5.54 -22.36
CA TYR B 120 3.27 -4.22 -22.75
C TYR B 120 1.95 -3.90 -22.07
N LEU B 121 1.13 -4.93 -21.87
CA LEU B 121 -0.15 -4.77 -21.21
C LEU B 121 0.11 -4.28 -19.79
N LEU B 122 1.25 -4.67 -19.24
CA LEU B 122 1.63 -4.30 -17.88
C LEU B 122 2.46 -3.01 -17.82
N GLY B 123 2.63 -2.33 -18.94
CA GLY B 123 3.38 -1.08 -18.92
C GLY B 123 4.62 -1.00 -19.79
N GLY B 124 5.14 -2.15 -20.22
CA GLY B 124 6.32 -2.17 -21.05
C GLY B 124 7.42 -1.25 -20.56
N LYS B 125 7.69 -1.29 -19.27
CA LYS B 125 8.71 -0.40 -18.72
C LYS B 125 10.14 -0.72 -19.12
N ARG B 126 10.49 -1.99 -19.23
CA ARG B 126 11.84 -2.35 -19.60
C ARG B 126 11.90 -3.30 -20.78
N ASP B 127 13.04 -3.30 -21.48
CA ASP B 127 13.21 -4.19 -22.63
C ASP B 127 14.08 -5.38 -22.27
N GLU B 128 14.84 -5.26 -21.19
CA GLU B 128 15.71 -6.35 -20.76
C GLU B 128 15.87 -6.39 -19.25
N ILE B 129 16.11 -7.59 -18.74
CA ILE B 129 16.33 -7.80 -17.31
C ILE B 129 17.40 -8.87 -17.25
N GLU B 130 18.08 -8.96 -16.12
CA GLU B 130 19.12 -9.94 -15.96
C GLU B 130 18.80 -10.78 -14.73
N THR B 131 19.06 -12.07 -14.80
CA THR B 131 18.81 -12.95 -13.68
C THR B 131 20.10 -13.47 -13.08
N ASP B 132 20.03 -13.85 -11.81
CA ASP B 132 21.18 -14.41 -11.12
C ASP B 132 21.06 -15.90 -11.37
N LYS B 133 21.91 -16.68 -10.72
CA LYS B 133 21.85 -18.12 -10.82
C LYS B 133 22.20 -18.58 -9.41
N THR B 134 21.53 -19.63 -8.95
CA THR B 134 21.69 -20.13 -7.59
C THR B 134 22.71 -21.24 -7.32
N VAL B 135 23.39 -21.13 -6.18
CA VAL B 135 24.36 -22.12 -5.75
C VAL B 135 23.70 -22.82 -4.56
N GLY B 136 23.23 -24.04 -4.77
CA GLY B 136 22.57 -24.77 -3.70
C GLY B 136 23.49 -25.19 -2.58
N ILE B 137 22.93 -25.72 -1.51
CA ILE B 137 23.71 -26.16 -0.37
C ILE B 137 24.47 -27.44 -0.72
N ASP B 138 25.76 -27.45 -0.41
CA ASP B 138 26.63 -28.59 -0.66
C ASP B 138 27.90 -28.31 0.15
N THR B 139 28.94 -29.12 -0.06
CA THR B 139 30.19 -28.92 0.65
C THR B 139 30.77 -27.60 0.16
N VAL B 140 31.60 -26.97 0.99
CA VAL B 140 32.20 -25.70 0.61
C VAL B 140 32.91 -25.83 -0.74
N GLU B 141 33.54 -26.98 -0.93
CA GLU B 141 34.28 -27.26 -2.15
C GLU B 141 33.36 -27.29 -3.37
N ASN B 142 32.26 -28.02 -3.26
CA ASN B 142 31.29 -28.11 -4.35
C ASN B 142 30.65 -26.75 -4.61
N ARG B 143 30.34 -26.04 -3.54
CA ARG B 143 29.74 -24.71 -3.64
C ARG B 143 30.66 -23.76 -4.40
N VAL B 144 31.94 -23.76 -4.06
CA VAL B 144 32.92 -22.91 -4.72
C VAL B 144 33.06 -23.30 -6.18
N LYS B 145 33.02 -24.60 -6.43
CA LYS B 145 33.12 -25.13 -7.78
C LYS B 145 31.96 -24.63 -8.64
N GLU B 146 30.75 -24.74 -8.11
CA GLU B 146 29.57 -24.29 -8.86
C GLU B 146 29.55 -22.76 -9.04
N ALA B 147 29.95 -22.04 -7.98
CA ALA B 147 29.97 -20.59 -8.04
C ALA B 147 30.94 -20.15 -9.13
N LYS B 148 32.10 -20.80 -9.17
CA LYS B 148 33.13 -20.50 -10.15
C LYS B 148 32.60 -20.73 -11.56
N LYS B 149 31.85 -21.81 -11.74
CA LYS B 149 31.28 -22.15 -13.05
C LYS B 149 30.21 -21.14 -13.48
N ILE B 150 29.37 -20.74 -12.53
CA ILE B 150 28.31 -19.79 -12.81
C ILE B 150 28.93 -18.46 -13.25
N PHE B 151 29.98 -18.06 -12.54
CA PHE B 151 30.68 -16.82 -12.83
C PHE B 151 31.21 -16.86 -14.26
N GLU B 152 31.84 -17.97 -14.63
CA GLU B 152 32.40 -18.13 -15.96
C GLU B 152 31.32 -18.09 -17.03
N GLU B 153 30.09 -18.44 -16.64
CA GLU B 153 28.97 -18.42 -17.57
C GLU B 153 28.48 -17.01 -17.85
N GLY B 154 29.01 -16.02 -17.13
CA GLY B 154 28.60 -14.66 -17.37
C GLY B 154 27.71 -14.00 -16.32
N PHE B 155 27.22 -14.78 -15.37
CA PHE B 155 26.35 -14.25 -14.32
C PHE B 155 27.11 -13.33 -13.37
N ARG B 156 26.57 -12.14 -13.15
CA ARG B 156 27.19 -11.17 -12.26
C ARG B 156 26.49 -11.02 -10.91
N VAL B 157 25.47 -11.84 -10.69
CA VAL B 157 24.74 -11.86 -9.43
C VAL B 157 24.61 -13.34 -9.11
N ILE B 158 25.24 -13.75 -8.01
CA ILE B 158 25.21 -15.14 -7.60
C ILE B 158 24.43 -15.30 -6.30
N LYS B 159 23.43 -16.17 -6.34
CA LYS B 159 22.60 -16.43 -5.16
C LYS B 159 23.17 -17.64 -4.44
N ILE B 160 23.44 -17.48 -3.15
CA ILE B 160 24.02 -18.53 -2.33
C ILE B 160 23.07 -19.02 -1.23
N LYS B 161 22.73 -20.30 -1.27
CA LYS B 161 21.84 -20.88 -0.25
C LYS B 161 22.63 -21.21 1.01
N VAL B 162 22.02 -20.94 2.17
CA VAL B 162 22.64 -21.23 3.47
C VAL B 162 21.50 -21.51 4.44
N GLY B 163 21.84 -21.69 5.71
CA GLY B 163 20.80 -21.93 6.70
C GLY B 163 20.87 -23.17 7.56
N GLU B 164 21.73 -24.12 7.20
CA GLU B 164 21.83 -25.35 7.98
C GLU B 164 23.08 -25.46 8.85
N ASN B 165 24.11 -24.70 8.52
CA ASN B 165 25.37 -24.75 9.27
C ASN B 165 26.02 -23.37 9.23
N LEU B 166 25.75 -22.56 10.24
CA LEU B 166 26.30 -21.21 10.30
C LEU B 166 27.80 -21.11 10.04
N LYS B 167 28.59 -21.93 10.74
CA LYS B 167 30.03 -21.91 10.56
C LYS B 167 30.43 -22.20 9.11
N GLU B 168 29.89 -23.29 8.56
CA GLU B 168 30.20 -23.66 7.19
C GLU B 168 29.60 -22.68 6.18
N ASP B 169 28.44 -22.10 6.52
CA ASP B 169 27.79 -21.16 5.63
C ASP B 169 28.67 -19.92 5.47
N ILE B 170 29.21 -19.44 6.59
CA ILE B 170 30.08 -18.27 6.55
C ILE B 170 31.29 -18.61 5.69
N GLU B 171 31.92 -19.74 5.99
CA GLU B 171 33.09 -20.20 5.25
C GLU B 171 32.79 -20.25 3.76
N ALA B 172 31.66 -20.87 3.41
CA ALA B 172 31.25 -21.01 2.01
C ALA B 172 31.13 -19.67 1.29
N VAL B 173 30.48 -18.70 1.94
CA VAL B 173 30.29 -17.39 1.33
C VAL B 173 31.64 -16.69 1.15
N GLU B 174 32.53 -16.84 2.12
CA GLU B 174 33.84 -16.21 2.03
C GLU B 174 34.68 -16.79 0.90
N GLU B 175 34.67 -18.12 0.77
CA GLU B 175 35.43 -18.77 -0.28
C GLU B 175 34.88 -18.42 -1.66
N ILE B 176 33.56 -18.40 -1.79
CA ILE B 176 32.93 -18.07 -3.06
C ILE B 176 33.30 -16.65 -3.49
N ALA B 177 33.28 -15.72 -2.55
CA ALA B 177 33.61 -14.33 -2.86
C ALA B 177 35.01 -14.21 -3.48
N LYS B 178 35.94 -15.00 -2.96
CA LYS B 178 37.32 -15.00 -3.44
C LYS B 178 37.42 -15.23 -4.95
N VAL B 179 36.79 -16.29 -5.42
CA VAL B 179 36.85 -16.68 -6.82
C VAL B 179 35.82 -16.05 -7.76
N THR B 180 35.05 -15.09 -7.27
CA THR B 180 34.03 -14.46 -8.12
C THR B 180 34.06 -12.94 -7.98
N ARG B 181 35.26 -12.39 -7.82
CA ARG B 181 35.40 -10.95 -7.66
C ARG B 181 34.74 -10.19 -8.80
N GLY B 182 33.87 -9.26 -8.45
CA GLY B 182 33.17 -8.47 -9.45
C GLY B 182 31.68 -8.79 -9.47
N ALA B 183 31.32 -9.87 -8.79
CA ALA B 183 29.92 -10.28 -8.73
C ALA B 183 29.22 -9.80 -7.47
N LYS B 184 27.90 -9.65 -7.55
CA LYS B 184 27.08 -9.24 -6.41
C LYS B 184 26.56 -10.53 -5.82
N TYR B 185 26.29 -10.54 -4.52
CA TYR B 185 25.80 -11.76 -3.88
C TYR B 185 24.47 -11.62 -3.16
N ILE B 186 23.64 -12.65 -3.30
CA ILE B 186 22.35 -12.70 -2.64
C ILE B 186 22.44 -13.96 -1.80
N VAL B 187 22.21 -13.83 -0.50
CA VAL B 187 22.27 -14.98 0.40
C VAL B 187 20.87 -15.32 0.88
N ASP B 188 20.48 -16.57 0.71
CA ASP B 188 19.15 -17.03 1.09
C ASP B 188 19.23 -18.14 2.13
N ALA B 189 18.73 -17.86 3.33
CA ALA B 189 18.77 -18.84 4.42
C ALA B 189 17.52 -19.69 4.56
N ASN B 190 16.50 -19.39 3.76
CA ASN B 190 15.24 -20.13 3.81
C ASN B 190 14.79 -20.48 5.22
N MET B 191 14.70 -19.45 6.08
CA MET B 191 14.23 -19.60 7.46
C MET B 191 15.09 -20.46 8.39
N GLY B 192 16.30 -20.81 7.96
CA GLY B 192 17.14 -21.67 8.80
C GLY B 192 17.78 -21.11 10.06
N TYR B 193 17.90 -19.79 10.18
CA TYR B 193 18.54 -19.21 11.36
C TYR B 193 17.62 -18.63 12.43
N THR B 194 18.17 -18.48 13.64
CA THR B 194 17.46 -17.84 14.73
C THR B 194 17.84 -16.37 14.49
N GLN B 195 17.18 -15.46 15.19
CA GLN B 195 17.48 -14.04 15.04
C GLN B 195 18.95 -13.71 15.25
N LYS B 196 19.51 -14.22 16.34
CA LYS B 196 20.90 -13.95 16.68
C LYS B 196 21.89 -14.58 15.70
N GLU B 197 21.60 -15.80 15.25
CA GLU B 197 22.48 -16.46 14.31
C GLU B 197 22.50 -15.67 13.02
N ALA B 198 21.33 -15.21 12.60
CA ALA B 198 21.20 -14.44 11.35
C ALA B 198 22.07 -13.20 11.41
N VAL B 199 22.03 -12.51 12.55
CA VAL B 199 22.80 -11.30 12.73
C VAL B 199 24.29 -11.65 12.72
N GLU B 200 24.65 -12.70 13.43
CA GLU B 200 26.04 -13.13 13.48
C GLU B 200 26.54 -13.44 12.08
N PHE B 201 25.75 -14.18 11.32
CA PHE B 201 26.14 -14.51 9.95
C PHE B 201 26.48 -13.26 9.16
N ALA B 202 25.57 -12.29 9.15
CA ALA B 202 25.77 -11.06 8.41
C ALA B 202 27.00 -10.27 8.87
N ARG B 203 27.20 -10.19 10.19
CA ARG B 203 28.35 -9.47 10.72
C ARG B 203 29.66 -10.16 10.36
N ALA B 204 29.69 -11.49 10.50
CA ALA B 204 30.89 -12.26 10.17
C ALA B 204 31.31 -11.95 8.74
N VAL B 205 30.38 -12.09 7.81
CA VAL B 205 30.65 -11.83 6.40
C VAL B 205 31.06 -10.38 6.16
N TYR B 206 30.36 -9.47 6.82
CA TYR B 206 30.64 -8.06 6.68
C TYR B 206 32.08 -7.74 7.10
N GLN B 207 32.51 -8.32 8.20
CA GLN B 207 33.86 -8.11 8.73
C GLN B 207 34.98 -8.52 7.79
N LYS B 208 34.67 -9.37 6.81
CA LYS B 208 35.68 -9.81 5.86
C LYS B 208 35.69 -8.95 4.62
N GLY B 209 34.93 -7.85 4.66
CA GLY B 209 34.86 -6.95 3.53
C GLY B 209 33.91 -7.42 2.44
N ILE B 210 33.11 -8.43 2.74
CA ILE B 210 32.14 -8.96 1.78
C ILE B 210 30.80 -8.25 1.85
N ASP B 211 30.23 -7.93 0.70
CA ASP B 211 28.95 -7.25 0.67
C ASP B 211 27.86 -8.16 0.11
N ILE B 212 26.70 -8.14 0.77
CA ILE B 212 25.55 -8.95 0.35
C ILE B 212 24.44 -8.00 -0.09
N ALA B 213 24.09 -8.08 -1.37
CA ALA B 213 23.05 -7.22 -1.94
C ALA B 213 21.68 -7.46 -1.29
N VAL B 214 21.35 -8.72 -1.06
CA VAL B 214 20.09 -9.08 -0.43
C VAL B 214 20.26 -10.32 0.44
N TYR B 215 19.75 -10.24 1.66
CA TYR B 215 19.83 -11.30 2.65
C TYR B 215 18.38 -11.79 2.82
N GLU B 216 18.07 -12.89 2.14
CA GLU B 216 16.72 -13.46 2.13
C GLU B 216 16.25 -14.30 3.32
N GLN B 217 15.03 -13.99 3.76
CA GLN B 217 14.34 -14.68 4.85
C GLN B 217 15.24 -15.49 5.78
N PRO B 218 15.98 -14.81 6.66
CA PRO B 218 16.87 -15.53 7.58
C PRO B 218 16.14 -16.29 8.68
N VAL B 219 14.95 -15.82 9.08
CA VAL B 219 14.20 -16.46 10.15
C VAL B 219 12.85 -17.06 9.72
N ARG B 220 12.19 -17.74 10.66
CA ARG B 220 10.91 -18.40 10.41
C ARG B 220 9.86 -17.44 9.87
N ARG B 221 8.94 -17.97 9.06
CA ARG B 221 7.92 -17.15 8.42
C ARG B 221 7.01 -16.32 9.31
N GLU B 222 6.68 -16.80 10.50
CA GLU B 222 5.80 -16.05 11.40
C GLU B 222 6.56 -15.01 12.23
N ASP B 223 7.88 -15.12 12.23
CA ASP B 223 8.71 -14.23 13.03
C ASP B 223 8.95 -12.88 12.35
N ILE B 224 7.89 -12.08 12.24
CA ILE B 224 7.98 -10.77 11.62
C ILE B 224 8.92 -9.89 12.43
N GLU B 225 8.81 -9.96 13.75
CA GLU B 225 9.66 -9.18 14.64
C GLU B 225 11.12 -9.60 14.43
N GLY B 226 11.34 -10.89 14.18
CA GLY B 226 12.69 -11.38 13.95
C GLY B 226 13.27 -10.81 12.67
N LEU B 227 12.45 -10.70 11.63
CA LEU B 227 12.92 -10.13 10.38
C LEU B 227 13.37 -8.71 10.67
N LYS B 228 12.55 -7.98 11.42
CA LYS B 228 12.89 -6.60 11.78
C LYS B 228 14.17 -6.56 12.61
N PHE B 229 14.28 -7.45 13.58
CA PHE B 229 15.48 -7.49 14.43
C PHE B 229 16.74 -7.61 13.58
N VAL B 230 16.72 -8.54 12.62
CA VAL B 230 17.89 -8.72 11.77
C VAL B 230 18.12 -7.47 10.94
N ARG B 231 17.05 -6.89 10.42
CA ARG B 231 17.16 -5.68 9.61
C ARG B 231 17.84 -4.55 10.37
N PHE B 232 17.40 -4.34 11.60
CA PHE B 232 17.94 -3.27 12.44
C PHE B 232 19.28 -3.55 13.13
N HIS B 233 19.76 -4.80 13.06
CA HIS B 233 21.00 -5.14 13.74
C HIS B 233 22.10 -5.74 12.87
N SER B 234 21.92 -5.71 11.56
CA SER B 234 22.92 -6.23 10.64
C SER B 234 22.98 -5.27 9.46
N PRO B 235 24.17 -5.11 8.85
CA PRO B 235 24.45 -4.23 7.72
C PRO B 235 23.84 -4.45 6.34
N PHE B 236 23.32 -5.64 6.06
CA PHE B 236 22.77 -5.90 4.73
C PHE B 236 21.26 -5.83 4.60
N PRO B 237 20.76 -5.49 3.39
CA PRO B 237 19.31 -5.40 3.17
C PRO B 237 18.67 -6.75 3.41
N VAL B 238 17.64 -6.78 4.25
CA VAL B 238 16.94 -8.03 4.55
C VAL B 238 15.65 -8.13 3.76
N ALA B 239 15.37 -9.33 3.24
CA ALA B 239 14.17 -9.57 2.45
C ALA B 239 13.23 -10.59 3.08
N ALA B 240 11.95 -10.41 2.82
CA ALA B 240 10.94 -11.36 3.28
C ALA B 240 10.64 -12.17 2.03
N ASP B 241 10.55 -13.49 2.18
CA ASP B 241 10.19 -14.36 1.07
C ASP B 241 9.00 -15.15 1.57
N GLU B 242 9.27 -16.19 2.35
CA GLU B 242 8.21 -17.01 2.89
C GLU B 242 7.22 -16.19 3.71
N SER B 243 7.68 -15.10 4.33
CA SER B 243 6.78 -14.25 5.13
C SER B 243 5.91 -13.32 4.27
N ALA B 244 6.24 -13.18 2.98
CA ALA B 244 5.49 -12.30 2.09
C ALA B 244 4.78 -13.05 0.97
N ARG B 245 3.58 -13.54 1.24
CA ARG B 245 2.84 -14.28 0.24
C ARG B 245 1.72 -13.46 -0.39
N THR B 246 1.01 -12.69 0.42
CA THR B 246 -0.11 -11.90 -0.08
C THR B 246 0.13 -10.39 0.06
N LYS B 247 -0.76 -9.60 -0.52
CA LYS B 247 -0.64 -8.14 -0.44
C LYS B 247 -0.88 -7.68 1.00
N PHE B 248 -1.65 -8.46 1.76
CA PHE B 248 -1.91 -8.11 3.15
C PHE B 248 -0.66 -8.35 3.98
N ASP B 249 0.11 -9.39 3.65
CA ASP B 249 1.35 -9.65 4.40
C ASP B 249 2.30 -8.47 4.18
N VAL B 250 2.36 -7.99 2.95
CA VAL B 250 3.25 -6.89 2.62
C VAL B 250 2.83 -5.59 3.30
N MET B 251 1.53 -5.27 3.29
CA MET B 251 1.08 -4.06 3.97
C MET B 251 1.52 -4.15 5.42
N ARG B 252 1.39 -5.33 6.02
CA ARG B 252 1.80 -5.50 7.42
C ARG B 252 3.32 -5.37 7.56
N LEU B 253 4.08 -5.98 6.67
CA LEU B 253 5.53 -5.87 6.75
C LEU B 253 5.96 -4.40 6.67
N VAL B 254 5.30 -3.62 5.80
CA VAL B 254 5.62 -2.20 5.66
C VAL B 254 5.26 -1.43 6.94
N LYS B 255 4.05 -1.65 7.43
CA LYS B 255 3.61 -0.97 8.65
C LYS B 255 4.61 -1.23 9.79
N GLU B 256 5.13 -2.46 9.86
CA GLU B 256 6.08 -2.80 10.92
C GLU B 256 7.53 -2.46 10.62
N GLU B 257 7.79 -1.99 9.40
CA GLU B 257 9.15 -1.63 8.98
C GLU B 257 10.05 -2.82 9.23
N ALA B 258 9.55 -4.01 8.93
CA ALA B 258 10.28 -5.25 9.15
C ALA B 258 11.38 -5.62 8.16
N VAL B 259 11.25 -5.20 6.90
CA VAL B 259 12.25 -5.57 5.90
C VAL B 259 12.58 -4.49 4.89
N ASP B 260 13.75 -4.61 4.26
CA ASP B 260 14.18 -3.66 3.23
C ASP B 260 13.64 -4.15 1.90
N TYR B 261 13.52 -5.46 1.76
CA TYR B 261 13.05 -6.08 0.52
C TYR B 261 11.96 -7.11 0.70
N VAL B 262 11.20 -7.30 -0.37
CA VAL B 262 10.21 -8.35 -0.43
C VAL B 262 10.55 -9.07 -1.74
N ASN B 263 10.66 -10.38 -1.66
CA ASN B 263 10.92 -11.20 -2.83
C ASN B 263 9.56 -11.65 -3.35
N ILE B 264 9.05 -11.00 -4.38
CA ILE B 264 7.77 -11.38 -4.94
C ILE B 264 7.90 -12.65 -5.77
N LYS B 265 6.91 -13.52 -5.67
CA LYS B 265 6.87 -14.73 -6.47
C LYS B 265 5.42 -14.88 -6.90
N LEU B 266 5.20 -14.96 -8.20
CA LEU B 266 3.84 -15.12 -8.71
C LEU B 266 3.26 -16.42 -8.13
N MET B 267 4.11 -17.42 -7.88
CA MET B 267 3.63 -18.69 -7.33
C MET B 267 3.08 -18.53 -5.91
N LYS B 268 3.46 -17.44 -5.24
CA LYS B 268 2.95 -17.19 -3.89
C LYS B 268 1.77 -16.24 -3.93
N SER B 269 1.87 -15.22 -4.78
CA SER B 269 0.86 -14.17 -4.86
C SER B 269 -0.14 -14.14 -6.01
N GLY B 270 0.20 -14.75 -7.13
CA GLY B 270 -0.68 -14.68 -8.28
C GLY B 270 -0.41 -13.32 -8.91
N ILE B 271 -1.01 -13.03 -10.06
CA ILE B 271 -0.78 -11.74 -10.70
C ILE B 271 -1.43 -10.60 -9.93
N SER B 272 -2.65 -10.84 -9.45
CA SER B 272 -3.41 -9.82 -8.71
C SER B 272 -2.66 -9.25 -7.50
N ASP B 273 -2.26 -10.11 -6.57
CA ASP B 273 -1.55 -9.62 -5.39
C ASP B 273 -0.16 -9.08 -5.76
N ALA B 274 0.47 -9.64 -6.80
CA ALA B 274 1.79 -9.18 -7.20
C ALA B 274 1.71 -7.72 -7.67
N LEU B 275 0.64 -7.38 -8.37
CA LEU B 275 0.47 -6.00 -8.84
C LEU B 275 0.24 -5.08 -7.64
N ALA B 276 -0.49 -5.56 -6.64
CA ALA B 276 -0.74 -4.77 -5.44
C ALA B 276 0.58 -4.55 -4.69
N ILE B 277 1.40 -5.59 -4.60
CA ILE B 277 2.69 -5.46 -3.91
C ILE B 277 3.61 -4.47 -4.63
N VAL B 278 3.62 -4.50 -5.95
CA VAL B 278 4.45 -3.56 -6.72
C VAL B 278 4.06 -2.13 -6.35
N GLU B 279 2.76 -1.85 -6.35
CA GLU B 279 2.26 -0.53 -6.00
C GLU B 279 2.55 -0.16 -4.55
N ILE B 280 2.44 -1.12 -3.64
CA ILE B 280 2.71 -0.85 -2.24
C ILE B 280 4.18 -0.46 -2.08
N ALA B 281 5.05 -1.22 -2.72
CA ALA B 281 6.49 -0.93 -2.64
C ALA B 281 6.83 0.44 -3.23
N GLU B 282 6.20 0.80 -4.34
CA GLU B 282 6.50 2.09 -4.96
C GLU B 282 5.93 3.27 -4.15
N SER B 283 5.03 2.97 -3.22
CA SER B 283 4.43 4.01 -2.38
C SER B 283 5.07 4.04 -0.99
N SER B 284 6.14 3.26 -0.81
CA SER B 284 6.84 3.21 0.47
C SER B 284 8.36 3.07 0.28
N GLY B 285 9.07 2.82 1.36
CA GLY B 285 10.51 2.67 1.25
C GLY B 285 10.90 1.26 0.84
N LEU B 286 9.92 0.41 0.65
CA LEU B 286 10.15 -0.98 0.27
C LEU B 286 10.77 -1.16 -1.11
N LYS B 287 11.68 -2.12 -1.22
CA LYS B 287 12.28 -2.41 -2.52
C LYS B 287 11.93 -3.86 -2.84
N LEU B 288 11.94 -4.21 -4.12
CA LEU B 288 11.57 -5.56 -4.54
C LEU B 288 12.56 -6.31 -5.39
N MET B 289 12.41 -7.64 -5.35
CA MET B 289 13.19 -8.55 -6.18
C MET B 289 12.11 -9.55 -6.58
N ILE B 290 12.30 -10.25 -7.68
CA ILE B 290 11.31 -11.23 -8.09
C ILE B 290 12.00 -12.59 -8.15
N GLY B 291 11.33 -13.62 -7.65
CA GLY B 291 11.92 -14.94 -7.62
C GLY B 291 11.07 -16.00 -8.29
N CYS B 292 11.40 -17.27 -8.02
CA CYS B 292 10.68 -18.39 -8.61
C CYS B 292 10.73 -19.62 -7.70
N MET B 293 9.94 -20.62 -8.04
CA MET B 293 9.90 -21.86 -7.30
C MET B 293 10.64 -22.89 -8.16
N GLY B 294 9.88 -23.71 -8.89
CA GLY B 294 10.47 -24.71 -9.75
C GLY B 294 9.93 -24.66 -11.18
N GLU B 295 9.56 -23.46 -11.64
CA GLU B 295 9.01 -23.28 -12.98
C GLU B 295 9.93 -23.74 -14.11
N SER B 296 9.31 -24.18 -15.21
CA SER B 296 10.05 -24.58 -16.40
C SER B 296 10.09 -23.28 -17.20
N SER B 297 10.57 -23.33 -18.44
CA SER B 297 10.66 -22.12 -19.25
C SER B 297 9.29 -21.48 -19.48
N LEU B 298 8.27 -22.31 -19.67
CA LEU B 298 6.92 -21.78 -19.88
C LEU B 298 6.51 -21.00 -18.66
N GLY B 299 6.83 -21.53 -17.48
CA GLY B 299 6.48 -20.88 -16.24
C GLY B 299 7.26 -19.60 -15.95
N ILE B 300 8.56 -19.63 -16.23
CA ILE B 300 9.39 -18.46 -15.97
C ILE B 300 8.95 -17.33 -16.90
N ASN B 301 8.39 -17.69 -18.04
CA ASN B 301 7.91 -16.69 -19.00
C ASN B 301 6.95 -15.71 -18.30
N GLN B 302 6.16 -16.24 -17.36
CA GLN B 302 5.20 -15.42 -16.62
C GLN B 302 5.91 -14.33 -15.82
N SER B 303 7.00 -14.69 -15.14
CA SER B 303 7.74 -13.72 -14.35
C SER B 303 8.54 -12.75 -15.21
N VAL B 304 9.05 -13.22 -16.35
CA VAL B 304 9.82 -12.35 -17.24
C VAL B 304 8.93 -11.24 -17.77
N HIS B 305 7.72 -11.60 -18.22
CA HIS B 305 6.81 -10.58 -18.73
C HIS B 305 6.37 -9.62 -17.62
N PHE B 306 6.26 -10.14 -16.41
CA PHE B 306 5.85 -9.31 -15.27
C PHE B 306 6.98 -8.34 -14.94
N ALA B 307 8.21 -8.83 -14.90
CA ALA B 307 9.37 -7.98 -14.60
C ALA B 307 9.59 -6.93 -15.68
N LEU B 308 9.57 -7.36 -16.94
CA LEU B 308 9.76 -6.43 -18.06
C LEU B 308 8.68 -5.36 -18.07
N GLY B 309 7.43 -5.78 -17.86
CA GLY B 309 6.33 -4.83 -17.88
C GLY B 309 6.32 -3.80 -16.78
N THR B 310 6.46 -4.26 -15.54
CA THR B 310 6.45 -3.35 -14.39
C THR B 310 7.82 -2.71 -14.17
N GLY B 311 8.87 -3.43 -14.50
CA GLY B 311 10.22 -2.93 -14.31
C GLY B 311 10.39 -2.51 -12.85
N ALA B 312 9.70 -3.21 -11.96
CA ALA B 312 9.73 -2.88 -10.54
C ALA B 312 10.78 -3.57 -9.66
N PHE B 313 11.66 -4.35 -10.25
CA PHE B 313 12.63 -5.09 -9.46
C PHE B 313 14.10 -4.69 -9.57
N GLU B 314 14.80 -4.70 -8.43
CA GLU B 314 16.21 -4.36 -8.37
C GLU B 314 17.03 -5.61 -8.70
N PHE B 315 16.47 -6.76 -8.39
CA PHE B 315 17.12 -8.03 -8.67
C PHE B 315 16.11 -9.05 -9.15
N HIS B 316 16.57 -9.96 -10.00
CA HIS B 316 15.70 -11.00 -10.52
C HIS B 316 16.36 -12.35 -10.31
N ASP B 317 15.65 -13.25 -9.63
CA ASP B 317 16.13 -14.60 -9.38
C ASP B 317 15.15 -15.53 -10.12
N LEU B 318 15.34 -15.64 -11.43
CA LEU B 318 14.49 -16.45 -12.28
C LEU B 318 15.37 -17.44 -13.03
N ASP B 319 15.90 -18.40 -12.28
CA ASP B 319 16.80 -19.40 -12.84
C ASP B 319 16.35 -20.85 -12.72
N SER B 320 15.14 -21.08 -12.24
CA SER B 320 14.66 -22.45 -12.07
C SER B 320 14.69 -23.23 -13.39
N HIS B 321 14.43 -22.55 -14.49
CA HIS B 321 14.43 -23.21 -15.79
C HIS B 321 15.85 -23.47 -16.29
N LEU B 322 16.82 -22.79 -15.69
CA LEU B 322 18.21 -22.95 -16.08
C LEU B 322 18.86 -24.19 -15.46
N MET B 323 18.26 -24.72 -14.40
CA MET B 323 18.80 -25.90 -13.74
C MET B 323 17.94 -27.13 -14.01
N LEU B 324 17.12 -27.05 -15.04
CA LEU B 324 16.24 -28.14 -15.41
C LEU B 324 16.55 -28.66 -16.80
N LYS B 325 16.51 -29.98 -16.95
CA LYS B 325 16.74 -30.59 -18.25
C LYS B 325 15.38 -30.47 -18.94
N GLU B 326 15.31 -29.61 -19.95
CA GLU B 326 14.07 -29.38 -20.67
C GLU B 326 14.26 -29.57 -22.17
N GLU B 327 13.48 -30.49 -22.74
CA GLU B 327 13.53 -30.80 -24.15
C GLU B 327 13.73 -29.54 -24.99
N VAL B 328 12.74 -28.64 -24.96
CA VAL B 328 12.84 -27.41 -25.74
C VAL B 328 12.33 -26.17 -25.00
N PHE B 329 12.86 -25.02 -25.38
CA PHE B 329 12.47 -23.74 -24.79
C PHE B 329 11.02 -23.43 -25.14
N ARG B 330 10.24 -23.02 -24.14
CA ARG B 330 8.83 -22.71 -24.37
C ARG B 330 8.41 -21.34 -23.87
N GLY B 331 9.37 -20.45 -23.63
CA GLY B 331 9.04 -19.13 -23.16
C GLY B 331 8.84 -18.14 -24.29
N LYS B 332 8.04 -17.10 -24.05
CA LYS B 332 7.80 -16.07 -25.06
C LYS B 332 8.72 -14.90 -24.78
N PHE B 333 10.01 -15.21 -24.67
CA PHE B 333 11.04 -14.22 -24.40
C PHE B 333 12.34 -14.82 -24.90
N ILE B 334 13.38 -13.98 -24.98
CA ILE B 334 14.68 -14.43 -25.44
C ILE B 334 15.63 -14.60 -24.26
N GLN B 335 16.23 -15.77 -24.16
CA GLN B 335 17.18 -16.05 -23.09
C GLN B 335 18.56 -15.96 -23.72
N ASP B 336 19.35 -15.00 -23.23
CA ASP B 336 20.70 -14.78 -23.74
C ASP B 336 21.66 -14.69 -22.57
N GLY B 337 22.12 -15.84 -22.09
CA GLY B 337 23.02 -15.87 -20.96
C GLY B 337 22.23 -15.43 -19.73
N PRO B 338 22.76 -14.50 -18.93
CA PRO B 338 22.04 -14.03 -17.74
C PRO B 338 20.90 -13.08 -18.12
N ARG B 339 20.91 -12.63 -19.36
CA ARG B 339 19.91 -11.69 -19.86
C ARG B 339 18.67 -12.32 -20.47
N MET B 340 17.55 -11.64 -20.32
CA MET B 340 16.27 -12.08 -20.87
C MET B 340 15.64 -10.87 -21.51
N ARG B 341 15.23 -11.00 -22.77
CA ARG B 341 14.64 -9.88 -23.48
C ARG B 341 13.31 -10.18 -24.15
N VAL B 342 12.64 -9.11 -24.55
CA VAL B 342 11.35 -9.18 -25.22
C VAL B 342 11.57 -9.47 -26.71
N LYS B 343 10.65 -10.20 -27.31
CA LYS B 343 10.71 -10.55 -28.73
C LYS B 343 10.14 -9.46 -29.63
N ARG C 3 1.28 -48.82 16.66
CA ARG C 3 1.71 -48.08 15.43
C ARG C 3 0.62 -48.02 14.37
N ILE C 4 0.62 -46.92 13.61
CA ILE C 4 -0.36 -46.74 12.55
C ILE C 4 0.06 -47.60 11.36
N VAL C 5 -0.86 -48.42 10.85
CA VAL C 5 -0.57 -49.27 9.70
C VAL C 5 -1.33 -48.83 8.48
N ASN C 6 -2.35 -48.00 8.66
CA ASN C 6 -3.12 -47.52 7.52
C ASN C 6 -4.02 -46.34 7.85
N VAL C 7 -4.23 -45.51 6.83
CA VAL C 7 -5.07 -44.32 6.95
C VAL C 7 -5.99 -44.30 5.75
N LYS C 8 -7.27 -44.07 5.98
CA LYS C 8 -8.24 -44.04 4.89
C LYS C 8 -9.12 -42.80 4.88
N LEU C 9 -9.32 -42.26 3.68
CA LEU C 9 -10.18 -41.08 3.49
C LEU C 9 -11.38 -41.49 2.65
N SER C 10 -12.56 -41.01 3.00
CA SER C 10 -13.75 -41.34 2.24
C SER C 10 -14.76 -40.22 2.31
N LEU C 11 -15.30 -39.87 1.14
CA LEU C 11 -16.29 -38.81 1.04
C LEU C 11 -17.62 -39.22 1.67
N LYS C 12 -18.23 -38.30 2.42
CA LYS C 12 -19.51 -38.54 3.07
C LYS C 12 -20.34 -37.27 2.90
N ARG C 13 -21.49 -37.39 2.26
CA ARG C 13 -22.36 -36.25 2.03
C ARG C 13 -23.54 -36.24 3.00
N TYR C 14 -23.90 -35.05 3.46
CA TYR C 14 -25.02 -34.89 4.38
C TYR C 14 -25.86 -33.73 3.87
N GLU C 15 -27.18 -33.86 3.94
CA GLU C 15 -28.07 -32.83 3.45
C GLU C 15 -28.64 -31.95 4.56
N TYR C 16 -28.61 -30.64 4.36
CA TYR C 16 -29.17 -29.70 5.33
C TYR C 16 -30.70 -29.83 5.23
N GLU C 17 -31.38 -29.77 6.37
CA GLU C 17 -32.84 -29.87 6.39
C GLU C 17 -33.40 -28.81 5.46
N LYS C 18 -32.75 -27.65 5.43
CA LYS C 18 -33.16 -26.57 4.55
C LYS C 18 -31.91 -25.76 4.22
N PRO C 19 -31.88 -25.10 3.06
CA PRO C 19 -30.72 -24.30 2.66
C PRO C 19 -30.27 -23.37 3.78
N PHE C 20 -29.00 -23.46 4.14
CA PHE C 20 -28.44 -22.63 5.22
C PHE C 20 -27.80 -21.38 4.62
N HIS C 21 -28.36 -20.23 4.94
CA HIS C 21 -27.87 -18.96 4.40
C HIS C 21 -27.12 -18.08 5.40
N ILE C 22 -25.90 -17.70 5.03
CA ILE C 22 -25.07 -16.80 5.83
C ILE C 22 -24.53 -15.78 4.85
N THR C 23 -23.97 -14.69 5.36
CA THR C 23 -23.41 -13.66 4.50
C THR C 23 -22.54 -14.24 3.40
N GLY C 24 -22.90 -13.92 2.16
CA GLY C 24 -22.17 -14.37 0.99
C GLY C 24 -22.10 -15.87 0.73
N SER C 25 -23.08 -16.62 1.24
CA SER C 25 -23.03 -18.07 1.04
C SER C 25 -24.31 -18.82 1.42
N VAL C 26 -24.68 -19.77 0.56
CA VAL C 26 -25.86 -20.60 0.80
C VAL C 26 -25.48 -22.06 0.54
N SER C 27 -25.82 -22.93 1.47
CA SER C 27 -25.51 -24.35 1.30
C SER C 27 -26.69 -25.23 1.66
N SER C 28 -26.86 -26.30 0.90
CA SER C 28 -27.94 -27.23 1.16
C SER C 28 -27.34 -28.63 1.35
N GLU C 29 -26.04 -28.75 1.12
CA GLU C 29 -25.35 -30.02 1.29
C GLU C 29 -23.98 -29.80 1.89
N SER C 30 -23.58 -30.69 2.81
CA SER C 30 -22.28 -30.59 3.44
C SER C 30 -21.48 -31.81 2.98
N ARG C 31 -20.36 -31.59 2.32
CA ARG C 31 -19.52 -32.69 1.83
C ARG C 31 -18.29 -32.82 2.70
N ASN C 32 -18.26 -33.87 3.51
CA ASN C 32 -17.16 -34.08 4.43
C ASN C 32 -16.24 -35.23 4.04
N VAL C 33 -15.11 -35.31 4.72
CA VAL C 33 -14.16 -36.38 4.46
C VAL C 33 -13.93 -37.10 5.77
N GLU C 34 -14.36 -38.34 5.84
CA GLU C 34 -14.18 -39.13 7.04
C GLU C 34 -12.78 -39.72 7.02
N VAL C 35 -12.12 -39.72 8.17
CA VAL C 35 -10.77 -40.27 8.27
C VAL C 35 -10.73 -41.45 9.24
N GLU C 36 -10.11 -42.54 8.80
CA GLU C 36 -9.98 -43.73 9.63
C GLU C 36 -8.50 -44.08 9.76
N ILE C 37 -8.03 -44.17 11.00
CA ILE C 37 -6.66 -44.55 11.25
C ILE C 37 -6.72 -45.95 11.81
N VAL C 38 -5.92 -46.86 11.24
CA VAL C 38 -5.91 -48.24 11.70
C VAL C 38 -4.55 -48.59 12.28
N LEU C 39 -4.56 -49.13 13.51
CA LEU C 39 -3.34 -49.51 14.19
C LEU C 39 -2.97 -50.98 13.98
N GLU C 40 -1.69 -51.28 14.18
CA GLU C 40 -1.18 -52.64 14.05
C GLU C 40 -2.05 -53.55 14.90
N SER C 41 -2.39 -53.06 16.10
CA SER C 41 -3.21 -53.81 17.04
C SER C 41 -4.63 -54.07 16.54
N GLY C 42 -5.02 -53.36 15.49
CA GLY C 42 -6.36 -53.55 14.96
C GLY C 42 -7.30 -52.45 15.45
N VAL C 43 -6.85 -51.66 16.41
CA VAL C 43 -7.66 -50.57 16.93
C VAL C 43 -7.85 -49.56 15.80
N LYS C 44 -9.06 -49.02 15.70
CA LYS C 44 -9.36 -48.03 14.66
C LYS C 44 -9.82 -46.70 15.25
N GLY C 45 -9.23 -45.61 14.77
CA GLY C 45 -9.59 -44.28 15.24
C GLY C 45 -10.29 -43.54 14.11
N TYR C 46 -11.26 -42.69 14.46
CA TYR C 46 -12.02 -41.95 13.45
C TYR C 46 -12.05 -40.45 13.68
N GLY C 47 -12.15 -39.72 12.58
CA GLY C 47 -12.23 -38.27 12.63
C GLY C 47 -13.01 -37.81 11.42
N GLU C 48 -13.38 -36.55 11.37
CA GLU C 48 -14.12 -36.03 10.22
C GLU C 48 -13.65 -34.63 9.85
N ALA C 49 -13.34 -34.46 8.57
CA ALA C 49 -12.92 -33.17 8.05
C ALA C 49 -14.13 -32.54 7.37
N SER C 50 -14.45 -31.30 7.73
CA SER C 50 -15.56 -30.59 7.12
C SER C 50 -14.87 -29.34 6.56
N PRO C 51 -14.30 -29.47 5.35
CA PRO C 51 -13.58 -28.40 4.65
C PRO C 51 -14.40 -27.17 4.30
N SER C 52 -13.73 -26.03 4.23
CA SER C 52 -14.37 -24.78 3.91
C SER C 52 -13.58 -24.03 2.85
N PHE C 53 -14.19 -23.84 1.68
CA PHE C 53 -13.53 -23.12 0.60
C PHE C 53 -13.44 -21.65 1.02
N ARG C 54 -14.57 -21.09 1.46
CA ARG C 54 -14.65 -19.69 1.88
C ARG C 54 -13.68 -19.32 3.00
N VAL C 55 -13.60 -20.13 4.04
CA VAL C 55 -12.73 -19.82 5.16
C VAL C 55 -11.30 -20.35 5.04
N ASN C 56 -11.13 -21.62 4.68
CA ASN C 56 -9.79 -22.21 4.58
C ASN C 56 -9.26 -22.35 3.16
N GLY C 57 -10.08 -22.03 2.15
CA GLY C 57 -9.63 -22.16 0.77
C GLY C 57 -9.58 -23.62 0.31
N GLU C 58 -10.14 -24.52 1.12
CA GLU C 58 -10.15 -25.96 0.84
C GLU C 58 -11.25 -26.39 -0.14
N ARG C 59 -11.00 -27.51 -0.80
CA ARG C 59 -11.99 -28.10 -1.70
C ARG C 59 -11.95 -29.60 -1.38
N VAL C 60 -13.12 -30.18 -1.17
CA VAL C 60 -13.21 -31.60 -0.84
C VAL C 60 -12.44 -32.51 -1.80
N GLU C 61 -12.57 -32.28 -3.11
CA GLU C 61 -11.86 -33.09 -4.09
C GLU C 61 -10.36 -33.08 -3.81
N ALA C 62 -9.85 -31.91 -3.40
CA ALA C 62 -8.43 -31.78 -3.10
C ALA C 62 -8.04 -32.58 -1.85
N LEU C 63 -8.90 -32.59 -0.83
CA LEU C 63 -8.58 -33.35 0.36
C LEU C 63 -8.43 -34.84 -0.01
N LEU C 64 -9.43 -35.37 -0.70
CA LEU C 64 -9.42 -36.78 -1.11
C LEU C 64 -8.22 -37.14 -1.98
N ALA C 65 -7.72 -36.20 -2.78
CA ALA C 65 -6.59 -36.47 -3.66
C ALA C 65 -5.25 -36.71 -2.95
N ILE C 66 -5.13 -36.27 -1.70
CA ILE C 66 -3.86 -36.48 -1.02
C ILE C 66 -3.85 -37.60 0.03
N GLU C 67 -4.81 -38.52 -0.10
CA GLU C 67 -4.90 -39.65 0.82
C GLU C 67 -3.57 -40.37 0.97
N ASN C 68 -2.95 -40.71 -0.16
CA ASN C 68 -1.67 -41.42 -0.10
C ASN C 68 -0.60 -40.63 0.63
N ALA C 69 -0.48 -39.35 0.32
CA ALA C 69 0.52 -38.50 0.96
C ALA C 69 0.31 -38.48 2.47
N VAL C 70 -0.94 -38.39 2.91
CA VAL C 70 -1.23 -38.36 4.33
C VAL C 70 -0.83 -39.71 4.95
N ARG C 71 -1.19 -40.80 4.29
CA ARG C 71 -0.85 -42.12 4.79
C ARG C 71 0.67 -42.22 4.95
N GLU C 72 1.40 -41.79 3.94
CA GLU C 72 2.85 -41.83 3.96
C GLU C 72 3.44 -41.06 5.15
N MET C 73 2.86 -39.90 5.42
CA MET C 73 3.33 -39.02 6.48
C MET C 73 3.30 -39.59 7.90
N ILE C 74 2.30 -40.41 8.21
CA ILE C 74 2.19 -40.91 9.56
C ILE C 74 2.19 -42.41 9.81
N THR C 75 2.19 -43.24 8.77
CA THR C 75 2.21 -44.68 9.02
C THR C 75 3.53 -45.05 9.67
N GLY C 76 3.47 -46.00 10.59
CA GLY C 76 4.68 -46.42 11.28
C GLY C 76 4.89 -45.70 12.59
N ILE C 77 4.13 -44.64 12.84
CA ILE C 77 4.28 -43.90 14.09
C ILE C 77 3.31 -44.45 15.12
N ASP C 78 3.79 -44.65 16.34
CA ASP C 78 2.94 -45.16 17.40
C ASP C 78 2.11 -44.00 17.94
N VAL C 79 0.81 -44.23 18.14
CA VAL C 79 -0.06 -43.17 18.62
C VAL C 79 0.29 -42.59 20.00
N ARG C 80 1.15 -43.26 20.77
CA ARG C 80 1.49 -42.73 22.07
C ARG C 80 2.46 -41.56 21.91
N ASN C 81 3.07 -41.47 20.73
CA ASN C 81 3.97 -40.36 20.40
C ASN C 81 3.12 -39.39 19.56
N TYR C 82 1.89 -39.11 20.02
CA TYR C 82 0.98 -38.26 19.27
C TYR C 82 1.51 -36.86 18.94
N ALA C 83 2.43 -36.33 19.74
CA ALA C 83 2.98 -35.01 19.46
C ALA C 83 3.80 -35.02 18.18
N ARG C 84 4.31 -36.18 17.78
CA ARG C 84 5.07 -36.26 16.53
C ARG C 84 4.08 -36.21 15.39
N ILE C 85 2.96 -36.91 15.54
CA ILE C 85 1.92 -36.91 14.52
C ILE C 85 1.38 -35.49 14.38
N PHE C 86 1.25 -34.79 15.50
CA PHE C 86 0.76 -33.42 15.52
C PHE C 86 1.69 -32.47 14.75
N GLU C 87 2.99 -32.57 15.00
CA GLU C 87 3.94 -31.72 14.32
C GLU C 87 3.99 -32.00 12.82
N ILE C 88 3.88 -33.26 12.45
CA ILE C 88 3.90 -33.64 11.04
C ILE C 88 2.65 -33.14 10.33
N THR C 89 1.50 -33.37 10.93
CA THR C 89 0.26 -32.94 10.31
C THR C 89 0.07 -31.43 10.34
N ASP C 90 0.91 -30.73 11.08
CA ASP C 90 0.84 -29.27 11.12
C ASP C 90 1.31 -28.73 9.76
N ARG C 91 1.97 -29.60 8.98
CA ARG C 91 2.46 -29.20 7.66
C ARG C 91 1.30 -29.12 6.68
N LEU C 92 0.17 -29.70 7.07
CA LEU C 92 -1.02 -29.68 6.24
C LEU C 92 -1.81 -28.39 6.49
N PHE C 93 -1.11 -27.27 6.66
CA PHE C 93 -1.79 -26.01 6.92
C PHE C 93 -2.69 -25.61 5.77
N GLY C 94 -2.48 -26.23 4.61
CA GLY C 94 -3.30 -25.95 3.45
C GLY C 94 -4.52 -26.85 3.43
N PHE C 95 -4.59 -27.79 4.37
CA PHE C 95 -5.72 -28.71 4.48
C PHE C 95 -6.04 -28.82 5.97
N PRO C 96 -6.36 -27.67 6.61
CA PRO C 96 -6.68 -27.65 8.04
C PRO C 96 -7.73 -28.59 8.58
N SER C 97 -8.79 -28.84 7.81
CA SER C 97 -9.83 -29.74 8.32
C SER C 97 -9.32 -31.18 8.34
N LEU C 98 -8.46 -31.53 7.39
CA LEU C 98 -7.90 -32.87 7.33
C LEU C 98 -6.92 -32.99 8.50
N LYS C 99 -6.17 -31.92 8.73
CA LYS C 99 -5.23 -31.87 9.84
C LYS C 99 -6.00 -32.17 11.12
N ALA C 100 -7.18 -31.57 11.27
CA ALA C 100 -8.00 -31.78 12.45
C ALA C 100 -8.46 -33.24 12.57
N ALA C 101 -9.03 -33.77 11.50
CA ALA C 101 -9.54 -35.15 11.47
C ALA C 101 -8.46 -36.18 11.83
N VAL C 102 -7.28 -36.03 11.24
CA VAL C 102 -6.17 -36.95 11.50
C VAL C 102 -5.72 -36.84 12.94
N GLN C 103 -5.52 -35.62 13.43
CA GLN C 103 -5.08 -35.45 14.80
C GLN C 103 -6.13 -36.00 15.76
N PHE C 104 -7.41 -35.82 15.48
CA PHE C 104 -8.41 -36.36 16.38
C PHE C 104 -8.48 -37.88 16.27
N ALA C 105 -8.38 -38.40 15.05
CA ALA C 105 -8.44 -39.85 14.86
C ALA C 105 -7.34 -40.47 15.70
N THR C 106 -6.20 -39.77 15.75
CA THR C 106 -5.04 -40.21 16.51
C THR C 106 -5.36 -40.32 18.00
N LEU C 107 -5.97 -39.28 18.57
CA LEU C 107 -6.31 -39.30 19.99
C LEU C 107 -7.42 -40.30 20.27
N ASP C 108 -8.29 -40.51 19.28
CA ASP C 108 -9.38 -41.46 19.42
C ASP C 108 -8.79 -42.87 19.55
N ALA C 109 -7.83 -43.19 18.69
CA ALA C 109 -7.17 -44.49 18.74
C ALA C 109 -6.37 -44.63 20.03
N LEU C 110 -5.67 -43.57 20.41
CA LEU C 110 -4.86 -43.58 21.63
C LEU C 110 -5.70 -43.81 22.86
N SER C 111 -6.80 -43.05 22.97
CA SER C 111 -7.68 -43.17 24.12
C SER C 111 -8.26 -44.58 24.23
N GLN C 112 -8.48 -45.23 23.10
CA GLN C 112 -9.01 -46.60 23.14
C GLN C 112 -7.95 -47.53 23.73
N GLU C 113 -6.71 -47.38 23.30
CA GLU C 113 -5.64 -48.21 23.83
C GLU C 113 -5.47 -48.03 25.34
N LEU C 114 -5.63 -46.80 25.81
CA LEU C 114 -5.47 -46.52 27.23
C LEU C 114 -6.73 -46.84 28.03
N GLY C 115 -7.82 -47.17 27.35
CA GLY C 115 -9.05 -47.49 28.03
C GLY C 115 -9.79 -46.30 28.60
N THR C 116 -9.71 -45.15 27.92
CA THR C 116 -10.39 -43.97 28.41
C THR C 116 -11.06 -43.22 27.24
N GLN C 117 -11.36 -41.95 27.41
CA GLN C 117 -11.99 -41.17 26.33
C GLN C 117 -11.15 -39.96 26.03
N VAL C 118 -11.31 -39.39 24.84
CA VAL C 118 -10.52 -38.23 24.45
C VAL C 118 -10.68 -37.06 25.42
N CYS C 119 -11.91 -36.79 25.86
CA CYS C 119 -12.14 -35.68 26.79
C CYS C 119 -11.30 -35.81 28.07
N TYR C 120 -11.11 -37.04 28.53
CA TYR C 120 -10.33 -37.26 29.73
C TYR C 120 -8.85 -37.04 29.46
N LEU C 121 -8.41 -37.41 28.27
CA LEU C 121 -7.02 -37.21 27.87
C LEU C 121 -6.72 -35.70 27.88
N LEU C 122 -7.74 -34.91 27.58
CA LEU C 122 -7.57 -33.46 27.51
C LEU C 122 -7.81 -32.73 28.82
N GLY C 123 -8.05 -33.47 29.90
CA GLY C 123 -8.28 -32.83 31.18
C GLY C 123 -9.53 -33.23 31.92
N GLY C 124 -10.55 -33.70 31.21
CA GLY C 124 -11.79 -34.09 31.88
C GLY C 124 -12.36 -32.99 32.75
N LYS C 125 -12.17 -31.75 32.34
CA LYS C 125 -12.64 -30.59 33.09
C LYS C 125 -14.14 -30.56 33.37
N ARG C 126 -14.96 -30.86 32.37
CA ARG C 126 -16.42 -30.83 32.53
C ARG C 126 -17.13 -32.11 32.12
N ASP C 127 -18.32 -32.32 32.66
CA ASP C 127 -19.09 -33.50 32.30
C ASP C 127 -20.21 -33.14 31.35
N GLU C 128 -20.58 -31.86 31.32
CA GLU C 128 -21.64 -31.40 30.43
C GLU C 128 -21.42 -29.99 29.89
N ILE C 129 -21.81 -29.78 28.64
CA ILE C 129 -21.72 -28.47 27.99
C ILE C 129 -23.06 -28.26 27.29
N GLU C 130 -23.33 -27.02 26.89
CA GLU C 130 -24.58 -26.71 26.21
C GLU C 130 -24.31 -25.96 24.92
N THR C 131 -25.03 -26.31 23.87
CA THR C 131 -24.86 -25.65 22.58
C THR C 131 -26.03 -24.76 22.25
N ASP C 132 -25.76 -23.73 21.46
CA ASP C 132 -26.80 -22.83 21.02
C ASP C 132 -27.31 -23.48 19.75
N LYS C 133 -28.22 -22.79 19.06
CA LYS C 133 -28.73 -23.29 17.79
C LYS C 133 -28.80 -22.04 16.94
N THR C 134 -28.52 -22.20 15.65
CA THR C 134 -28.46 -21.08 14.73
C THR C 134 -29.67 -20.76 13.85
N VAL C 135 -29.95 -19.46 13.71
CA VAL C 135 -31.02 -18.98 12.85
C VAL C 135 -30.32 -18.37 11.64
N GLY C 136 -30.45 -19.04 10.49
CA GLY C 136 -29.82 -18.55 9.28
C GLY C 136 -30.53 -17.31 8.74
N ILE C 137 -29.90 -16.65 7.77
CA ILE C 137 -30.49 -15.46 7.17
C ILE C 137 -31.74 -15.83 6.37
N ASP C 138 -32.81 -15.05 6.58
CA ASP C 138 -34.07 -15.25 5.89
C ASP C 138 -34.87 -13.98 6.17
N THR C 139 -36.15 -13.95 5.80
CA THR C 139 -36.96 -12.77 6.06
C THR C 139 -37.11 -12.64 7.58
N VAL C 140 -37.39 -11.44 8.05
CA VAL C 140 -37.57 -11.22 9.49
C VAL C 140 -38.60 -12.22 9.99
N GLU C 141 -39.71 -12.28 9.27
CA GLU C 141 -40.81 -13.18 9.57
C GLU C 141 -40.35 -14.63 9.76
N ASN C 142 -39.60 -15.17 8.81
CA ASN C 142 -39.13 -16.54 8.92
C ASN C 142 -38.08 -16.69 10.02
N ARG C 143 -37.24 -15.68 10.20
CA ARG C 143 -36.21 -15.74 11.23
C ARG C 143 -36.87 -15.82 12.59
N VAL C 144 -37.89 -14.99 12.80
CA VAL C 144 -38.62 -14.99 14.07
C VAL C 144 -39.21 -16.38 14.30
N LYS C 145 -39.83 -16.92 13.26
CA LYS C 145 -40.44 -18.24 13.31
C LYS C 145 -39.44 -19.30 13.77
N GLU C 146 -38.26 -19.31 13.14
CA GLU C 146 -37.25 -20.30 13.48
C GLU C 146 -36.72 -20.11 14.91
N ALA C 147 -36.58 -18.86 15.33
CA ALA C 147 -36.10 -18.57 16.67
C ALA C 147 -37.07 -19.10 17.72
N LYS C 148 -38.36 -18.85 17.52
CA LYS C 148 -39.39 -19.33 18.45
C LYS C 148 -39.30 -20.84 18.56
N LYS C 149 -39.19 -21.51 17.42
CA LYS C 149 -39.09 -22.96 17.40
C LYS C 149 -37.89 -23.42 18.22
N ILE C 150 -36.74 -22.79 18.00
CA ILE C 150 -35.51 -23.12 18.70
C ILE C 150 -35.66 -22.89 20.20
N PHE C 151 -36.34 -21.80 20.55
CA PHE C 151 -36.56 -21.47 21.96
C PHE C 151 -37.43 -22.54 22.59
N GLU C 152 -38.45 -22.96 21.85
CA GLU C 152 -39.37 -23.98 22.34
C GLU C 152 -38.71 -25.34 22.48
N GLU C 153 -37.63 -25.58 21.75
CA GLU C 153 -36.93 -26.86 21.83
C GLU C 153 -36.02 -26.91 23.06
N GLY C 154 -35.97 -25.81 23.81
CA GLY C 154 -35.15 -25.79 25.01
C GLY C 154 -33.86 -25.00 24.95
N PHE C 155 -33.48 -24.53 23.77
CA PHE C 155 -32.24 -23.76 23.63
C PHE C 155 -32.39 -22.38 24.27
N ARG C 156 -31.40 -21.97 25.05
CA ARG C 156 -31.43 -20.67 25.70
C ARG C 156 -30.33 -19.74 25.21
N VAL C 157 -29.61 -20.20 24.18
CA VAL C 157 -28.57 -19.39 23.56
C VAL C 157 -28.90 -19.53 22.07
N ILE C 158 -29.31 -18.41 21.47
CA ILE C 158 -29.69 -18.41 20.07
C ILE C 158 -28.70 -17.60 19.23
N LYS C 159 -28.14 -18.25 18.20
CA LYS C 159 -27.18 -17.60 17.33
C LYS C 159 -27.91 -17.08 16.10
N ILE C 160 -27.82 -15.77 15.89
CA ILE C 160 -28.50 -15.12 14.79
C ILE C 160 -27.54 -14.65 13.70
N LYS C 161 -27.76 -15.10 12.48
CA LYS C 161 -26.92 -14.72 11.37
C LYS C 161 -27.40 -13.39 10.78
N VAL C 162 -26.46 -12.49 10.51
CA VAL C 162 -26.76 -11.17 9.92
C VAL C 162 -25.63 -10.82 8.97
N GLY C 163 -25.67 -9.60 8.42
CA GLY C 163 -24.58 -9.17 7.55
C GLY C 163 -24.87 -8.69 6.15
N GLU C 164 -26.07 -8.94 5.65
CA GLU C 164 -26.40 -8.53 4.29
C GLU C 164 -27.35 -7.35 4.17
N ASN C 165 -28.08 -7.05 5.25
CA ASN C 165 -29.03 -5.94 5.23
C ASN C 165 -29.11 -5.37 6.64
N LEU C 166 -28.32 -4.33 6.89
CA LEU C 166 -28.25 -3.71 8.20
C LEU C 166 -29.59 -3.40 8.83
N LYS C 167 -30.44 -2.67 8.11
CA LYS C 167 -31.75 -2.30 8.63
C LYS C 167 -32.59 -3.52 8.98
N GLU C 168 -32.62 -4.50 8.08
CA GLU C 168 -33.40 -5.69 8.32
C GLU C 168 -32.80 -6.55 9.44
N ASP C 169 -31.47 -6.57 9.54
CA ASP C 169 -30.80 -7.35 10.58
C ASP C 169 -31.18 -6.80 11.95
N ILE C 170 -31.20 -5.48 12.08
CA ILE C 170 -31.55 -4.82 13.33
C ILE C 170 -32.99 -5.21 13.70
N GLU C 171 -33.88 -5.11 12.71
CA GLU C 171 -35.29 -5.45 12.93
C GLU C 171 -35.41 -6.91 13.35
N ALA C 172 -34.74 -7.80 12.61
CA ALA C 172 -34.78 -9.23 12.90
C ALA C 172 -34.35 -9.53 14.34
N VAL C 173 -33.22 -8.98 14.77
CA VAL C 173 -32.74 -9.22 16.13
C VAL C 173 -33.72 -8.69 17.16
N GLU C 174 -34.30 -7.52 16.90
CA GLU C 174 -35.26 -6.95 17.84
C GLU C 174 -36.51 -7.80 17.93
N GLU C 175 -37.02 -8.26 16.79
CA GLU C 175 -38.22 -9.08 16.77
C GLU C 175 -37.98 -10.41 17.47
N ILE C 176 -36.81 -11.00 17.24
CA ILE C 176 -36.46 -12.28 17.85
C ILE C 176 -36.37 -12.12 19.36
N ALA C 177 -35.75 -11.03 19.81
CA ALA C 177 -35.59 -10.79 21.24
C ALA C 177 -36.94 -10.75 21.94
N LYS C 178 -37.90 -10.09 21.28
CA LYS C 178 -39.25 -9.93 21.80
C LYS C 178 -39.99 -11.24 22.06
N VAL C 179 -39.69 -12.29 21.31
CA VAL C 179 -40.37 -13.57 21.50
C VAL C 179 -39.52 -14.71 22.05
N THR C 180 -38.37 -14.41 22.62
CA THR C 180 -37.50 -15.44 23.19
C THR C 180 -36.95 -14.94 24.51
N ARG C 181 -37.77 -14.21 25.25
CA ARG C 181 -37.37 -13.66 26.53
C ARG C 181 -36.76 -14.71 27.45
N GLY C 182 -35.54 -14.44 27.90
CA GLY C 182 -34.85 -15.37 28.77
C GLY C 182 -33.65 -15.96 28.06
N ALA C 183 -33.64 -15.88 26.73
CA ALA C 183 -32.54 -16.42 25.96
C ALA C 183 -31.42 -15.41 25.80
N LYS C 184 -30.20 -15.90 25.61
CA LYS C 184 -29.05 -15.06 25.38
C LYS C 184 -28.85 -15.10 23.87
N TYR C 185 -28.24 -14.07 23.30
CA TYR C 185 -28.08 -14.01 21.86
C TYR C 185 -26.65 -13.84 21.37
N ILE C 186 -26.31 -14.56 20.31
CA ILE C 186 -24.99 -14.43 19.68
C ILE C 186 -25.31 -13.97 18.27
N VAL C 187 -24.70 -12.87 17.84
CA VAL C 187 -24.95 -12.35 16.50
C VAL C 187 -23.69 -12.55 15.66
N ASP C 188 -23.86 -13.16 14.50
CA ASP C 188 -22.73 -13.46 13.61
C ASP C 188 -22.93 -12.83 12.24
N ALA C 189 -22.09 -11.86 11.91
CA ALA C 189 -22.17 -11.15 10.63
C ALA C 189 -21.36 -11.78 9.51
N ASN C 190 -20.53 -12.75 9.85
CA ASN C 190 -19.69 -13.39 8.86
C ASN C 190 -19.02 -12.39 7.90
N MET C 191 -18.36 -11.39 8.49
CA MET C 191 -17.61 -10.39 7.73
C MET C 191 -18.44 -9.43 6.87
N GLY C 192 -19.75 -9.45 7.03
CA GLY C 192 -20.60 -8.61 6.19
C GLY C 192 -20.68 -7.10 6.36
N TYR C 193 -20.28 -6.55 7.51
CA TYR C 193 -20.39 -5.10 7.71
C TYR C 193 -19.07 -4.35 7.64
N THR C 194 -19.16 -3.04 7.40
CA THR C 194 -17.99 -2.18 7.42
C THR C 194 -17.86 -1.89 8.92
N GLN C 195 -16.74 -1.30 9.34
CA GLN C 195 -16.55 -0.97 10.74
C GLN C 195 -17.68 -0.12 11.31
N LYS C 196 -18.09 0.90 10.57
CA LYS C 196 -19.15 1.82 11.01
C LYS C 196 -20.52 1.14 11.06
N GLU C 197 -20.82 0.31 10.08
CA GLU C 197 -22.10 -0.39 10.07
C GLU C 197 -22.15 -1.32 11.27
N ALA C 198 -21.05 -2.03 11.51
CA ALA C 198 -20.98 -2.97 12.62
C ALA C 198 -21.24 -2.23 13.92
N VAL C 199 -20.65 -1.05 14.06
CA VAL C 199 -20.86 -0.27 15.27
C VAL C 199 -22.32 0.19 15.35
N GLU C 200 -22.88 0.62 14.22
CA GLU C 200 -24.27 1.09 14.23
C GLU C 200 -25.22 -0.03 14.59
N PHE C 201 -25.00 -1.22 14.05
CA PHE C 201 -25.85 -2.35 14.36
C PHE C 201 -25.89 -2.59 15.88
N ALA C 202 -24.71 -2.62 16.49
CA ALA C 202 -24.62 -2.87 17.94
C ALA C 202 -25.29 -1.77 18.78
N ARG C 203 -25.03 -0.52 18.44
CA ARG C 203 -25.63 0.59 19.19
C ARG C 203 -27.16 0.60 19.07
N ALA C 204 -27.68 0.27 17.89
CA ALA C 204 -29.12 0.25 17.69
C ALA C 204 -29.78 -0.81 18.58
N VAL C 205 -29.18 -1.99 18.62
CA VAL C 205 -29.69 -3.10 19.43
C VAL C 205 -29.61 -2.73 20.91
N TYR C 206 -28.47 -2.17 21.30
CA TYR C 206 -28.23 -1.76 22.67
C TYR C 206 -29.28 -0.73 23.09
N GLN C 207 -29.58 0.19 22.19
CA GLN C 207 -30.55 1.25 22.46
C GLN C 207 -31.93 0.68 22.77
N LYS C 208 -32.25 -0.46 22.17
CA LYS C 208 -33.54 -1.09 22.38
C LYS C 208 -33.54 -1.92 23.66
N GLY C 209 -32.43 -1.89 24.39
CA GLY C 209 -32.32 -2.63 25.64
C GLY C 209 -31.98 -4.10 25.49
N ILE C 210 -31.54 -4.50 24.31
CA ILE C 210 -31.17 -5.89 24.05
C ILE C 210 -29.69 -6.09 24.31
N ASP C 211 -29.35 -7.23 24.90
CA ASP C 211 -27.95 -7.55 25.18
C ASP C 211 -27.47 -8.67 24.26
N ILE C 212 -26.30 -8.47 23.65
CA ILE C 212 -25.73 -9.48 22.78
C ILE C 212 -24.53 -10.06 23.52
N ALA C 213 -24.56 -11.38 23.75
CA ALA C 213 -23.50 -12.07 24.47
C ALA C 213 -22.18 -12.08 23.69
N VAL C 214 -22.25 -12.39 22.39
CA VAL C 214 -21.06 -12.41 21.56
C VAL C 214 -21.44 -11.88 20.18
N TYR C 215 -20.59 -11.01 19.63
CA TYR C 215 -20.79 -10.39 18.31
C TYR C 215 -19.66 -10.90 17.43
N GLU C 216 -19.93 -11.95 16.65
CA GLU C 216 -18.93 -12.59 15.81
C GLU C 216 -18.53 -11.93 14.50
N GLN C 217 -17.23 -11.90 14.29
CA GLN C 217 -16.60 -11.36 13.08
C GLN C 217 -17.48 -10.39 12.31
N PRO C 218 -17.61 -9.15 12.80
CA PRO C 218 -18.45 -8.19 12.06
C PRO C 218 -17.83 -7.68 10.77
N VAL C 219 -16.50 -7.65 10.70
CA VAL C 219 -15.81 -7.13 9.53
C VAL C 219 -14.96 -8.15 8.78
N ARG C 220 -14.38 -7.72 7.65
CA ARG C 220 -13.55 -8.60 6.83
C ARG C 220 -12.39 -9.22 7.61
N ARG C 221 -11.96 -10.39 7.18
CA ARG C 221 -10.91 -11.14 7.87
C ARG C 221 -9.53 -10.51 8.01
N GLU C 222 -9.11 -9.71 7.05
CA GLU C 222 -7.78 -9.11 7.14
C GLU C 222 -7.82 -7.82 7.94
N ASP C 223 -9.02 -7.33 8.21
CA ASP C 223 -9.18 -6.08 8.92
C ASP C 223 -9.13 -6.17 10.44
N ILE C 224 -7.95 -6.48 10.96
CA ILE C 224 -7.72 -6.61 12.40
C ILE C 224 -8.01 -5.28 13.08
N GLU C 225 -7.56 -4.18 12.50
CA GLU C 225 -7.80 -2.87 13.10
C GLU C 225 -9.30 -2.61 13.17
N GLY C 226 -10.03 -3.14 12.19
CA GLY C 226 -11.47 -2.96 12.16
C GLY C 226 -12.15 -3.68 13.30
N LEU C 227 -11.70 -4.90 13.60
CA LEU C 227 -12.29 -5.65 14.69
C LEU C 227 -12.06 -4.84 15.96
N LYS C 228 -10.84 -4.32 16.10
CA LYS C 228 -10.52 -3.53 17.29
C LYS C 228 -11.41 -2.30 17.35
N PHE C 229 -11.64 -1.66 16.20
CA PHE C 229 -12.47 -0.47 16.19
C PHE C 229 -13.87 -0.81 16.72
N VAL C 230 -14.45 -1.91 16.25
CA VAL C 230 -15.78 -2.28 16.70
C VAL C 230 -15.76 -2.61 18.20
N ARG C 231 -14.72 -3.30 18.64
CA ARG C 231 -14.62 -3.64 20.06
C ARG C 231 -14.58 -2.40 20.96
N PHE C 232 -13.79 -1.41 20.57
CA PHE C 232 -13.65 -0.20 21.37
C PHE C 232 -14.77 0.82 21.18
N HIS C 233 -15.66 0.60 20.23
CA HIS C 233 -16.72 1.58 20.00
C HIS C 233 -18.17 1.10 20.07
N SER C 234 -18.38 -0.16 20.49
CA SER C 234 -19.73 -0.69 20.66
C SER C 234 -19.75 -1.44 22.00
N PRO C 235 -20.93 -1.54 22.62
CA PRO C 235 -21.10 -2.21 23.92
C PRO C 235 -20.95 -3.72 24.10
N PHE C 236 -20.97 -4.50 23.03
CA PHE C 236 -20.90 -5.94 23.18
C PHE C 236 -19.55 -6.58 22.87
N PRO C 237 -19.28 -7.76 23.48
CA PRO C 237 -18.04 -8.49 23.27
C PRO C 237 -17.93 -8.88 21.80
N VAL C 238 -16.79 -8.55 21.19
CA VAL C 238 -16.53 -8.85 19.79
C VAL C 238 -15.64 -10.07 19.64
N ALA C 239 -15.98 -10.96 18.70
CA ALA C 239 -15.19 -12.16 18.47
C ALA C 239 -14.60 -12.25 17.08
N ALA C 240 -13.43 -12.86 17.00
CA ALA C 240 -12.78 -13.11 15.73
C ALA C 240 -13.08 -14.57 15.40
N ASP C 241 -13.55 -14.82 14.18
CA ASP C 241 -13.81 -16.19 13.74
C ASP C 241 -12.91 -16.36 12.53
N GLU C 242 -13.36 -15.86 11.38
CA GLU C 242 -12.57 -15.95 10.16
C GLU C 242 -11.17 -15.37 10.32
N SER C 243 -11.01 -14.38 11.20
CA SER C 243 -9.69 -13.77 11.41
C SER C 243 -8.80 -14.60 12.33
N ALA C 244 -9.36 -15.62 12.98
CA ALA C 244 -8.59 -16.46 13.90
C ALA C 244 -8.55 -17.91 13.48
N ARG C 245 -7.57 -18.25 12.64
CA ARG C 245 -7.44 -19.62 12.16
C ARG C 245 -6.28 -20.36 12.82
N THR C 246 -5.16 -19.68 13.03
CA THR C 246 -4.00 -20.30 13.64
C THR C 246 -3.65 -19.71 15.00
N LYS C 247 -2.75 -20.37 15.71
CA LYS C 247 -2.31 -19.88 17.01
C LYS C 247 -1.58 -18.56 16.78
N PHE C 248 -0.95 -18.42 15.62
CA PHE C 248 -0.21 -17.21 15.28
C PHE C 248 -1.15 -16.04 15.08
N ASP C 249 -2.31 -16.29 14.47
CA ASP C 249 -3.31 -15.25 14.26
C ASP C 249 -3.78 -14.80 15.62
N VAL C 250 -3.98 -15.74 16.53
CA VAL C 250 -4.48 -15.39 17.86
C VAL C 250 -3.46 -14.57 18.65
N MET C 251 -2.17 -14.93 18.61
CA MET C 251 -1.18 -14.14 19.34
C MET C 251 -1.23 -12.67 18.87
N ARG C 252 -1.35 -12.49 17.56
CA ARG C 252 -1.43 -11.14 16.99
C ARG C 252 -2.71 -10.44 17.47
N LEU C 253 -3.84 -11.15 17.46
CA LEU C 253 -5.09 -10.55 17.93
C LEU C 253 -4.95 -10.09 19.38
N VAL C 254 -4.27 -10.89 20.19
CA VAL C 254 -4.08 -10.54 21.58
C VAL C 254 -3.14 -9.33 21.73
N LYS C 255 -2.03 -9.35 21.00
CA LYS C 255 -1.08 -8.24 21.07
C LYS C 255 -1.76 -6.94 20.65
N GLU C 256 -2.63 -7.01 19.66
CA GLU C 256 -3.33 -5.83 19.16
C GLU C 256 -4.57 -5.45 19.96
N GLU C 257 -4.95 -6.27 20.95
CA GLU C 257 -6.15 -6.01 21.76
C GLU C 257 -7.36 -5.81 20.85
N ALA C 258 -7.44 -6.63 19.80
CA ALA C 258 -8.51 -6.51 18.80
C ALA C 258 -9.87 -7.11 19.12
N VAL C 259 -9.91 -8.15 19.95
CA VAL C 259 -11.17 -8.81 20.25
C VAL C 259 -11.34 -9.25 21.70
N ASP C 260 -12.59 -9.44 22.12
CA ASP C 260 -12.88 -9.91 23.46
C ASP C 260 -12.93 -11.44 23.39
N TYR C 261 -13.30 -11.95 22.22
CA TYR C 261 -13.44 -13.39 21.99
C TYR C 261 -12.76 -13.91 20.74
N VAL C 262 -12.50 -15.21 20.76
CA VAL C 262 -11.99 -15.92 19.60
C VAL C 262 -12.91 -17.13 19.51
N ASN C 263 -13.46 -17.37 18.32
CA ASN C 263 -14.31 -18.52 18.11
C ASN C 263 -13.39 -19.60 17.56
N ILE C 264 -13.02 -20.57 18.40
CA ILE C 264 -12.15 -21.65 17.95
C ILE C 264 -12.96 -22.71 17.20
N LYS C 265 -12.39 -23.20 16.12
CA LYS C 265 -13.00 -24.26 15.33
C LYS C 265 -11.88 -25.22 14.99
N LEU C 266 -12.04 -26.48 15.37
CA LEU C 266 -11.02 -27.48 15.08
C LEU C 266 -10.77 -27.54 13.59
N MET C 267 -11.81 -27.26 12.79
CA MET C 267 -11.66 -27.30 11.33
C MET C 267 -10.72 -26.20 10.79
N LYS C 268 -10.52 -25.13 11.56
CA LYS C 268 -9.61 -24.08 11.10
C LYS C 268 -8.23 -24.30 11.69
N SER C 269 -8.20 -24.72 12.94
CA SER C 269 -6.94 -24.87 13.66
C SER C 269 -6.37 -26.26 13.89
N GLY C 270 -7.21 -27.29 13.86
CA GLY C 270 -6.71 -28.63 14.14
C GLY C 270 -6.63 -28.69 15.66
N ILE C 271 -6.33 -29.85 16.21
CA ILE C 271 -6.22 -29.95 17.67
C ILE C 271 -4.98 -29.25 18.22
N SER C 272 -3.86 -29.37 17.50
CA SER C 272 -2.62 -28.74 17.95
C SER C 272 -2.79 -27.21 18.16
N ASP C 273 -3.21 -26.50 17.12
CA ASP C 273 -3.37 -25.05 17.28
C ASP C 273 -4.49 -24.69 18.27
N ALA C 274 -5.55 -25.51 18.31
CA ALA C 274 -6.65 -25.24 19.24
C ALA C 274 -6.14 -25.26 20.68
N LEU C 275 -5.31 -26.23 21.02
CA LEU C 275 -4.77 -26.32 22.38
C LEU C 275 -3.90 -25.10 22.67
N ALA C 276 -3.13 -24.65 21.68
CA ALA C 276 -2.29 -23.48 21.83
C ALA C 276 -3.16 -22.24 22.09
N ILE C 277 -4.27 -22.11 21.34
CA ILE C 277 -5.16 -20.96 21.50
C ILE C 277 -5.81 -20.95 22.89
N VAL C 278 -6.20 -22.13 23.36
CA VAL C 278 -6.80 -22.24 24.69
C VAL C 278 -5.84 -21.71 25.75
N GLU C 279 -4.56 -22.07 25.64
CA GLU C 279 -3.55 -21.63 26.60
C GLU C 279 -3.30 -20.12 26.49
N ILE C 280 -3.27 -19.62 25.26
CA ILE C 280 -3.05 -18.19 25.05
C ILE C 280 -4.19 -17.44 25.74
N ALA C 281 -5.42 -17.87 25.52
CA ALA C 281 -6.60 -17.24 26.11
C ALA C 281 -6.58 -17.30 27.64
N GLU C 282 -6.15 -18.42 28.20
CA GLU C 282 -6.11 -18.54 29.66
C GLU C 282 -4.96 -17.73 30.24
N SER C 283 -4.03 -17.29 29.37
CA SER C 283 -2.90 -16.49 29.83
C SER C 283 -3.10 -15.02 29.46
N SER C 284 -4.33 -14.64 29.09
CA SER C 284 -4.62 -13.25 28.70
C SER C 284 -6.06 -12.88 28.98
N GLY C 285 -6.44 -11.66 28.59
CA GLY C 285 -7.80 -11.21 28.82
C GLY C 285 -8.80 -11.86 27.88
N LEU C 286 -8.30 -12.60 26.91
CA LEU C 286 -9.15 -13.24 25.90
C LEU C 286 -10.08 -14.33 26.44
N LYS C 287 -11.30 -14.37 25.90
CA LYS C 287 -12.27 -15.39 26.27
C LYS C 287 -12.57 -16.21 25.01
N LEU C 288 -13.18 -17.38 25.18
CA LEU C 288 -13.41 -18.25 24.03
C LEU C 288 -14.79 -18.86 23.86
N MET C 289 -15.08 -19.22 22.63
CA MET C 289 -16.30 -19.93 22.30
C MET C 289 -15.80 -20.95 21.28
N ILE C 290 -16.48 -22.07 21.13
CA ILE C 290 -16.06 -23.06 20.16
C ILE C 290 -17.19 -23.22 19.16
N GLY C 291 -16.85 -23.30 17.89
CA GLY C 291 -17.86 -23.42 16.86
C GLY C 291 -17.65 -24.61 15.94
N CYS C 292 -18.32 -24.57 14.80
CA CYS C 292 -18.23 -25.66 13.83
C CYS C 292 -18.48 -25.14 12.42
N MET C 293 -18.26 -26.03 11.45
CA MET C 293 -18.48 -25.75 10.04
C MET C 293 -19.71 -26.54 9.62
N GLY C 294 -19.50 -27.66 8.93
CA GLY C 294 -20.60 -28.50 8.50
C GLY C 294 -20.41 -29.95 8.95
N GLU C 295 -19.91 -30.14 10.16
CA GLU C 295 -19.67 -31.49 10.69
C GLU C 295 -20.94 -32.29 10.96
N SER C 296 -20.86 -33.60 10.74
CA SER C 296 -21.98 -34.49 11.02
C SER C 296 -21.79 -34.83 12.51
N SER C 297 -22.58 -35.76 13.04
CA SER C 297 -22.44 -36.11 14.47
C SER C 297 -21.02 -36.62 14.78
N LEU C 298 -20.44 -37.39 13.87
CA LEU C 298 -19.09 -37.92 14.09
C LEU C 298 -18.10 -36.76 14.16
N GLY C 299 -18.29 -35.76 13.30
CA GLY C 299 -17.39 -34.62 13.31
C GLY C 299 -17.57 -33.73 14.52
N ILE C 300 -18.82 -33.51 14.90
CA ILE C 300 -19.11 -32.66 16.05
C ILE C 300 -18.57 -33.31 17.32
N ASN C 301 -18.52 -34.64 17.34
CA ASN C 301 -17.99 -35.39 18.49
C ASN C 301 -16.59 -34.91 18.83
N GLN C 302 -15.83 -34.55 17.80
CA GLN C 302 -14.46 -34.07 18.02
C GLN C 302 -14.47 -32.80 18.89
N SER C 303 -15.34 -31.85 18.56
CA SER C 303 -15.42 -30.61 19.35
C SER C 303 -16.05 -30.82 20.72
N VAL C 304 -16.94 -31.79 20.83
CA VAL C 304 -17.59 -32.05 22.12
C VAL C 304 -16.54 -32.52 23.15
N HIS C 305 -15.74 -33.51 22.77
CA HIS C 305 -14.71 -34.01 23.67
C HIS C 305 -13.69 -32.94 23.96
N PHE C 306 -13.38 -32.12 22.96
CA PHE C 306 -12.42 -31.06 23.16
C PHE C 306 -12.93 -30.07 24.18
N ALA C 307 -14.21 -29.70 24.08
CA ALA C 307 -14.82 -28.75 25.01
C ALA C 307 -14.99 -29.34 26.39
N LEU C 308 -15.43 -30.60 26.47
CA LEU C 308 -15.62 -31.25 27.76
C LEU C 308 -14.27 -31.38 28.47
N GLY C 309 -13.27 -31.79 27.71
CA GLY C 309 -11.94 -31.98 28.27
C GLY C 309 -11.25 -30.74 28.79
N THR C 310 -11.20 -29.70 27.97
CA THR C 310 -10.56 -28.45 28.35
C THR C 310 -11.46 -27.54 29.18
N GLY C 311 -12.77 -27.61 28.96
CA GLY C 311 -13.70 -26.76 29.69
C GLY C 311 -13.34 -25.29 29.55
N ALA C 312 -12.72 -24.95 28.43
CA ALA C 312 -12.26 -23.58 28.16
C ALA C 312 -13.26 -22.60 27.54
N PHE C 313 -14.46 -23.06 27.23
CA PHE C 313 -15.41 -22.19 26.55
C PHE C 313 -16.60 -21.59 27.28
N GLU C 314 -16.87 -20.32 27.00
CA GLU C 314 -18.00 -19.60 27.61
C GLU C 314 -19.27 -19.95 26.86
N PHE C 315 -19.14 -20.20 25.57
CA PHE C 315 -20.27 -20.54 24.71
C PHE C 315 -19.86 -21.63 23.75
N HIS C 316 -20.83 -22.45 23.36
CA HIS C 316 -20.58 -23.53 22.44
C HIS C 316 -21.55 -23.42 21.26
N ASP C 317 -21.02 -23.34 20.05
CA ASP C 317 -21.84 -23.27 18.83
C ASP C 317 -21.53 -24.55 18.05
N LEU C 318 -22.06 -25.67 18.56
CA LEU C 318 -21.84 -26.99 17.98
C LEU C 318 -23.19 -27.57 17.57
N ASP C 319 -23.78 -27.00 16.52
CA ASP C 319 -25.10 -27.41 16.10
C ASP C 319 -25.24 -27.87 14.65
N SER C 320 -24.13 -27.99 13.92
CA SER C 320 -24.21 -28.40 12.54
C SER C 320 -24.88 -29.76 12.37
N HIS C 321 -24.55 -30.70 13.26
CA HIS C 321 -25.14 -32.03 13.19
C HIS C 321 -26.65 -31.96 13.43
N LEU C 322 -27.10 -30.92 14.11
CA LEU C 322 -28.53 -30.75 14.38
C LEU C 322 -29.23 -30.15 13.16
N MET C 323 -28.44 -29.60 12.24
CA MET C 323 -29.00 -28.98 11.03
C MET C 323 -28.99 -29.90 9.82
N LEU C 324 -28.24 -31.00 9.91
CA LEU C 324 -28.12 -31.97 8.83
C LEU C 324 -28.97 -33.22 9.11
N LYS C 325 -29.41 -33.88 8.04
CA LYS C 325 -30.19 -35.10 8.18
C LYS C 325 -29.18 -36.24 8.36
N GLU C 326 -29.43 -37.11 9.32
CA GLU C 326 -28.52 -38.23 9.53
C GLU C 326 -29.27 -39.47 10.01
N GLU C 327 -29.10 -40.57 9.29
CA GLU C 327 -29.75 -41.83 9.62
C GLU C 327 -29.50 -42.22 11.06
N VAL C 328 -28.24 -42.57 11.35
CA VAL C 328 -27.86 -42.97 12.69
C VAL C 328 -26.86 -42.00 13.34
N PHE C 329 -27.09 -41.70 14.61
CA PHE C 329 -26.23 -40.82 15.38
C PHE C 329 -24.89 -41.53 15.54
N ARG C 330 -23.79 -40.86 15.21
CA ARG C 330 -22.49 -41.48 15.29
C ARG C 330 -21.51 -40.81 16.27
N GLY C 331 -22.05 -40.01 17.18
CA GLY C 331 -21.19 -39.36 18.15
C GLY C 331 -20.91 -40.24 19.36
N LYS C 332 -19.81 -39.98 20.05
CA LYS C 332 -19.45 -40.75 21.23
C LYS C 332 -19.68 -39.83 22.43
N PHE C 333 -20.89 -39.30 22.48
CA PHE C 333 -21.32 -38.40 23.53
C PHE C 333 -22.83 -38.51 23.56
N ILE C 334 -23.46 -37.99 24.60
CA ILE C 334 -24.91 -38.04 24.74
C ILE C 334 -25.53 -36.68 24.49
N GLN C 335 -26.45 -36.62 23.53
CA GLN C 335 -27.14 -35.39 23.19
C GLN C 335 -28.51 -35.41 23.84
N ASP C 336 -28.76 -34.44 24.71
CA ASP C 336 -30.03 -34.32 25.41
C ASP C 336 -30.52 -32.88 25.27
N GLY C 337 -31.27 -32.62 24.21
CA GLY C 337 -31.74 -31.28 23.95
C GLY C 337 -30.49 -30.47 23.64
N PRO C 338 -30.34 -29.27 24.21
CA PRO C 338 -29.15 -28.45 23.96
C PRO C 338 -27.94 -28.98 24.73
N ARG C 339 -28.19 -29.88 25.66
CA ARG C 339 -27.13 -30.45 26.48
C ARG C 339 -26.37 -31.60 25.81
N MET C 340 -25.08 -31.67 26.10
CA MET C 340 -24.22 -32.72 25.56
C MET C 340 -23.37 -33.20 26.73
N ARG C 341 -23.41 -34.51 26.98
CA ARG C 341 -22.67 -35.09 28.09
C ARG C 341 -21.79 -36.26 27.68
N VAL C 342 -20.81 -36.55 28.53
CA VAL C 342 -19.90 -37.64 28.29
C VAL C 342 -20.58 -38.96 28.68
N LYS C 343 -20.26 -40.03 27.96
CA LYS C 343 -20.84 -41.34 28.22
C LYS C 343 -20.22 -41.97 29.47
N ARG D 3 1.69 51.45 0.78
CA ARG D 3 0.89 50.49 -0.04
C ARG D 3 1.55 50.13 -1.38
N ILE D 4 1.44 48.86 -1.75
CA ILE D 4 2.00 48.34 -2.99
C ILE D 4 1.15 48.83 -4.17
N VAL D 5 1.77 49.41 -5.18
CA VAL D 5 1.00 49.86 -6.34
C VAL D 5 1.32 49.03 -7.56
N ASN D 6 2.41 48.28 -7.50
CA ASN D 6 2.77 47.43 -8.64
C ASN D 6 3.78 46.35 -8.26
N VAL D 7 3.72 45.24 -9.01
CA VAL D 7 4.61 44.10 -8.80
C VAL D 7 5.13 43.69 -10.18
N LYS D 8 6.44 43.46 -10.29
CA LYS D 8 7.02 43.11 -11.59
C LYS D 8 7.96 41.92 -11.53
N LEU D 9 7.74 40.96 -12.43
CA LEU D 9 8.58 39.78 -12.54
C LEU D 9 9.48 39.94 -13.76
N SER D 10 10.73 39.51 -13.64
CA SER D 10 11.68 39.63 -14.74
C SER D 10 12.58 38.41 -14.84
N LEU D 11 12.61 37.80 -16.02
CA LEU D 11 13.44 36.62 -16.24
C LEU D 11 14.90 37.03 -16.24
N LYS D 12 15.75 36.19 -15.65
CA LYS D 12 17.18 36.46 -15.60
C LYS D 12 17.97 35.16 -15.59
N ARG D 13 18.76 34.95 -16.65
CA ARG D 13 19.59 33.75 -16.77
C ARG D 13 21.02 33.99 -16.30
N TYR D 14 21.55 33.01 -15.57
CA TYR D 14 22.91 33.07 -15.06
C TYR D 14 23.54 31.75 -15.45
N GLU D 15 24.85 31.75 -15.69
CA GLU D 15 25.53 30.51 -16.04
C GLU D 15 26.57 30.09 -15.04
N TYR D 16 26.66 28.77 -14.84
CA TYR D 16 27.62 28.19 -13.94
C TYR D 16 28.97 28.23 -14.64
N GLU D 17 30.03 28.49 -13.87
CA GLU D 17 31.36 28.55 -14.43
C GLU D 17 31.74 27.18 -14.98
N LYS D 18 31.16 26.14 -14.40
CA LYS D 18 31.38 24.76 -14.80
C LYS D 18 30.06 24.04 -14.55
N PRO D 19 29.72 23.04 -15.37
CA PRO D 19 28.46 22.32 -15.17
C PRO D 19 28.39 21.81 -13.73
N PHE D 20 27.28 22.08 -13.06
CA PHE D 20 27.12 21.65 -11.67
C PHE D 20 26.43 20.29 -11.65
N HIS D 21 27.16 19.27 -11.20
CA HIS D 21 26.65 17.90 -11.16
C HIS D 21 26.33 17.36 -9.76
N ILE D 22 25.08 17.00 -9.54
CA ILE D 22 24.64 16.41 -8.28
C ILE D 22 23.89 15.13 -8.65
N THR D 23 23.49 14.35 -7.65
CA THR D 23 22.76 13.11 -7.93
C THR D 23 21.57 13.34 -8.85
N GLY D 24 21.57 12.66 -9.99
CA GLY D 24 20.49 12.76 -10.95
C GLY D 24 20.23 14.14 -11.52
N SER D 25 21.27 14.95 -11.67
CA SER D 25 21.08 16.29 -12.21
C SER D 25 22.37 16.99 -12.56
N VAL D 26 22.40 17.60 -13.75
CA VAL D 26 23.56 18.34 -14.21
C VAL D 26 23.06 19.66 -14.75
N SER D 27 23.52 20.76 -14.16
CA SER D 27 23.10 22.08 -14.57
C SER D 27 24.29 22.95 -14.99
N SER D 28 24.09 23.78 -15.99
CA SER D 28 25.13 24.68 -16.46
C SER D 28 24.51 26.07 -16.50
N GLU D 29 23.20 26.12 -16.27
CA GLU D 29 22.46 27.36 -16.29
C GLU D 29 21.48 27.44 -15.10
N SER D 30 21.17 28.67 -14.69
CA SER D 30 20.24 28.91 -13.59
C SER D 30 19.29 30.03 -14.01
N ARG D 31 18.06 29.66 -14.31
CA ARG D 31 17.05 30.62 -14.74
C ARG D 31 16.21 31.08 -13.55
N ASN D 32 16.39 32.35 -13.17
CA ASN D 32 15.67 32.90 -12.04
C ASN D 32 14.68 33.95 -12.45
N VAL D 33 13.91 34.42 -11.48
CA VAL D 33 12.93 35.45 -11.71
C VAL D 33 13.08 36.51 -10.64
N GLU D 34 13.44 37.72 -11.05
CA GLU D 34 13.59 38.81 -10.11
C GLU D 34 12.23 39.42 -9.88
N VAL D 35 11.94 39.76 -8.63
CA VAL D 35 10.66 40.36 -8.28
C VAL D 35 10.87 41.78 -7.78
N GLU D 36 10.02 42.69 -8.24
CA GLU D 36 10.11 44.07 -7.79
C GLU D 36 8.76 44.54 -7.31
N ILE D 37 8.72 45.04 -6.09
CA ILE D 37 7.49 45.56 -5.52
C ILE D 37 7.64 47.07 -5.44
N VAL D 38 6.67 47.80 -5.98
CA VAL D 38 6.72 49.26 -5.94
C VAL D 38 5.64 49.84 -5.04
N LEU D 39 6.05 50.71 -4.12
CA LEU D 39 5.11 51.35 -3.20
C LEU D 39 4.62 52.69 -3.77
N GLU D 40 3.44 53.09 -3.34
CA GLU D 40 2.83 54.34 -3.79
C GLU D 40 3.76 55.52 -3.51
N SER D 41 4.69 55.31 -2.58
CA SER D 41 5.64 56.35 -2.21
C SER D 41 6.90 56.36 -3.07
N GLY D 42 7.08 55.35 -3.92
CA GLY D 42 8.26 55.30 -4.75
C GLY D 42 9.28 54.28 -4.27
N VAL D 43 9.16 53.87 -3.01
CA VAL D 43 10.06 52.86 -2.45
C VAL D 43 9.95 51.58 -3.27
N LYS D 44 11.07 50.87 -3.45
CA LYS D 44 11.05 49.64 -4.22
C LYS D 44 11.74 48.48 -3.52
N GLY D 45 11.04 47.35 -3.45
CA GLY D 45 11.59 46.17 -2.82
C GLY D 45 11.95 45.15 -3.87
N TYR D 46 13.02 44.39 -3.63
CA TYR D 46 13.48 43.40 -4.59
C TYR D 46 13.71 42.03 -3.97
N GLY D 47 13.33 41.00 -4.72
CA GLY D 47 13.51 39.63 -4.29
C GLY D 47 13.87 38.82 -5.53
N GLU D 48 14.29 37.59 -5.33
CA GLU D 48 14.63 36.72 -6.44
C GLU D 48 14.15 35.28 -6.19
N ALA D 49 13.50 34.71 -7.18
CA ALA D 49 13.02 33.35 -7.10
C ALA D 49 13.92 32.50 -7.97
N SER D 50 14.45 31.44 -7.39
CA SER D 50 15.30 30.49 -8.11
C SER D 50 14.52 29.18 -8.04
N PRO D 51 13.55 28.99 -8.96
CA PRO D 51 12.71 27.79 -9.02
C PRO D 51 13.46 26.49 -9.23
N SER D 52 12.89 25.40 -8.70
CA SER D 52 13.49 24.08 -8.82
C SER D 52 12.45 23.05 -9.25
N PHE D 53 12.67 22.45 -10.41
CA PHE D 53 11.74 21.46 -10.94
C PHE D 53 11.87 20.16 -10.13
N ARG D 54 13.11 19.79 -9.85
CA ARG D 54 13.41 18.57 -9.12
C ARG D 54 12.85 18.61 -7.68
N VAL D 55 13.12 19.68 -6.96
CA VAL D 55 12.66 19.81 -5.59
C VAL D 55 11.23 20.32 -5.38
N ASN D 56 10.90 21.44 -6.00
CA ASN D 56 9.57 22.03 -5.83
C ASN D 56 8.59 21.75 -6.95
N GLY D 57 9.05 21.11 -8.03
CA GLY D 57 8.16 20.84 -9.16
C GLY D 57 7.86 22.10 -9.97
N GLU D 58 8.63 23.15 -9.76
CA GLU D 58 8.43 24.42 -10.47
C GLU D 58 9.12 24.47 -11.83
N ARG D 59 8.66 25.39 -12.67
CA ARG D 59 9.26 25.65 -13.99
C ARG D 59 9.21 27.15 -14.17
N VAL D 60 10.37 27.76 -14.45
CA VAL D 60 10.46 29.20 -14.59
C VAL D 60 9.39 29.83 -15.48
N GLU D 61 9.07 29.20 -16.61
CA GLU D 61 8.06 29.75 -17.51
C GLU D 61 6.71 29.81 -16.81
N ALA D 62 6.49 28.89 -15.88
CA ALA D 62 5.22 28.86 -15.12
C ALA D 62 5.15 30.05 -14.16
N LEU D 63 6.28 30.37 -13.53
CA LEU D 63 6.32 31.51 -12.60
C LEU D 63 6.05 32.82 -13.34
N LEU D 64 6.72 33.01 -14.47
CA LEU D 64 6.53 34.23 -15.26
C LEU D 64 5.09 34.39 -15.69
N ALA D 65 4.47 33.27 -16.06
CA ALA D 65 3.09 33.26 -16.51
C ALA D 65 2.05 33.75 -15.51
N ILE D 66 2.37 33.74 -14.21
CA ILE D 66 1.36 34.18 -13.25
C ILE D 66 1.58 35.57 -12.65
N GLU D 67 2.43 36.37 -13.29
CA GLU D 67 2.73 37.73 -12.81
C GLU D 67 1.47 38.55 -12.48
N ASN D 68 0.49 38.54 -13.38
CA ASN D 68 -0.73 39.31 -13.16
C ASN D 68 -1.49 38.83 -11.93
N ALA D 69 -1.56 37.52 -11.75
CA ALA D 69 -2.25 36.97 -10.59
C ALA D 69 -1.53 37.44 -9.32
N VAL D 70 -0.21 37.32 -9.31
CA VAL D 70 0.56 37.75 -8.15
C VAL D 70 0.34 39.22 -7.84
N ARG D 71 0.37 40.06 -8.89
CA ARG D 71 0.17 41.49 -8.72
C ARG D 71 -1.23 41.75 -8.14
N GLU D 72 -2.21 41.00 -8.63
CA GLU D 72 -3.59 41.15 -8.18
C GLU D 72 -3.76 40.74 -6.71
N MET D 73 -2.95 39.79 -6.26
CA MET D 73 -3.04 39.31 -4.88
C MET D 73 -2.61 40.31 -3.81
N ILE D 74 -1.51 41.02 -4.05
CA ILE D 74 -1.00 41.94 -3.04
C ILE D 74 -1.07 43.45 -3.28
N THR D 75 -1.45 43.91 -4.47
CA THR D 75 -1.51 45.34 -4.70
C THR D 75 -2.57 46.00 -3.82
N GLY D 76 -2.25 47.17 -3.28
CA GLY D 76 -3.20 47.86 -2.43
C GLY D 76 -2.97 47.63 -0.95
N ILE D 77 -2.12 46.66 -0.62
CA ILE D 77 -1.81 46.34 0.77
C ILE D 77 -0.56 47.11 1.22
N ASP D 78 -0.62 47.67 2.42
CA ASP D 78 0.52 48.41 2.97
C ASP D 78 1.53 47.39 3.51
N VAL D 79 2.80 47.56 3.18
CA VAL D 79 3.82 46.61 3.63
C VAL D 79 4.00 46.52 5.14
N ARG D 80 3.45 47.47 5.90
CA ARG D 80 3.60 47.38 7.35
C ARG D 80 2.66 46.30 7.90
N ASN D 81 1.75 45.83 7.05
CA ASN D 81 0.82 44.77 7.41
C ASN D 81 1.36 43.54 6.68
N TYR D 82 2.67 43.32 6.78
CA TYR D 82 3.28 42.23 6.05
C TYR D 82 2.74 40.83 6.32
N ALA D 83 2.22 40.60 7.52
CA ALA D 83 1.67 39.28 7.85
C ALA D 83 0.49 38.95 6.93
N ARG D 84 -0.20 39.98 6.45
CA ARG D 84 -1.33 39.76 5.54
C ARG D 84 -0.80 39.30 4.21
N ILE D 85 0.27 39.93 3.76
CA ILE D 85 0.90 39.58 2.50
C ILE D 85 1.47 38.17 2.63
N PHE D 86 2.08 37.89 3.78
CA PHE D 86 2.66 36.57 4.00
C PHE D 86 1.57 35.50 3.90
N GLU D 87 0.43 35.77 4.53
CA GLU D 87 -0.67 34.82 4.49
C GLU D 87 -1.18 34.61 3.08
N ILE D 88 -1.45 35.71 2.38
CA ILE D 88 -1.95 35.62 1.00
C ILE D 88 -0.98 34.85 0.12
N THR D 89 0.31 35.13 0.24
CA THR D 89 1.29 34.45 -0.60
C THR D 89 1.56 33.01 -0.20
N ASP D 90 1.11 32.59 0.99
CA ASP D 90 1.31 31.19 1.39
C ASP D 90 0.47 30.32 0.46
N ARG D 91 -0.49 30.94 -0.24
CA ARG D 91 -1.35 30.20 -1.17
C ARG D 91 -0.58 29.77 -2.41
N LEU D 92 0.60 30.38 -2.60
CA LEU D 92 1.46 30.05 -3.73
C LEU D 92 2.35 28.87 -3.37
N PHE D 93 1.80 27.89 -2.65
CA PHE D 93 2.61 26.74 -2.26
C PHE D 93 3.10 25.95 -3.47
N GLY D 94 2.52 26.22 -4.63
CA GLY D 94 2.97 25.54 -5.85
C GLY D 94 4.08 26.32 -6.56
N PHE D 95 4.32 27.54 -6.10
CA PHE D 95 5.36 28.42 -6.66
C PHE D 95 6.13 28.97 -5.46
N PRO D 96 6.71 28.09 -4.63
CA PRO D 96 7.48 28.45 -3.44
C PRO D 96 8.63 29.45 -3.59
N SER D 97 9.37 29.36 -4.68
CA SER D 97 10.49 30.28 -4.89
C SER D 97 9.94 31.70 -5.12
N LEU D 98 8.76 31.78 -5.73
CA LEU D 98 8.15 33.08 -5.99
C LEU D 98 7.55 33.62 -4.68
N LYS D 99 7.10 32.69 -3.83
CA LYS D 99 6.54 33.04 -2.54
C LYS D 99 7.65 33.72 -1.74
N ALA D 100 8.81 33.06 -1.74
CA ALA D 100 9.98 33.57 -1.03
C ALA D 100 10.37 34.96 -1.52
N ALA D 101 10.45 35.11 -2.83
CA ALA D 101 10.84 36.38 -3.44
C ALA D 101 9.88 37.53 -3.13
N VAL D 102 8.58 37.26 -3.20
CA VAL D 102 7.59 38.30 -2.92
C VAL D 102 7.61 38.67 -1.44
N GLN D 103 7.80 37.68 -0.57
CA GLN D 103 7.84 37.95 0.87
C GLN D 103 9.08 38.73 1.24
N PHE D 104 10.23 38.41 0.65
CA PHE D 104 11.44 39.16 0.97
C PHE D 104 11.35 40.57 0.41
N ALA D 105 10.89 40.68 -0.84
CA ALA D 105 10.76 42.00 -1.47
C ALA D 105 9.92 42.89 -0.58
N THR D 106 8.93 42.29 0.08
CA THR D 106 8.05 43.02 0.98
C THR D 106 8.82 43.54 2.20
N LEU D 107 9.62 42.68 2.83
CA LEU D 107 10.41 43.09 3.98
C LEU D 107 11.48 44.08 3.55
N ASP D 108 11.99 43.91 2.34
CA ASP D 108 13.01 44.81 1.81
C ASP D 108 12.42 46.23 1.70
N ALA D 109 11.21 46.34 1.16
CA ALA D 109 10.56 47.64 1.02
C ALA D 109 10.18 48.22 2.39
N LEU D 110 9.70 47.36 3.28
CA LEU D 110 9.31 47.79 4.61
C LEU D 110 10.52 48.33 5.36
N SER D 111 11.61 47.57 5.34
CA SER D 111 12.81 47.99 6.04
C SER D 111 13.33 49.32 5.51
N GLN D 112 13.11 49.60 4.23
CA GLN D 112 13.55 50.87 3.66
C GLN D 112 12.71 52.00 4.25
N GLU D 113 11.41 51.78 4.36
CA GLU D 113 10.53 52.79 4.93
C GLU D 113 10.93 53.08 6.37
N LEU D 114 11.29 52.03 7.12
CA LEU D 114 11.67 52.18 8.52
C LEU D 114 13.10 52.65 8.72
N GLY D 115 13.84 52.77 7.63
CA GLY D 115 15.22 53.22 7.74
C GLY D 115 16.15 52.21 8.36
N THR D 116 15.85 50.93 8.18
CA THR D 116 16.72 49.89 8.73
C THR D 116 16.95 48.82 7.68
N GLN D 117 17.43 47.66 8.10
CA GLN D 117 17.69 46.56 7.17
C GLN D 117 16.88 45.32 7.56
N VAL D 118 16.66 44.44 6.59
CA VAL D 118 15.91 43.22 6.83
C VAL D 118 16.46 42.44 8.03
N CYS D 119 17.76 42.19 8.03
CA CYS D 119 18.37 41.45 9.13
C CYS D 119 18.01 42.01 10.52
N TYR D 120 17.90 43.33 10.63
CA TYR D 120 17.56 43.93 11.91
C TYR D 120 16.08 43.74 12.22
N LEU D 121 15.25 43.82 11.19
CA LEU D 121 13.83 43.61 11.35
C LEU D 121 13.58 42.18 11.87
N LEU D 122 14.51 41.28 11.56
CA LEU D 122 14.39 39.89 11.98
C LEU D 122 15.14 39.55 13.25
N GLY D 123 15.61 40.56 13.97
CA GLY D 123 16.31 40.29 15.21
C GLY D 123 17.73 40.83 15.32
N GLY D 124 18.42 40.94 14.19
CA GLY D 124 19.80 41.44 14.19
C GLY D 124 20.71 40.67 15.14
N LYS D 125 20.56 39.35 15.17
CA LYS D 125 21.35 38.54 16.10
C LYS D 125 22.85 38.47 15.83
N ARG D 126 23.22 38.33 14.56
CA ARG D 126 24.63 38.23 14.21
C ARG D 126 25.07 39.30 13.23
N ASP D 127 26.36 39.65 13.28
CA ASP D 127 26.90 40.65 12.37
C ASP D 127 27.66 39.97 11.25
N GLU D 128 28.03 38.71 11.47
CA GLU D 128 28.75 37.97 10.44
C GLU D 128 28.43 36.48 10.45
N ILE D 129 28.36 35.90 9.26
CA ILE D 129 28.12 34.47 9.10
C ILE D 129 29.17 34.00 8.09
N GLU D 130 29.42 32.70 8.07
CA GLU D 130 30.41 32.16 7.15
C GLU D 130 29.82 31.01 6.32
N THR D 131 30.04 31.05 5.01
CA THR D 131 29.52 30.01 4.13
C THR D 131 30.56 29.00 3.70
N ASP D 132 30.08 27.81 3.36
CA ASP D 132 30.98 26.77 2.87
C ASP D 132 31.02 26.99 1.37
N LYS D 133 31.67 26.08 0.67
CA LYS D 133 31.70 26.12 -0.79
C LYS D 133 31.54 24.67 -1.18
N THR D 134 30.86 24.44 -2.29
CA THR D 134 30.55 23.10 -2.76
C THR D 134 31.41 22.47 -3.83
N VAL D 135 31.68 21.17 -3.66
CA VAL D 135 32.43 20.40 -4.63
C VAL D 135 31.43 19.46 -5.30
N GLY D 136 31.06 19.77 -6.54
CA GLY D 136 30.12 18.95 -7.27
C GLY D 136 30.68 17.58 -7.61
N ILE D 137 29.84 16.68 -8.10
CA ILE D 137 30.31 15.35 -8.46
C ILE D 137 31.20 15.41 -9.70
N ASP D 138 32.27 14.63 -9.68
CA ASP D 138 33.22 14.56 -10.79
C ASP D 138 34.17 13.42 -10.43
N THR D 139 35.18 13.19 -11.26
CA THR D 139 36.14 12.13 -10.98
C THR D 139 36.81 12.46 -9.65
N VAL D 140 37.30 11.45 -8.96
CA VAL D 140 37.95 11.68 -7.67
C VAL D 140 39.07 12.72 -7.85
N GLU D 141 39.77 12.62 -8.97
CA GLU D 141 40.87 13.54 -9.27
C GLU D 141 40.42 14.99 -9.35
N ASN D 142 39.39 15.26 -10.13
CA ASN D 142 38.90 16.63 -10.28
C ASN D 142 38.28 17.16 -8.98
N ARG D 143 37.75 16.26 -8.16
CA ARG D 143 37.14 16.65 -6.90
C ARG D 143 38.21 17.11 -5.92
N VAL D 144 39.25 16.30 -5.78
CA VAL D 144 40.35 16.63 -4.89
C VAL D 144 40.96 17.97 -5.33
N LYS D 145 40.99 18.19 -6.64
CA LYS D 145 41.53 19.42 -7.19
C LYS D 145 40.68 20.61 -6.76
N GLU D 146 39.36 20.51 -6.98
CA GLU D 146 38.47 21.60 -6.61
C GLU D 146 38.43 21.82 -5.11
N ALA D 147 38.58 20.74 -4.35
CA ALA D 147 38.58 20.83 -2.90
C ALA D 147 39.76 21.67 -2.42
N LYS D 148 40.95 21.32 -2.90
CA LYS D 148 42.15 22.05 -2.51
C LYS D 148 42.05 23.52 -2.89
N LYS D 149 41.52 23.79 -4.07
CA LYS D 149 41.38 25.18 -4.52
C LYS D 149 40.47 25.91 -3.54
N ILE D 150 39.33 25.30 -3.23
CA ILE D 150 38.38 25.90 -2.30
C ILE D 150 39.07 26.12 -0.95
N PHE D 151 39.83 25.13 -0.51
CA PHE D 151 40.52 25.22 0.78
C PHE D 151 41.54 26.34 0.78
N GLU D 152 42.19 26.57 -0.35
CA GLU D 152 43.20 27.62 -0.42
C GLU D 152 42.56 28.99 -0.49
N GLU D 153 41.29 29.03 -0.90
CA GLU D 153 40.57 30.29 -0.99
C GLU D 153 40.12 30.76 0.39
N GLY D 154 40.37 29.94 1.41
CA GLY D 154 39.99 30.34 2.76
C GLY D 154 38.81 29.62 3.38
N PHE D 155 38.00 28.93 2.58
CA PHE D 155 36.84 28.22 3.11
C PHE D 155 37.27 27.09 4.04
N ARG D 156 36.67 27.02 5.22
CA ARG D 156 37.01 25.98 6.18
C ARG D 156 35.90 24.95 6.40
N VAL D 157 34.83 25.09 5.63
CA VAL D 157 33.73 24.15 5.65
C VAL D 157 33.54 23.82 4.17
N ILE D 158 33.76 22.57 3.82
CA ILE D 158 33.65 22.14 2.43
C ILE D 158 32.48 21.17 2.26
N LYS D 159 31.54 21.53 1.38
CA LYS D 159 30.39 20.69 1.11
C LYS D 159 30.75 19.76 -0.05
N ILE D 160 30.60 18.46 0.16
CA ILE D 160 30.93 17.46 -0.86
C ILE D 160 29.71 16.70 -1.38
N LYS D 161 29.48 16.78 -2.69
CA LYS D 161 28.37 16.07 -3.31
C LYS D 161 28.72 14.60 -3.58
N VAL D 162 27.76 13.71 -3.35
CA VAL D 162 27.95 12.28 -3.57
C VAL D 162 26.58 11.68 -3.85
N GLY D 163 26.51 10.35 -3.98
CA GLY D 163 25.23 9.72 -4.21
C GLY D 163 25.00 8.87 -5.44
N GLU D 164 25.97 8.82 -6.35
CA GLU D 164 25.81 8.03 -7.57
C GLU D 164 26.76 6.84 -7.66
N ASN D 165 27.78 6.82 -6.81
CA ASN D 165 28.77 5.73 -6.81
C ASN D 165 29.38 5.61 -5.42
N LEU D 166 28.77 4.79 -4.59
CA LEU D 166 29.23 4.59 -3.22
C LEU D 166 30.74 4.44 -3.08
N LYS D 167 31.31 3.48 -3.79
CA LYS D 167 32.74 3.21 -3.74
C LYS D 167 33.57 4.47 -4.05
N GLU D 168 33.23 5.14 -5.16
CA GLU D 168 33.95 6.34 -5.56
C GLU D 168 33.71 7.48 -4.57
N ASP D 169 32.46 7.61 -4.11
CA ASP D 169 32.13 8.66 -3.16
C ASP D 169 32.95 8.54 -1.88
N ILE D 170 33.11 7.30 -1.40
CA ILE D 170 33.90 7.06 -0.20
C ILE D 170 35.37 7.43 -0.47
N GLU D 171 35.84 7.13 -1.69
CA GLU D 171 37.21 7.44 -2.06
C GLU D 171 37.39 8.95 -2.16
N ALA D 172 36.45 9.60 -2.84
CA ALA D 172 36.49 11.05 -3.01
C ALA D 172 36.63 11.76 -1.66
N VAL D 173 35.73 11.44 -0.73
CA VAL D 173 35.75 12.06 0.58
C VAL D 173 37.06 11.82 1.31
N GLU D 174 37.53 10.58 1.32
CA GLU D 174 38.77 10.25 1.99
C GLU D 174 39.95 11.02 1.39
N GLU D 175 40.00 11.11 0.06
CA GLU D 175 41.09 11.83 -0.61
C GLU D 175 41.03 13.31 -0.32
N ILE D 176 39.82 13.87 -0.31
CA ILE D 176 39.65 15.29 -0.03
C ILE D 176 40.08 15.62 1.39
N ALA D 177 39.78 14.73 2.32
CA ALA D 177 40.12 14.92 3.73
C ALA D 177 41.61 15.04 3.96
N LYS D 178 42.40 14.23 3.26
CA LYS D 178 43.85 14.25 3.43
C LYS D 178 44.51 15.54 2.94
N VAL D 179 43.85 16.23 2.02
CA VAL D 179 44.42 17.47 1.48
C VAL D 179 43.71 18.74 1.93
N THR D 180 42.87 18.64 2.96
CA THR D 180 42.17 19.81 3.46
C THR D 180 42.12 19.81 4.98
N ARG D 181 43.11 19.16 5.59
CA ARG D 181 43.20 19.06 7.03
C ARG D 181 42.94 20.42 7.71
N GLY D 182 42.05 20.40 8.69
CA GLY D 182 41.70 21.63 9.38
C GLY D 182 40.32 22.10 8.96
N ALA D 183 39.81 21.54 7.86
CA ALA D 183 38.49 21.91 7.37
C ALA D 183 37.40 20.97 7.89
N LYS D 184 36.15 21.42 7.85
CA LYS D 184 35.02 20.60 8.26
C LYS D 184 34.31 20.21 6.97
N TYR D 185 33.61 19.07 7.01
CA TYR D 185 32.93 18.60 5.82
C TYR D 185 31.43 18.32 5.96
N ILE D 186 30.70 18.69 4.91
CA ILE D 186 29.27 18.43 4.82
C ILE D 186 29.11 17.57 3.58
N VAL D 187 28.54 16.38 3.74
CA VAL D 187 28.32 15.49 2.60
C VAL D 187 26.84 15.52 2.24
N ASP D 188 26.54 15.75 0.97
CA ASP D 188 25.16 15.81 0.49
C ASP D 188 24.96 14.77 -0.61
N ALA D 189 24.11 13.79 -0.35
CA ALA D 189 23.85 12.72 -1.30
C ALA D 189 22.68 12.99 -2.23
N ASN D 190 21.91 14.03 -1.93
CA ASN D 190 20.75 14.37 -2.74
C ASN D 190 19.86 13.16 -3.06
N MET D 191 19.49 12.42 -2.02
CA MET D 191 18.61 11.26 -2.14
C MET D 191 19.16 10.08 -2.92
N GLY D 192 20.45 10.09 -3.21
CA GLY D 192 21.03 9.02 -4.00
C GLY D 192 21.26 7.64 -3.39
N TYR D 193 21.26 7.51 -2.07
CA TYR D 193 21.50 6.20 -1.48
C TYR D 193 20.28 5.51 -0.88
N THR D 194 20.38 4.20 -0.72
CA THR D 194 19.32 3.42 -0.08
C THR D 194 19.71 3.57 1.40
N GLN D 195 18.79 3.23 2.30
CA GLN D 195 19.09 3.32 3.73
C GLN D 195 20.41 2.66 4.12
N LYS D 196 20.60 1.42 3.70
CA LYS D 196 21.81 0.66 4.02
C LYS D 196 23.08 1.24 3.39
N GLU D 197 22.98 1.69 2.14
CA GLU D 197 24.15 2.28 1.48
C GLU D 197 24.54 3.53 2.25
N ALA D 198 23.54 4.31 2.65
CA ALA D 198 23.75 5.54 3.40
C ALA D 198 24.53 5.25 4.67
N VAL D 199 24.13 4.20 5.38
CA VAL D 199 24.80 3.81 6.61
C VAL D 199 26.23 3.33 6.35
N GLU D 200 26.42 2.54 5.30
CA GLU D 200 27.74 2.03 4.99
C GLU D 200 28.72 3.15 4.64
N PHE D 201 28.27 4.12 3.84
CA PHE D 201 29.10 5.25 3.48
C PHE D 201 29.61 5.94 4.75
N ALA D 202 28.69 6.22 5.66
CA ALA D 202 29.02 6.88 6.92
C ALA D 202 30.03 6.10 7.74
N ARG D 203 29.79 4.80 7.89
CA ARG D 203 30.69 3.95 8.67
C ARG D 203 32.06 3.85 8.06
N ALA D 204 32.13 3.79 6.74
CA ALA D 204 33.42 3.69 6.04
C ALA D 204 34.23 4.94 6.34
N VAL D 205 33.65 6.11 6.06
CA VAL D 205 34.32 7.38 6.30
C VAL D 205 34.72 7.50 7.77
N TYR D 206 33.82 7.05 8.64
CA TYR D 206 34.07 7.11 10.07
C TYR D 206 35.28 6.26 10.45
N GLN D 207 35.34 5.05 9.90
CA GLN D 207 36.45 4.13 10.21
C GLN D 207 37.80 4.70 9.82
N LYS D 208 37.81 5.60 8.83
CA LYS D 208 39.07 6.20 8.40
C LYS D 208 39.41 7.41 9.25
N GLY D 209 38.67 7.58 10.34
CA GLY D 209 38.93 8.69 11.24
C GLY D 209 38.49 10.05 10.72
N ILE D 210 37.60 10.05 9.73
CA ILE D 210 37.11 11.30 9.16
C ILE D 210 35.77 11.67 9.81
N ASP D 211 35.55 12.95 10.04
CA ASP D 211 34.31 13.39 10.64
C ASP D 211 33.47 14.22 9.68
N ILE D 212 32.18 13.91 9.61
CA ILE D 212 31.26 14.64 8.75
C ILE D 212 30.36 15.50 9.64
N ALA D 213 30.45 16.81 9.48
CA ALA D 213 29.65 17.74 10.28
C ALA D 213 28.16 17.54 10.03
N VAL D 214 27.77 17.45 8.77
CA VAL D 214 26.36 17.25 8.41
C VAL D 214 26.26 16.35 7.19
N TYR D 215 25.41 15.33 7.29
CA TYR D 215 25.16 14.35 6.23
C TYR D 215 23.76 14.64 5.69
N GLU D 216 23.69 15.35 4.55
CA GLU D 216 22.42 15.76 3.93
C GLU D 216 21.64 14.75 3.10
N GLN D 217 20.33 14.76 3.30
CA GLN D 217 19.37 13.92 2.61
C GLN D 217 19.93 12.70 1.89
N PRO D 218 20.39 11.69 2.65
CA PRO D 218 20.94 10.50 2.02
C PRO D 218 19.91 9.63 1.27
N VAL D 219 18.63 9.69 1.66
CA VAL D 219 17.64 8.86 1.00
C VAL D 219 16.53 9.63 0.30
N ARG D 220 15.65 8.91 -0.39
CA ARG D 220 14.54 9.53 -1.11
C ARG D 220 13.68 10.43 -0.20
N ARG D 221 13.08 11.45 -0.79
CA ARG D 221 12.31 12.42 -0.03
C ARG D 221 11.13 11.93 0.78
N GLU D 222 10.42 10.93 0.29
CA GLU D 222 9.26 10.41 1.02
C GLU D 222 9.66 9.41 2.09
N ASP D 223 10.93 9.02 2.07
CA ASP D 223 11.42 8.02 3.01
C ASP D 223 11.84 8.56 4.37
N ILE D 224 10.87 9.07 5.10
CA ILE D 224 11.08 9.63 6.44
C ILE D 224 11.66 8.56 7.38
N GLU D 225 11.10 7.35 7.33
CA GLU D 225 11.59 6.27 8.18
C GLU D 225 13.03 5.97 7.82
N GLY D 226 13.36 6.17 6.55
CA GLY D 226 14.70 5.92 6.06
C GLY D 226 15.68 6.91 6.66
N LEU D 227 15.32 8.18 6.66
CA LEU D 227 16.18 9.21 7.24
C LEU D 227 16.49 8.82 8.68
N LYS D 228 15.44 8.42 9.40
CA LYS D 228 15.60 8.04 10.79
C LYS D 228 16.49 6.82 10.95
N PHE D 229 16.36 5.87 10.03
CA PHE D 229 17.19 4.67 10.12
C PHE D 229 18.66 5.09 10.00
N VAL D 230 18.96 5.96 9.05
CA VAL D 230 20.34 6.41 8.87
C VAL D 230 20.82 7.15 10.11
N ARG D 231 19.96 8.00 10.66
CA ARG D 231 20.30 8.76 11.84
C ARG D 231 20.64 7.87 13.04
N PHE D 232 19.84 6.83 13.24
CA PHE D 232 20.01 5.91 14.36
C PHE D 232 21.06 4.81 14.20
N HIS D 233 21.60 4.64 13.00
CA HIS D 233 22.57 3.58 12.77
C HIS D 233 23.92 4.02 12.18
N SER D 234 24.14 5.33 12.09
CA SER D 234 25.40 5.87 11.59
C SER D 234 25.79 7.01 12.55
N PRO D 235 27.10 7.23 12.74
CA PRO D 235 27.67 8.25 13.64
C PRO D 235 27.56 9.75 13.35
N PHE D 236 27.23 10.14 12.14
CA PHE D 236 27.15 11.56 11.82
C PHE D 236 25.75 12.17 11.85
N PRO D 237 25.66 13.49 12.06
CA PRO D 237 24.37 14.20 12.11
C PRO D 237 23.74 14.10 10.72
N VAL D 238 22.47 13.72 10.68
CA VAL D 238 21.73 13.56 9.42
C VAL D 238 20.78 14.72 9.23
N ALA D 239 20.74 15.27 8.03
CA ALA D 239 19.85 16.38 7.76
C ALA D 239 18.81 16.05 6.69
N ALA D 240 17.68 16.72 6.79
CA ALA D 240 16.63 16.57 5.81
C ALA D 240 16.74 17.83 4.98
N ASP D 241 16.63 17.68 3.66
CA ASP D 241 16.65 18.84 2.78
C ASP D 241 15.40 18.69 1.92
N GLU D 242 15.48 17.82 0.92
CA GLU D 242 14.34 17.60 0.04
C GLU D 242 13.09 17.17 0.82
N SER D 243 13.28 16.49 1.95
CA SER D 243 12.16 16.06 2.78
C SER D 243 11.58 17.20 3.63
N ALA D 244 12.32 18.30 3.78
CA ALA D 244 11.86 19.42 4.58
C ALA D 244 11.58 20.69 3.77
N ARG D 245 10.37 20.78 3.22
CA ARG D 245 10.00 21.93 2.42
C ARG D 245 9.08 22.91 3.14
N THR D 246 8.17 22.40 3.98
CA THR D 246 7.22 23.25 4.70
C THR D 246 7.32 23.08 6.22
N LYS D 247 6.76 24.03 6.95
CA LYS D 247 6.78 23.92 8.41
C LYS D 247 6.05 22.65 8.87
N PHE D 248 5.09 22.18 8.07
CA PHE D 248 4.36 20.97 8.40
C PHE D 248 5.28 19.76 8.25
N ASP D 249 6.12 19.75 7.21
CA ASP D 249 7.06 18.65 7.01
C ASP D 249 7.97 18.57 8.23
N VAL D 250 8.46 19.73 8.66
CA VAL D 250 9.36 19.78 9.81
C VAL D 250 8.69 19.31 11.10
N MET D 251 7.44 19.71 11.35
CA MET D 251 6.77 19.23 12.56
C MET D 251 6.74 17.70 12.56
N ARG D 252 6.51 17.10 11.39
CA ARG D 252 6.47 15.65 11.30
C ARG D 252 7.86 15.06 11.53
N LEU D 253 8.88 15.67 10.94
CA LEU D 253 10.23 15.17 11.12
C LEU D 253 10.61 15.19 12.62
N VAL D 254 10.19 16.24 13.32
CA VAL D 254 10.48 16.34 14.74
C VAL D 254 9.71 15.28 15.52
N LYS D 255 8.41 15.20 15.29
CA LYS D 255 7.57 14.22 15.97
C LYS D 255 8.13 12.81 15.79
N GLU D 256 8.58 12.48 14.58
CA GLU D 256 9.13 11.16 14.30
C GLU D 256 10.62 11.02 14.58
N GLU D 257 11.23 12.08 15.11
CA GLU D 257 12.66 12.08 15.45
C GLU D 257 13.50 11.51 14.31
N ALA D 258 13.20 11.91 13.08
CA ALA D 258 13.90 11.39 11.92
C ALA D 258 15.28 11.99 11.62
N VAL D 259 15.51 13.24 12.02
CA VAL D 259 16.79 13.87 11.69
C VAL D 259 17.40 14.75 12.79
N ASP D 260 18.70 15.00 12.68
CA ASP D 260 19.42 15.85 13.62
C ASP D 260 19.38 17.30 13.10
N TYR D 261 19.28 17.44 11.79
CA TYR D 261 19.27 18.75 11.14
C TYR D 261 18.21 18.88 10.07
N VAL D 262 17.85 20.12 9.76
CA VAL D 262 16.95 20.43 8.67
C VAL D 262 17.71 21.51 7.89
N ASN D 263 17.78 21.36 6.57
CA ASN D 263 18.44 22.35 5.74
C ASN D 263 17.35 23.28 5.23
N ILE D 264 17.21 24.43 5.87
CA ILE D 264 16.21 25.41 5.48
C ILE D 264 16.63 26.15 4.22
N LYS D 265 15.71 26.24 3.26
CA LYS D 265 15.97 27.00 2.04
C LYS D 265 14.76 27.88 1.79
N LEU D 266 15.01 29.18 1.68
CA LEU D 266 13.93 30.13 1.42
C LEU D 266 13.20 29.75 0.14
N MET D 267 13.93 29.21 -0.84
CA MET D 267 13.31 28.81 -2.11
C MET D 267 12.30 27.68 -1.93
N LYS D 268 12.40 26.92 -0.83
CA LYS D 268 11.46 25.84 -0.57
C LYS D 268 10.32 26.28 0.34
N SER D 269 10.67 27.03 1.38
CA SER D 269 9.71 27.45 2.39
C SER D 269 9.19 28.89 2.37
N GLY D 270 9.94 29.80 1.76
CA GLY D 270 9.53 31.18 1.76
C GLY D 270 9.94 31.72 3.12
N ILE D 271 9.68 32.99 3.40
CA ILE D 271 10.07 33.57 4.68
C ILE D 271 9.13 33.09 5.80
N SER D 272 7.83 33.01 5.49
CA SER D 272 6.84 32.61 6.48
C SER D 272 7.12 31.22 7.09
N ASP D 273 7.26 30.20 6.25
CA ASP D 273 7.54 28.86 6.77
C ASP D 273 8.95 28.78 7.34
N ALA D 274 9.89 29.56 6.80
CA ALA D 274 11.26 29.55 7.30
C ALA D 274 11.29 30.02 8.75
N LEU D 275 10.54 31.07 9.05
CA LEU D 275 10.49 31.59 10.42
C LEU D 275 9.87 30.53 11.36
N ALA D 276 8.85 29.84 10.87
CA ALA D 276 8.21 28.80 11.68
C ALA D 276 9.21 27.69 11.96
N ILE D 277 9.98 27.30 10.96
CA ILE D 277 10.96 26.25 11.13
C ILE D 277 12.03 26.65 12.14
N VAL D 278 12.41 27.93 12.13
CA VAL D 278 13.42 28.39 13.08
C VAL D 278 12.88 28.21 14.49
N GLU D 279 11.65 28.62 14.71
CA GLU D 279 11.03 28.50 16.03
C GLU D 279 10.87 27.03 16.45
N ILE D 280 10.45 26.18 15.54
CA ILE D 280 10.28 24.76 15.85
C ILE D 280 11.61 24.14 16.27
N ALA D 281 12.68 24.48 15.56
CA ALA D 281 14.00 23.94 15.85
C ALA D 281 14.49 24.41 17.22
N GLU D 282 14.25 25.66 17.55
CA GLU D 282 14.69 26.18 18.83
C GLU D 282 13.83 25.68 19.99
N SER D 283 12.70 25.06 19.66
CA SER D 283 11.78 24.53 20.67
C SER D 283 11.92 23.02 20.76
N SER D 284 12.91 22.48 20.04
CA SER D 284 13.14 21.04 20.04
C SER D 284 14.63 20.74 19.96
N GLY D 285 15.01 19.49 19.81
CA GLY D 285 16.42 19.15 19.72
C GLY D 285 16.99 19.35 18.34
N LEU D 286 16.15 19.81 17.42
CA LEU D 286 16.54 20.03 16.04
C LEU D 286 17.55 21.17 15.82
N LYS D 287 18.53 20.92 14.96
CA LYS D 287 19.51 21.95 14.62
C LYS D 287 19.29 22.34 13.16
N LEU D 288 19.76 23.52 12.79
CA LEU D 288 19.56 24.01 11.44
C LEU D 288 20.80 24.46 10.68
N MET D 289 20.66 24.46 9.36
CA MET D 289 21.68 24.94 8.44
C MET D 289 20.80 25.60 7.39
N ILE D 290 21.32 26.61 6.70
CA ILE D 290 20.53 27.28 5.68
C ILE D 290 21.25 27.05 4.36
N GLY D 291 20.48 26.78 3.30
CA GLY D 291 21.08 26.51 2.02
C GLY D 291 20.53 27.35 0.89
N CYS D 292 20.83 26.92 -0.33
CA CYS D 292 20.37 27.65 -1.51
C CYS D 292 20.12 26.70 -2.69
N MET D 293 19.46 27.23 -3.71
CA MET D 293 19.19 26.48 -4.92
C MET D 293 20.18 27.05 -5.93
N GLY D 294 19.69 27.95 -6.79
CA GLY D 294 20.58 28.55 -7.78
C GLY D 294 20.49 30.05 -7.80
N GLU D 295 20.37 30.67 -6.63
CA GLU D 295 20.26 32.12 -6.53
C GLU D 295 21.52 32.87 -6.98
N SER D 296 21.33 34.08 -7.49
CA SER D 296 22.42 34.94 -7.90
C SER D 296 22.63 35.83 -6.66
N SER D 297 23.64 36.70 -6.68
CA SER D 297 23.92 37.55 -5.52
C SER D 297 22.67 38.19 -4.93
N LEU D 298 21.79 38.69 -5.77
CA LEU D 298 20.57 39.35 -5.30
C LEU D 298 19.66 38.37 -4.55
N GLY D 299 19.69 37.09 -4.95
CA GLY D 299 18.86 36.09 -4.30
C GLY D 299 19.47 35.60 -3.00
N ILE D 300 20.79 35.41 -3.00
CA ILE D 300 21.50 34.93 -1.82
C ILE D 300 21.40 35.98 -0.71
N ASN D 301 21.25 37.24 -1.12
CA ASN D 301 21.12 38.34 -0.16
C ASN D 301 19.94 38.08 0.77
N GLN D 302 18.90 37.44 0.24
CA GLN D 302 17.71 37.15 1.04
C GLN D 302 18.07 36.19 2.16
N SER D 303 18.87 35.18 1.86
CA SER D 303 19.25 34.23 2.89
C SER D 303 20.31 34.79 3.83
N VAL D 304 21.14 35.71 3.34
CA VAL D 304 22.17 36.30 4.18
C VAL D 304 21.52 37.12 5.28
N HIS D 305 20.51 37.91 4.92
CA HIS D 305 19.80 38.71 5.90
C HIS D 305 19.01 37.82 6.88
N PHE D 306 18.43 36.74 6.37
CA PHE D 306 17.66 35.84 7.22
C PHE D 306 18.58 35.20 8.26
N ALA D 307 19.75 34.75 7.82
CA ALA D 307 20.73 34.12 8.70
C ALA D 307 21.34 35.11 9.71
N LEU D 308 21.59 36.33 9.27
CA LEU D 308 22.17 37.35 10.15
C LEU D 308 21.12 37.79 11.18
N GLY D 309 19.88 37.98 10.73
CA GLY D 309 18.84 38.40 11.64
C GLY D 309 18.49 37.36 12.69
N THR D 310 18.22 36.13 12.27
CA THR D 310 17.86 35.06 13.20
C THR D 310 19.04 34.42 13.92
N GLY D 311 20.20 34.36 13.26
CA GLY D 311 21.36 33.73 13.86
C GLY D 311 21.06 32.31 14.28
N ALA D 312 20.06 31.71 13.62
CA ALA D 312 19.62 30.36 13.93
C ALA D 312 20.39 29.19 13.33
N PHE D 313 21.38 29.45 12.50
CA PHE D 313 22.07 28.34 11.85
C PHE D 313 23.48 27.96 12.31
N GLU D 314 23.73 26.65 12.35
CA GLU D 314 25.04 26.13 12.75
C GLU D 314 25.98 26.17 11.52
N PHE D 315 25.40 26.01 10.34
CA PHE D 315 26.17 26.04 9.10
C PHE D 315 25.42 26.81 8.02
N HIS D 316 26.16 27.39 7.09
CA HIS D 316 25.53 28.15 6.01
C HIS D 316 26.06 27.68 4.65
N ASP D 317 25.16 27.22 3.79
CA ASP D 317 25.53 26.77 2.45
C ASP D 317 24.97 27.79 1.47
N LEU D 318 25.55 28.98 1.48
CA LEU D 318 25.12 30.06 0.62
C LEU D 318 26.25 30.40 -0.37
N ASP D 319 26.47 29.49 -1.32
CA ASP D 319 27.55 29.65 -2.29
C ASP D 319 27.12 29.62 -3.76
N SER D 320 25.82 29.61 -4.03
CA SER D 320 25.36 29.56 -5.41
C SER D 320 25.85 30.74 -6.25
N HIS D 321 25.84 31.93 -5.66
CA HIS D 321 26.28 33.12 -6.38
C HIS D 321 27.78 33.07 -6.66
N LEU D 322 28.50 32.25 -5.89
CA LEU D 322 29.94 32.12 -6.09
C LEU D 322 30.24 31.13 -7.20
N MET D 323 29.26 30.30 -7.54
CA MET D 323 29.45 29.30 -8.59
C MET D 323 28.93 29.79 -9.94
N LEU D 324 28.14 30.85 -9.91
CA LEU D 324 27.61 31.42 -11.14
C LEU D 324 28.54 32.52 -11.62
N LYS D 325 28.37 32.94 -12.88
CA LYS D 325 29.20 34.01 -13.44
C LYS D 325 28.49 35.35 -13.25
N GLU D 326 29.02 36.22 -12.39
CA GLU D 326 28.41 37.53 -12.16
C GLU D 326 29.34 38.74 -12.28
N GLU D 327 29.02 39.63 -13.23
CA GLU D 327 29.79 40.88 -13.44
C GLU D 327 29.78 41.64 -12.12
N VAL D 328 28.64 42.24 -11.82
CA VAL D 328 28.44 43.04 -10.62
C VAL D 328 27.72 42.32 -9.47
N PHE D 329 28.16 42.63 -8.25
CA PHE D 329 27.59 42.09 -7.03
C PHE D 329 26.29 42.84 -6.73
N ARG D 330 25.19 42.12 -6.52
CA ARG D 330 23.91 42.80 -6.27
C ARG D 330 23.23 42.57 -4.93
N GLY D 331 23.97 42.06 -3.95
CA GLY D 331 23.37 41.84 -2.65
C GLY D 331 23.63 43.02 -1.72
N LYS D 332 22.79 43.15 -0.69
CA LYS D 332 22.95 44.22 0.29
C LYS D 332 23.76 43.67 1.45
N PHE D 333 24.89 43.06 1.12
CA PHE D 333 25.78 42.48 2.12
C PHE D 333 27.19 42.54 1.57
N ILE D 334 28.15 42.27 2.43
CA ILE D 334 29.55 42.30 2.06
C ILE D 334 30.13 40.90 2.00
N GLN D 335 30.67 40.50 0.85
CA GLN D 335 31.27 39.19 0.72
C GLN D 335 32.77 39.37 0.91
N ASP D 336 33.33 38.66 1.88
CA ASP D 336 34.74 38.73 2.19
C ASP D 336 35.26 37.31 2.30
N GLY D 337 35.55 36.69 1.16
CA GLY D 337 35.99 35.31 1.19
C GLY D 337 34.78 34.51 1.65
N PRO D 338 34.94 33.61 2.63
CA PRO D 338 33.79 32.84 3.10
C PRO D 338 32.90 33.65 4.04
N ARG D 339 33.41 34.79 4.49
CA ARG D 339 32.67 35.65 5.40
C ARG D 339 31.65 36.54 4.73
N MET D 340 30.55 36.78 5.43
CA MET D 340 29.47 37.63 4.93
C MET D 340 29.01 38.52 6.06
N ARG D 341 28.95 39.82 5.80
CA ARG D 341 28.52 40.79 6.80
C ARG D 341 27.54 41.75 6.16
N VAL D 342 26.86 42.52 7.00
CA VAL D 342 25.92 43.50 6.47
C VAL D 342 26.62 44.86 6.52
N LYS D 343 26.41 45.67 5.50
CA LYS D 343 27.03 46.99 5.44
C LYS D 343 26.48 47.94 6.50
MG MG E . -14.44 16.85 -1.75
N ALA F . -19.09 17.29 -6.85
CA ALA F . -17.88 17.94 -7.42
C ALA F . -17.07 18.57 -6.29
O ALA F . -17.63 18.97 -5.27
CB ALA F . -18.29 19.02 -8.44
N LEU G . -15.75 18.66 -6.48
CA LEU G . -14.86 19.24 -5.48
C LEU G . -14.86 18.48 -4.13
O LEU G . -15.25 17.30 -4.10
CB LEU G . -15.20 20.72 -5.26
CG LEU G . -15.07 21.60 -6.53
CD1 LEU G . -15.38 23.06 -6.18
CD2 LEU G . -13.66 21.48 -7.09
OXT LEU G . -14.45 19.10 -3.11
MG MG H . 14.04 -17.21 -1.33
N ALA I . 16.54 -19.50 -7.30
CA ALA I . 15.30 -20.32 -7.16
C ALA I . 14.97 -20.49 -5.69
O ALA I . 15.87 -20.59 -4.85
CB ALA I . 15.50 -21.69 -7.82
N LEU J . 13.67 -20.52 -5.38
CA LEU J . 13.19 -20.70 -4.00
C LEU J . 13.64 -19.60 -3.02
O LEU J . 14.05 -18.50 -3.48
CB LEU J . 13.62 -22.08 -3.47
CG LEU J . 12.94 -23.27 -4.17
CD1 LEU J . 13.52 -24.58 -3.65
CD2 LEU J . 11.42 -23.20 -3.92
OXT LEU J . 13.56 -19.83 -1.80
MG MG K . -18.77 -17.40 12.90
N ALA L . -23.57 -22.72 13.79
CA ALA L . -22.71 -23.21 12.68
C ALA L . -22.11 -22.03 11.91
O ALA L . -22.74 -20.97 11.78
CB ALA L . -23.53 -24.08 11.74
N LEU M . -20.89 -22.22 11.42
CA LEU M . -20.16 -21.20 10.66
C LEU M . -19.84 -19.89 11.39
O LEU M . -19.87 -19.86 12.64
CB LEU M . -20.90 -20.92 9.34
CG LEU M . -20.94 -22.11 8.38
CD1 LEU M . -21.77 -21.77 7.13
CD2 LEU M . -19.52 -22.49 7.97
OXT LEU M . -19.54 -18.89 10.70
MG MG N . 20.81 19.47 0.00
N ALA O . 25.66 24.37 -2.57
CA ALA O . 24.33 24.65 -3.19
C ALA O . 23.54 23.36 -3.35
O ALA O . 24.13 22.26 -3.33
CB ALA O . 24.52 25.31 -4.55
N LEU P . 22.23 23.48 -3.49
CA LEU P . 21.34 22.33 -3.65
C LEU P . 21.42 21.33 -2.47
O LEU P . 21.84 21.73 -1.37
CB LEU P . 21.67 21.62 -4.98
CG LEU P . 21.52 22.50 -6.23
CD1 LEU P . 21.78 21.66 -7.48
CD2 LEU P . 20.12 23.10 -6.30
OXT LEU P . 21.03 20.15 -2.68
#